data_7PF0
#
_entry.id   7PF0
#
_cell.length_a   1.00
_cell.length_b   1.00
_cell.length_c   1.00
_cell.angle_alpha   90.00
_cell.angle_beta   90.00
_cell.angle_gamma   90.00
#
_symmetry.space_group_name_H-M   'P 1'
#
loop_
_entity.id
_entity.type
_entity.pdbx_description
1 polymer 'Histone H3.2'
2 polymer 'Histone H4'
3 polymer 'Histone H2A type 1-B/E'
4 polymer 'Histone H2B type 1-K'
5 polymer 'Histone H1.4'
6 polymer 'DNA (563-MER)'
7 polymer 'DNA (563-MER)'
#
loop_
_entity_poly.entity_id
_entity_poly.type
_entity_poly.pdbx_seq_one_letter_code
_entity_poly.pdbx_strand_id
1 'polypeptide(L)'
;MARTKQTARKSTGGKAPRKQLATKAARKSAPATGGVKKPHRYRPGTVALREIRRYQKSTELLIRKLPFQRLVREIAQDFK
TDLRFQSSAVMALQEASEAYLVGLFEDTNLAAIHAKRVTIMPKDIQLARRIRGERA
;
a,e,K,O,A,E
2 'polypeptide(L)'
;MSGRGKGGKGLGKGGAKRHRKVLRDNIQGITKPAIRRLARRGGVKRISGLIYEETRGVLKVFLENVIRDAVTYTEHAKRK
TVTAMDVVYALKRQGRTLYGFGG
;
b,f,L,P,B,F
3 'polypeptide(L)'
;HHHHHHENLYFQSNAPWMSGRGKQGGKARAKAKTRSSRAGLQFPVGRVHRLLRKGNYSERVGAGAPVYLAAVLEYLTAEI
LELAGNAARDNKKTRIIPRHLQLAIRNDEELNKLLGRVTIAQGGVLPNIQAVLLPKKTESHHKAKGK
;
c,g,M,Q,C,G
4 'polypeptide(L)'
;MPEPAKSAPAPKKGSKKAVTKAQKKDGKKRKRSRKESYSVYVYKVLKQVHPDTGISSKAMGIMNSFVNDIFERIAGEASR
LAHYNKRSTITSREIQTAVRLLLPGELAKHAVSEGTKAVTKYTSAK
;
d,h,N,R,D,H
5 'polypeptide(L)'
;SETAPAAPAAPAPAEKTPVKKKARKSAGAAKRKASGPPVSELITKAVAASKERSGVSLAALKKALAAAGYDVEKNNSRIK
LGLKSLVSKGTLVQTKGTGASGSFKLNKKAASGEAKPKAKKAGAAKAKKPAGAAKKPKKATGAATPKKSAKKTPKKAKKP
AAAAGAKKAKSPKKAKAAKPKKAPKSPAKAKAVKPKAAKPKTAKPKAAKPKKAAAKKK
;
u,U
6 'polydeoxyribonucleotide'
;(DC)(DA)(DC)(DT)(DG)(DG)(DC)(DC)(DG)(DC)(DC)(DT)(DG)(DG)(DA)(DG)(DA)(DA)(DT)(DC)
(DC)(DC)(DG)(DG)(DT)(DG)(DC)(DC)(DG)(DA)(DG)(DG)(DC)(DC)(DG)(DC)(DT)(DC)(DA)(DA)
(DT)(DT)(DG)(DG)(DT)(DC)(DG)(DT)(DA)(DG)(DA)(DC)(DA)(DG)(DC)(DT)(DC)(DT)(DA)(DG)
(DC)(DA)(DC)(DC)(DG)(DC)(DT)(DT)(DA)(DA)(DA)(DC)(DG)(DC)(DA)(DC)(DG)(DT)(DA)(DC)
(DG)(DC)(DG)(DC)(DT)(DG)(DT)(DC)(DC)(DC)(DC)(DC)(DG)(DC)(DG)(DT)(DT)(DT)(DT)(DA)
(DA)(DC)(DC)(DG)(DC)(DC)(DA)(DA)(DG)(DG)(DG)(DG)(DA)(DT)(DT)(DA)(DC)(DT)(DC)(DC)
(DC)(DT)(DA)(DG)(DT)(DC)(DT)(DC)(DC)(DA)(DG)(DG)(DC)(DA)(DC)(DG)(DT)(DG)(DT)(DC)
(DA)(DG)(DA)(DT)(DA)(DT)(DA)(DT)(DA)(DC)(DA)(DC)(DC)(DC)(DT)(DG)(DT)(DC)(DA)(DT)
(DG)(DT)(DA)(DA)(DG)(DT)(DA)(DT)(DT)(DA)(DA)(DG)(DG)(DT)(DA)(DA)(DC)(DC)(DC)(DG)
(DT)(DC)(DT)(DC)(DG)(DC)(DG)(DC)(DA)(DC)(DT)(DG)(DG)(DC)(DC)(DG)(DC)(DC)(DT)(DG)
(DG)(DA)(DG)(DA)(DA)(DT)(DC)(DC)(DC)(DG)(DG)(DT)(DG)(DC)(DC)(DG)(DA)(DG)(DG)(DC)
(DC)(DG)(DC)(DT)(DC)(DA)(DA)(DT)(DT)(DG)(DG)(DT)(DC)(DG)(DT)(DA)(DG)(DA)(DC)(DA)
(DG)(DC)(DT)(DC)(DT)(DA)(DG)(DC)(DA)(DC)(DC)(DG)(DC)(DT)(DT)(DA)(DA)(DA)(DC)(DG)
(DC)(DA)(DC)(DG)(DT)(DA)(DC)(DG)(DC)(DG)(DC)(DT)(DG)(DT)(DC)(DC)(DC)(DC)(DC)(DG)
(DC)(DG)(DT)(DT)(DT)(DT)(DA)(DA)(DC)(DC)(DG)(DC)(DC)(DA)(DA)(DG)(DG)(DG)(DG)(DA)
(DT)(DT)(DA)(DC)(DT)(DC)(DC)(DC)(DT)(DA)(DG)(DT)(DC)(DT)(DC)(DC)(DA)(DG)(DG)(DC)
(DA)(DC)(DG)(DT)(DG)(DT)(DC)(DA)(DG)(DA)(DT)(DA)(DT)(DA)(DT)(DA)(DC)(DA)(DT)(DC)
(DC)(DT)(DG)(DT)(DC)(DA)(DT)(DG)(DT)(DA)(DA)(DG)(DT)(DA)(DT)(DT)(DA)(DA)(DG)(DG)
(DT)(DA)(DA)(DC)(DC)(DC)(DG)(DT)(DC)(DT)(DC)(DG)(DC)(DG)(DC)(DA)(DC)(DT)(DG)(DG)
(DC)(DC)(DG)(DC)(DC)(DT)(DG)(DG)(DA)(DG)(DA)(DA)(DT)(DC)(DC)(DC)(DG)(DG)(DT)(DG)
(DC)(DC)(DG)(DA)(DG)(DG)(DC)(DC)(DG)(DC)(DT)(DC)(DA)(DA)(DT)(DT)(DG)(DG)(DT)(DC)
(DG)(DT)(DA)(DG)(DA)(DC)(DA)(DG)(DC)(DT)(DC)(DT)(DA)(DG)(DC)(DA)(DC)(DC)(DG)(DC)
(DT)(DT)(DA)(DA)(DA)(DC)(DG)(DC)(DA)(DC)(DG)(DT)(DA)(DC)(DG)(DC)(DG)(DC)(DT)(DG)
(DT)(DC)(DC)(DC)(DC)(DC)(DG)(DC)(DG)(DT)(DT)(DT)(DT)(DA)(DA)(DC)(DC)(DG)(DC)(DC)
(DA)(DA)(DG)(DG)(DG)(DG)(DA)(DT)(DT)(DA)(DC)(DT)(DC)(DC)(DC)(DT)(DA)(DG)(DT)(DC)
(DT)(DC)(DC)(DA)(DG)(DG)(DC)(DA)(DC)(DG)(DT)(DG)(DT)(DC)(DA)(DG)(DA)(DT)(DA)(DT)
(DA)(DT)(DA)(DC)(DA)(DT)(DC)(DC)(DT)(DG)(DT)(DC)(DA)(DT)(DG)(DT)(DA)(DA)(DG)(DT)
(DA)
;
I
7 'polydeoxyribonucleotide'
;(DT)(DA)(DC)(DT)(DT)(DA)(DC)(DA)(DT)(DG)(DA)(DC)(DA)(DG)(DG)(DA)(DT)(DG)(DT)(DA)
(DT)(DA)(DT)(DA)(DT)(DC)(DT)(DG)(DA)(DC)(DA)(DC)(DG)(DT)(DG)(DC)(DC)(DT)(DG)(DG)
(DA)(DG)(DA)(DC)(DT)(DA)(DG)(DG)(DG)(DA)(DG)(DT)(DA)(DA)(DT)(DC)(DC)(DC)(DC)(DT)
(DT)(DG)(DG)(DC)(DG)(DG)(DT)(DT)(DA)(DA)(DA)(DA)(DC)(DG)(DC)(DG)(DG)(DG)(DG)(DG)
(DA)(DC)(DA)(DG)(DC)(DG)(DC)(DG)(DT)(DA)(DC)(DG)(DT)(DG)(DC)(DG)(DT)(DT)(DT)(DA)
(DA)(DG)(DC)(DG)(DG)(DT)(DG)(DC)(DT)(DA)(DG)(DA)(DG)(DC)(DT)(DG)(DT)(DC)(DT)(DA)
(DC)(DG)(DA)(DC)(DC)(DA)(DA)(DT)(DT)(DG)(DA)(DG)(DC)(DG)(DG)(DC)(DC)(DT)(DC)(DG)
(DG)(DC)(DA)(DC)(DC)(DG)(DG)(DG)(DA)(DT)(DT)(DC)(DT)(DC)(DC)(DA)(DG)(DG)(DC)(DG)
(DG)(DC)(DC)(DA)(DG)(DT)(DG)(DC)(DG)(DC)(DG)(DA)(DG)(DA)(DC)(DG)(DG)(DG)(DT)(DT)
(DA)(DC)(DC)(DT)(DT)(DA)(DA)(DT)(DA)(DC)(DT)(DT)(DA)(DC)(DA)(DT)(DG)(DA)(DC)(DA)
(DG)(DG)(DA)(DT)(DG)(DT)(DA)(DT)(DA)(DT)(DA)(DT)(DC)(DT)(DG)(DA)(DC)(DA)(DC)(DG)
(DT)(DG)(DC)(DC)(DT)(DG)(DG)(DA)(DG)(DA)(DC)(DT)(DA)(DG)(DG)(DG)(DA)(DG)(DT)(DA)
(DA)(DT)(DC)(DC)(DC)(DC)(DT)(DT)(DG)(DG)(DC)(DG)(DG)(DT)(DT)(DA)(DA)(DA)(DA)(DC)
(DG)(DC)(DG)(DG)(DG)(DG)(DG)(DA)(DC)(DA)(DG)(DC)(DG)(DC)(DG)(DT)(DA)(DC)(DG)(DT)
(DG)(DC)(DG)(DT)(DT)(DT)(DA)(DA)(DG)(DC)(DG)(DG)(DT)(DG)(DC)(DT)(DA)(DG)(DA)(DG)
(DC)(DT)(DG)(DT)(DC)(DT)(DA)(DC)(DG)(DA)(DC)(DC)(DA)(DA)(DT)(DT)(DG)(DA)(DG)(DC)
(DG)(DG)(DC)(DC)(DT)(DC)(DG)(DG)(DC)(DA)(DC)(DC)(DG)(DG)(DG)(DA)(DT)(DT)(DC)(DT)
(DC)(DC)(DA)(DG)(DG)(DC)(DG)(DG)(DC)(DC)(DA)(DG)(DT)(DG)(DC)(DG)(DC)(DG)(DA)(DG)
(DA)(DC)(DG)(DG)(DG)(DT)(DT)(DA)(DC)(DC)(DT)(DT)(DA)(DA)(DT)(DA)(DC)(DT)(DT)(DA)
(DC)(DA)(DT)(DG)(DA)(DC)(DA)(DG)(DG)(DG)(DT)(DG)(DT)(DA)(DT)(DA)(DT)(DA)(DT)(DC)
(DT)(DG)(DA)(DC)(DA)(DC)(DG)(DT)(DG)(DC)(DC)(DT)(DG)(DG)(DA)(DG)(DA)(DC)(DT)(DA)
(DG)(DG)(DG)(DA)(DG)(DT)(DA)(DA)(DT)(DC)(DC)(DC)(DC)(DT)(DT)(DG)(DG)(DC)(DG)(DG)
(DT)(DT)(DA)(DA)(DA)(DA)(DC)(DG)(DC)(DG)(DG)(DG)(DG)(DG)(DA)(DC)(DA)(DG)(DC)(DG)
(DC)(DG)(DT)(DA)(DC)(DG)(DT)(DG)(DC)(DG)(DT)(DT)(DT)(DA)(DA)(DG)(DC)(DG)(DG)(DT)
(DG)(DC)(DT)(DA)(DG)(DA)(DG)(DC)(DT)(DG)(DT)(DC)(DT)(DA)(DC)(DG)(DA)(DC)(DC)(DA)
(DA)(DT)(DT)(DG)(DA)(DG)(DC)(DG)(DG)(DC)(DC)(DT)(DC)(DG)(DG)(DC)(DA)(DC)(DC)(DG)
(DG)(DG)(DA)(DT)(DT)(DC)(DT)(DC)(DC)(DA)(DG)(DG)(DC)(DG)(DG)(DC)(DC)(DA)(DG)(DT)
(DG)
;
J
#
loop_
_chem_comp.id
_chem_comp.type
_chem_comp.name
_chem_comp.formula
DA DNA linking 2'-DEOXYADENOSINE-5'-MONOPHOSPHATE 'C10 H14 N5 O6 P'
DC DNA linking 2'-DEOXYCYTIDINE-5'-MONOPHOSPHATE 'C9 H14 N3 O7 P'
DG DNA linking 2'-DEOXYGUANOSINE-5'-MONOPHOSPHATE 'C10 H14 N5 O7 P'
DT DNA linking THYMIDINE-5'-MONOPHOSPHATE 'C10 H15 N2 O8 P'
#
# COMPACT_ATOMS: atom_id res chain seq x y z
N LYS A 38 -79.90 -21.35 6.06
CA LYS A 38 -80.15 -20.49 7.21
C LYS A 38 -81.65 -20.21 7.21
N PRO A 39 -82.32 -20.41 8.35
CA PRO A 39 -83.78 -20.32 8.37
C PRO A 39 -84.27 -18.89 8.13
N HIS A 40 -85.45 -18.82 7.53
CA HIS A 40 -85.97 -17.55 7.03
C HIS A 40 -86.38 -16.62 8.16
N ARG A 41 -86.21 -15.32 7.93
CA ARG A 41 -86.56 -14.30 8.91
C ARG A 41 -86.82 -13.01 8.15
N TYR A 42 -88.01 -12.44 8.33
CA TYR A 42 -88.35 -11.18 7.68
C TYR A 42 -87.63 -10.01 8.33
N ARG A 43 -87.41 -8.95 7.54
CA ARG A 43 -86.91 -7.71 8.10
C ARG A 43 -87.99 -7.05 8.96
N PRO A 44 -87.61 -6.26 9.96
CA PRO A 44 -88.60 -5.64 10.85
C PRO A 44 -89.54 -4.70 10.10
N GLY A 45 -90.84 -4.88 10.33
CA GLY A 45 -91.84 -4.01 9.75
C GLY A 45 -92.85 -4.68 8.85
N THR A 46 -92.44 -5.66 8.03
CA THR A 46 -93.38 -6.20 7.05
C THR A 46 -94.38 -7.14 7.72
N VAL A 47 -93.97 -7.80 8.81
CA VAL A 47 -94.93 -8.55 9.61
C VAL A 47 -95.93 -7.60 10.23
N ALA A 48 -95.47 -6.41 10.63
CA ALA A 48 -96.37 -5.41 11.18
C ALA A 48 -97.41 -4.97 10.15
N LEU A 49 -96.97 -4.73 8.90
CA LEU A 49 -97.92 -4.32 7.86
C LEU A 49 -98.83 -5.46 7.44
N ARG A 50 -98.35 -6.69 7.45
CA ARG A 50 -99.27 -7.81 7.21
C ARG A 50 -100.31 -7.90 8.31
N GLU A 51 -99.92 -7.60 9.55
CA GLU A 51 -100.90 -7.44 10.62
C GLU A 51 -101.84 -6.27 10.35
N ILE A 52 -101.30 -5.15 9.85
CA ILE A 52 -102.12 -3.99 9.54
C ILE A 52 -103.20 -4.36 8.54
N ARG A 53 -102.79 -5.00 7.45
CA ARG A 53 -103.72 -5.42 6.42
C ARG A 53 -104.70 -6.47 6.94
N ARG A 54 -104.24 -7.35 7.83
CA ARG A 54 -105.12 -8.39 8.35
C ARG A 54 -106.21 -7.81 9.22
N TYR A 55 -105.83 -7.15 10.32
CA TYR A 55 -106.87 -6.72 11.25
C TYR A 55 -107.58 -5.44 10.81
N GLN A 56 -107.05 -4.70 9.82
CA GLN A 56 -107.89 -3.74 9.14
C GLN A 56 -108.84 -4.41 8.17
N LYS A 57 -108.41 -5.45 7.48
CA LYS A 57 -109.28 -6.19 6.58
C LYS A 57 -110.29 -7.05 7.35
N SER A 58 -109.82 -7.71 8.40
CA SER A 58 -110.71 -8.50 9.24
C SER A 58 -111.37 -7.60 10.27
N THR A 59 -112.39 -8.15 10.94
CA THR A 59 -113.21 -7.37 11.84
C THR A 59 -113.22 -7.83 13.29
N GLU A 60 -112.73 -9.03 13.59
CA GLU A 60 -113.02 -9.71 14.86
C GLU A 60 -112.37 -9.00 16.05
N LEU A 61 -112.80 -9.41 17.25
CA LEU A 61 -112.39 -8.75 18.48
C LEU A 61 -110.94 -9.07 18.81
N LEU A 62 -110.22 -8.05 19.31
CA LEU A 62 -108.79 -8.15 19.49
C LEU A 62 -108.35 -8.36 20.93
N ILE A 63 -109.21 -8.10 21.88
CA ILE A 63 -108.92 -8.38 23.28
C ILE A 63 -109.45 -9.76 23.60
N ARG A 64 -108.66 -10.56 24.31
CA ARG A 64 -109.16 -11.81 24.86
C ARG A 64 -110.35 -11.53 25.77
N LYS A 65 -111.42 -12.28 25.56
CA LYS A 65 -112.72 -11.89 26.09
C LYS A 65 -112.78 -12.06 27.60
N LEU A 66 -112.25 -13.17 28.10
CA LEU A 66 -112.33 -13.43 29.54
C LEU A 66 -111.54 -12.44 30.39
N PRO A 67 -110.28 -12.08 30.09
CA PRO A 67 -109.62 -11.06 30.93
C PRO A 67 -110.24 -9.69 30.80
N PHE A 68 -110.82 -9.34 29.65
CA PHE A 68 -111.55 -8.08 29.54
C PHE A 68 -112.79 -8.09 30.43
N GLN A 69 -113.51 -9.22 30.44
CA GLN A 69 -114.66 -9.35 31.31
C GLN A 69 -114.26 -9.25 32.76
N ARG A 70 -113.12 -9.84 33.12
CA ARG A 70 -112.64 -9.79 34.49
C ARG A 70 -112.22 -8.38 34.88
N LEU A 71 -111.57 -7.64 33.96
CA LEU A 71 -111.21 -6.25 34.23
C LEU A 71 -112.44 -5.38 34.44
N VAL A 72 -113.47 -5.59 33.62
CA VAL A 72 -114.70 -4.83 33.75
C VAL A 72 -115.38 -5.13 35.08
N ARG A 73 -115.41 -6.41 35.47
CA ARG A 73 -116.02 -6.77 36.75
C ARG A 73 -115.23 -6.19 37.91
N GLU A 74 -113.90 -6.17 37.78
CA GLU A 74 -113.03 -5.60 38.81
C GLU A 74 -113.29 -4.12 39.00
N ILE A 75 -113.43 -3.39 37.89
CA ILE A 75 -113.68 -1.96 37.96
C ILE A 75 -115.07 -1.70 38.54
N ALA A 76 -116.07 -2.44 38.09
CA ALA A 76 -117.44 -2.21 38.55
C ALA A 76 -117.63 -2.63 40.00
N GLN A 77 -116.80 -3.54 40.50
CA GLN A 77 -116.85 -3.90 41.92
C GLN A 77 -116.44 -2.74 42.80
N ASP A 78 -115.55 -1.85 42.31
CA ASP A 78 -115.11 -0.72 43.10
C ASP A 78 -116.17 0.37 43.20
N PHE A 79 -117.17 0.36 42.33
CA PHE A 79 -118.13 1.46 42.28
C PHE A 79 -119.43 1.13 43.00
N LYS A 80 -120.07 0.02 42.66
CA LYS A 80 -121.23 -0.43 43.39
C LYS A 80 -121.06 -1.94 43.54
N THR A 81 -121.36 -2.45 44.73
CA THR A 81 -120.97 -3.81 45.07
C THR A 81 -121.94 -4.83 44.48
N ASP A 82 -121.42 -6.04 44.27
CA ASP A 82 -122.16 -7.20 43.78
C ASP A 82 -122.82 -6.92 42.44
N LEU A 83 -122.05 -6.58 41.41
CA LEU A 83 -122.61 -6.42 40.09
C LEU A 83 -122.43 -7.67 39.24
N ARG A 84 -123.45 -8.00 38.47
CA ARG A 84 -123.34 -8.99 37.41
C ARG A 84 -123.51 -8.29 36.07
N PHE A 85 -123.12 -8.98 35.01
CA PHE A 85 -123.06 -8.40 33.69
C PHE A 85 -123.79 -9.27 32.69
N GLN A 86 -124.65 -8.65 31.89
CA GLN A 86 -125.11 -9.31 30.69
C GLN A 86 -123.90 -9.54 29.79
N SER A 87 -123.87 -10.71 29.14
CA SER A 87 -122.75 -11.03 28.27
C SER A 87 -122.67 -10.05 27.10
N SER A 88 -123.83 -9.68 26.55
CA SER A 88 -123.88 -8.70 25.47
C SER A 88 -123.34 -7.34 25.92
N ALA A 89 -123.57 -6.98 27.19
CA ALA A 89 -122.97 -5.76 27.73
C ALA A 89 -121.44 -5.87 27.76
N VAL A 90 -120.92 -7.05 28.08
CA VAL A 90 -119.48 -7.24 28.09
C VAL A 90 -118.91 -7.13 26.68
N MET A 91 -119.58 -7.73 25.70
CA MET A 91 -119.10 -7.53 24.33
C MET A 91 -119.34 -6.10 23.85
N ALA A 92 -120.33 -5.40 24.42
CA ALA A 92 -120.54 -4.01 24.03
C ALA A 92 -119.41 -3.12 24.52
N LEU A 93 -119.03 -3.27 25.79
CA LEU A 93 -117.81 -2.64 26.28
C LEU A 93 -116.59 -3.09 25.50
N GLN A 94 -116.59 -4.35 25.02
CA GLN A 94 -115.46 -4.83 24.24
C GLN A 94 -115.34 -4.10 22.90
N GLU A 95 -116.44 -4.02 22.14
CA GLU A 95 -116.43 -3.28 20.87
C GLU A 95 -116.11 -1.81 21.09
N ALA A 96 -116.76 -1.20 22.10
CA ALA A 96 -116.58 0.23 22.32
C ALA A 96 -115.16 0.54 22.75
N SER A 97 -114.59 -0.30 23.60
CA SER A 97 -113.23 -0.09 24.07
C SER A 97 -112.22 -0.28 22.95
N GLU A 98 -112.43 -1.32 22.12
CA GLU A 98 -111.51 -1.52 21.01
C GLU A 98 -111.57 -0.35 20.03
N ALA A 99 -112.78 0.14 19.75
CA ALA A 99 -112.92 1.25 18.82
C ALA A 99 -112.38 2.54 19.42
N TYR A 100 -112.53 2.72 20.73
CA TYR A 100 -111.99 3.89 21.40
C TYR A 100 -110.47 3.90 21.32
N LEU A 101 -109.85 2.76 21.64
CA LEU A 101 -108.41 2.63 21.46
C LEU A 101 -108.00 2.76 20.00
N VAL A 102 -108.83 2.31 19.07
CA VAL A 102 -108.52 2.48 17.66
C VAL A 102 -108.47 3.97 17.30
N GLY A 103 -109.45 4.73 17.77
CA GLY A 103 -109.44 6.17 17.52
C GLY A 103 -108.25 6.87 18.16
N LEU A 104 -107.93 6.50 19.40
CA LEU A 104 -106.72 7.03 20.04
C LEU A 104 -105.46 6.67 19.28
N PHE A 105 -105.34 5.43 18.80
CA PHE A 105 -104.11 5.04 18.12
C PHE A 105 -104.01 5.66 16.73
N GLU A 106 -105.14 5.95 16.09
CA GLU A 106 -105.09 6.76 14.87
C GLU A 106 -104.62 8.18 15.18
N ASP A 107 -105.10 8.75 16.29
CA ASP A 107 -104.65 10.10 16.67
C ASP A 107 -103.17 10.11 17.01
N THR A 108 -102.69 9.08 17.72
CA THR A 108 -101.27 9.00 18.02
C THR A 108 -100.45 8.70 16.78
N ASN A 109 -101.04 8.00 15.80
CA ASN A 109 -100.37 7.84 14.53
C ASN A 109 -100.18 9.17 13.83
N LEU A 110 -101.23 9.99 13.82
CA LEU A 110 -101.13 11.32 13.24
C LEU A 110 -100.12 12.17 14.00
N ALA A 111 -100.10 12.04 15.32
CA ALA A 111 -99.13 12.75 16.14
C ALA A 111 -97.70 12.29 15.86
N ALA A 112 -97.52 10.98 15.68
CA ALA A 112 -96.18 10.44 15.47
C ALA A 112 -95.64 10.84 14.10
N ILE A 113 -96.49 10.79 13.07
CA ILE A 113 -96.03 11.20 11.75
C ILE A 113 -95.89 12.70 11.69
N HIS A 114 -96.62 13.41 12.57
CA HIS A 114 -96.41 14.85 12.72
C HIS A 114 -95.02 15.13 13.27
N ALA A 115 -94.58 14.34 14.24
CA ALA A 115 -93.29 14.54 14.87
C ALA A 115 -92.16 13.84 14.13
N LYS A 116 -92.34 13.53 12.84
CA LYS A 116 -91.35 12.86 11.99
C LYS A 116 -90.95 11.48 12.50
N ARG A 117 -91.81 10.86 13.31
CA ARG A 117 -91.54 9.55 13.89
C ARG A 117 -92.53 8.53 13.35
N VAL A 118 -92.23 7.26 13.61
CA VAL A 118 -93.16 6.18 13.33
C VAL A 118 -93.54 5.42 14.59
N THR A 119 -92.69 5.43 15.61
CA THR A 119 -92.94 4.73 16.86
C THR A 119 -93.56 5.71 17.84
N ILE A 120 -94.77 5.40 18.32
CA ILE A 120 -95.50 6.33 19.16
C ILE A 120 -94.95 6.32 20.57
N MET A 121 -95.21 7.40 21.30
CA MET A 121 -94.65 7.65 22.61
C MET A 121 -95.74 8.10 23.56
N PRO A 122 -95.49 8.05 24.88
CA PRO A 122 -96.50 8.52 25.85
C PRO A 122 -97.03 9.91 25.62
N LYS A 123 -96.16 10.81 25.19
CA LYS A 123 -96.58 12.18 24.96
C LYS A 123 -97.50 12.28 23.74
N ASP A 124 -97.49 11.28 22.85
CA ASP A 124 -98.46 11.27 21.75
C ASP A 124 -99.87 10.99 22.25
N ILE A 125 -100.04 9.99 23.14
CA ILE A 125 -101.37 9.74 23.70
C ILE A 125 -101.78 10.92 24.56
N GLN A 126 -100.84 11.52 25.30
CA GLN A 126 -101.18 12.68 26.10
C GLN A 126 -101.63 13.85 25.22
N LEU A 127 -100.96 14.06 24.09
CA LEU A 127 -101.37 15.07 23.13
C LEU A 127 -102.75 14.79 22.58
N ALA A 128 -102.99 13.53 22.18
CA ALA A 128 -104.26 13.18 21.56
C ALA A 128 -105.42 13.37 22.53
N ARG A 129 -105.23 12.94 23.77
CA ARG A 129 -106.24 13.11 24.80
C ARG A 129 -106.45 14.59 25.12
N ARG A 130 -105.36 15.36 25.13
CA ARG A 130 -105.48 16.75 25.55
C ARG A 130 -106.08 17.61 24.45
N ILE A 131 -105.73 17.35 23.19
CA ILE A 131 -106.35 18.06 22.06
C ILE A 131 -107.82 17.69 21.96
N ARG A 132 -108.14 16.40 22.10
CA ARG A 132 -109.54 16.01 22.11
C ARG A 132 -110.25 16.53 23.36
N GLY A 133 -109.51 16.84 24.42
CA GLY A 133 -110.11 17.41 25.61
C GLY A 133 -110.38 16.45 26.73
N GLU A 134 -109.47 15.50 26.98
CA GLU A 134 -109.68 14.51 28.01
C GLU A 134 -108.84 14.81 29.25
N LYS B 21 -113.70 -14.64 44.30
CA LYS B 21 -114.72 -13.61 44.17
C LYS B 21 -114.04 -12.24 44.26
N VAL B 22 -112.82 -12.24 44.78
CA VAL B 22 -112.01 -11.02 44.86
C VAL B 22 -111.22 -10.87 43.57
N LEU B 23 -111.13 -9.64 43.08
CA LEU B 23 -110.47 -9.32 41.81
C LEU B 23 -109.47 -8.21 42.07
N ARG B 24 -108.20 -8.45 41.73
CA ARG B 24 -107.12 -7.63 42.28
C ARG B 24 -106.21 -7.01 41.21
N ASP B 25 -105.92 -7.73 40.13
CA ASP B 25 -104.87 -7.31 39.19
C ASP B 25 -105.27 -7.57 37.75
N ASN B 26 -106.53 -7.30 37.43
CA ASN B 26 -107.06 -7.67 36.13
C ASN B 26 -106.72 -6.67 35.04
N ILE B 27 -106.12 -5.53 35.38
CA ILE B 27 -105.67 -4.60 34.36
C ILE B 27 -104.52 -5.20 33.57
N GLN B 28 -103.75 -6.09 34.18
CA GLN B 28 -102.73 -6.82 33.43
C GLN B 28 -103.34 -7.90 32.53
N GLY B 29 -104.63 -8.20 32.70
CA GLY B 29 -105.29 -9.14 31.81
C GLY B 29 -105.40 -8.67 30.38
N ILE B 30 -105.41 -7.36 30.15
CA ILE B 30 -105.35 -6.82 28.80
C ILE B 30 -103.88 -6.91 28.39
N THR B 31 -103.54 -7.99 27.71
CA THR B 31 -102.15 -8.36 27.49
C THR B 31 -101.46 -7.39 26.54
N LYS B 32 -100.13 -7.43 26.55
CA LYS B 32 -99.35 -6.64 25.61
C LYS B 32 -99.63 -6.97 24.15
N PRO B 33 -99.67 -8.25 23.69
CA PRO B 33 -100.07 -8.48 22.29
C PRO B 33 -101.49 -8.07 21.97
N ALA B 34 -102.38 -8.01 22.97
CA ALA B 34 -103.71 -7.47 22.73
C ALA B 34 -103.64 -5.98 22.40
N ILE B 35 -102.78 -5.24 23.09
CA ILE B 35 -102.55 -3.84 22.76
C ILE B 35 -101.91 -3.71 21.39
N ARG B 36 -101.00 -4.63 21.05
CA ARG B 36 -100.42 -4.63 19.72
C ARG B 36 -101.48 -4.84 18.64
N ARG B 37 -102.42 -5.75 18.87
CA ARG B 37 -103.50 -5.97 17.91
C ARG B 37 -104.39 -4.74 17.79
N LEU B 38 -104.68 -4.09 18.91
CA LEU B 38 -105.47 -2.85 18.87
C LEU B 38 -104.80 -1.78 18.04
N ALA B 39 -103.49 -1.61 18.22
CA ALA B 39 -102.77 -0.61 17.44
C ALA B 39 -102.66 -1.00 15.98
N ARG B 40 -102.61 -2.31 15.70
CA ARG B 40 -102.63 -2.76 14.32
C ARG B 40 -103.95 -2.41 13.65
N ARG B 41 -105.06 -2.54 14.37
CA ARG B 41 -106.33 -2.14 13.77
C ARG B 41 -106.41 -0.62 13.65
N GLY B 42 -105.80 0.10 14.58
CA GLY B 42 -105.71 1.54 14.42
C GLY B 42 -104.71 1.99 13.38
N GLY B 43 -103.86 1.08 12.91
CA GLY B 43 -102.94 1.41 11.86
C GLY B 43 -101.55 1.80 12.30
N VAL B 44 -100.99 1.11 13.29
CA VAL B 44 -99.70 1.48 13.84
C VAL B 44 -98.65 0.48 13.43
N LYS B 45 -97.54 0.98 12.88
CA LYS B 45 -96.37 0.16 12.59
C LYS B 45 -95.63 -0.28 13.86
N ARG B 46 -95.19 0.68 14.67
CA ARG B 46 -94.28 0.40 15.76
C ARG B 46 -94.81 1.00 17.05
N ILE B 47 -94.77 0.20 18.12
CA ILE B 47 -95.33 0.56 19.41
C ILE B 47 -94.21 0.50 20.43
N SER B 48 -94.03 1.58 21.19
CA SER B 48 -92.99 1.56 22.21
C SER B 48 -93.42 0.71 23.39
N GLY B 49 -92.43 0.32 24.20
CA GLY B 49 -92.69 -0.52 25.36
C GLY B 49 -93.37 0.21 26.49
N LEU B 50 -93.15 1.52 26.60
CA LEU B 50 -93.82 2.33 27.60
C LEU B 50 -95.29 2.51 27.30
N ILE B 51 -95.73 2.15 26.09
CA ILE B 51 -97.09 2.42 25.65
C ILE B 51 -98.10 1.55 26.38
N TYR B 52 -97.75 0.30 26.65
CA TYR B 52 -98.75 -0.69 27.05
C TYR B 52 -99.38 -0.38 28.41
N GLU B 53 -98.56 -0.01 29.39
CA GLU B 53 -99.10 0.22 30.73
C GLU B 53 -99.93 1.51 30.80
N GLU B 54 -99.57 2.53 30.02
CA GLU B 54 -100.35 3.75 30.08
C GLU B 54 -101.59 3.65 29.21
N THR B 55 -101.57 2.84 28.15
CA THR B 55 -102.82 2.55 27.46
C THR B 55 -103.72 1.69 28.32
N ARG B 56 -103.14 0.84 29.16
CA ARG B 56 -103.92 0.19 30.21
C ARG B 56 -104.54 1.22 31.14
N GLY B 57 -103.77 2.24 31.53
CA GLY B 57 -104.30 3.29 32.38
C GLY B 57 -105.36 4.13 31.71
N VAL B 58 -105.14 4.49 30.45
CA VAL B 58 -106.09 5.29 29.68
C VAL B 58 -107.38 4.53 29.46
N LEU B 59 -107.27 3.26 29.11
CA LEU B 59 -108.46 2.43 28.94
C LEU B 59 -109.12 2.22 30.30
N LYS B 60 -108.32 2.12 31.36
CA LYS B 60 -108.85 2.03 32.73
C LYS B 60 -109.69 3.25 33.06
N VAL B 61 -109.19 4.44 32.76
CA VAL B 61 -109.92 5.68 33.04
C VAL B 61 -111.18 5.75 32.19
N PHE B 62 -111.08 5.30 30.94
CA PHE B 62 -112.23 5.30 30.05
C PHE B 62 -113.34 4.39 30.57
N LEU B 63 -112.99 3.18 31.00
CA LEU B 63 -113.98 2.30 31.62
C LEU B 63 -114.43 2.83 32.98
N GLU B 64 -113.59 3.57 33.71
CA GLU B 64 -114.09 4.22 34.92
C GLU B 64 -115.21 5.18 34.57
N ASN B 65 -115.03 5.94 33.48
CA ASN B 65 -116.06 6.89 33.06
C ASN B 65 -117.33 6.17 32.62
N VAL B 66 -117.21 5.23 31.68
CA VAL B 66 -118.40 4.64 31.09
C VAL B 66 -119.08 3.67 32.06
N ILE B 67 -118.29 2.95 32.87
CA ILE B 67 -118.88 2.04 33.84
C ILE B 67 -119.45 2.79 35.02
N ARG B 68 -118.85 3.93 35.41
CA ARG B 68 -119.46 4.77 36.43
C ARG B 68 -120.81 5.27 35.95
N ASP B 69 -120.87 5.72 34.70
CA ASP B 69 -122.14 6.15 34.13
C ASP B 69 -123.14 5.00 34.09
N ALA B 70 -122.70 3.81 33.65
CA ALA B 70 -123.61 2.68 33.51
C ALA B 70 -124.08 2.19 34.87
N VAL B 71 -123.23 2.29 35.89
CA VAL B 71 -123.62 1.96 37.25
C VAL B 71 -124.67 2.93 37.75
N THR B 72 -124.52 4.22 37.43
CA THR B 72 -125.57 5.19 37.79
C THR B 72 -126.87 4.91 37.05
N TYR B 73 -126.79 4.51 35.79
CA TYR B 73 -127.99 4.09 35.06
C TYR B 73 -128.62 2.87 35.73
N THR B 74 -127.77 1.95 36.18
CA THR B 74 -128.23 0.69 36.76
C THR B 74 -128.93 0.93 38.09
N GLU B 75 -128.28 1.68 38.99
CA GLU B 75 -128.86 1.93 40.31
C GLU B 75 -130.03 2.89 40.21
N HIS B 76 -130.05 3.73 39.17
CA HIS B 76 -131.26 4.45 38.85
C HIS B 76 -132.38 3.50 38.43
N ALA B 77 -132.01 2.45 37.69
CA ALA B 77 -133.02 1.51 37.20
C ALA B 77 -133.44 0.50 38.26
N LYS B 78 -132.79 0.50 39.43
CA LYS B 78 -133.02 -0.46 40.52
C LYS B 78 -132.84 -1.91 40.07
N ARG B 79 -131.94 -2.14 39.13
CA ARG B 79 -131.52 -3.48 38.74
C ARG B 79 -130.11 -3.72 39.24
N LYS B 80 -129.70 -4.99 39.24
CA LYS B 80 -128.37 -5.34 39.73
C LYS B 80 -127.43 -5.80 38.62
N THR B 81 -127.92 -5.99 37.40
CA THR B 81 -127.11 -6.47 36.30
C THR B 81 -126.91 -5.34 35.31
N VAL B 82 -125.65 -5.06 34.98
CA VAL B 82 -125.35 -4.09 33.93
C VAL B 82 -125.76 -4.68 32.59
N THR B 83 -126.53 -3.92 31.83
CA THR B 83 -127.05 -4.37 30.54
C THR B 83 -126.38 -3.61 29.40
N ALA B 84 -126.56 -4.13 28.18
CA ALA B 84 -125.95 -3.52 27.01
C ALA B 84 -126.57 -2.17 26.71
N MET B 85 -127.83 -1.98 27.08
CA MET B 85 -128.50 -0.69 26.93
C MET B 85 -127.79 0.39 27.73
N ASP B 86 -127.46 0.09 28.98
CA ASP B 86 -126.75 1.05 29.83
C ASP B 86 -125.38 1.39 29.26
N VAL B 87 -124.70 0.38 28.72
CA VAL B 87 -123.41 0.59 28.06
C VAL B 87 -123.55 1.53 26.88
N VAL B 88 -124.45 1.22 25.95
CA VAL B 88 -124.54 1.99 24.72
C VAL B 88 -125.04 3.40 25.01
N TYR B 89 -125.83 3.55 26.07
CA TYR B 89 -126.38 4.84 26.41
C TYR B 89 -125.32 5.73 27.06
N ALA B 90 -124.47 5.13 27.91
CA ALA B 90 -123.35 5.86 28.50
C ALA B 90 -122.35 6.27 27.43
N LEU B 91 -122.09 5.39 26.47
CA LEU B 91 -121.26 5.79 25.34
C LEU B 91 -121.94 6.88 24.51
N LYS B 92 -123.27 6.85 24.43
CA LYS B 92 -123.99 7.83 23.61
C LYS B 92 -123.90 9.22 24.20
N ARG B 93 -123.96 9.33 25.54
CA ARG B 93 -123.89 10.65 26.17
C ARG B 93 -122.55 11.33 25.93
N GLN B 94 -121.48 10.56 25.90
CA GLN B 94 -120.12 11.07 25.86
C GLN B 94 -119.63 11.36 24.45
N GLY B 95 -120.53 11.38 23.46
CA GLY B 95 -120.12 11.57 22.09
C GLY B 95 -119.34 10.41 21.53
N ARG B 96 -119.70 9.19 21.92
CA ARG B 96 -119.02 7.96 21.52
C ARG B 96 -120.04 6.94 21.08
N THR B 97 -120.97 7.38 20.23
CA THR B 97 -122.18 6.63 19.92
C THR B 97 -121.87 5.29 19.27
N LEU B 98 -122.54 4.25 19.76
CA LEU B 98 -122.29 2.88 19.34
C LEU B 98 -123.55 2.33 18.68
N TYR B 99 -123.39 1.70 17.53
CA TYR B 99 -124.48 1.04 16.85
C TYR B 99 -124.41 -0.45 17.08
N GLY B 100 -125.53 -1.13 16.93
CA GLY B 100 -125.54 -2.58 16.89
C GLY B 100 -125.93 -3.26 18.18
N PHE B 101 -126.39 -2.52 19.18
CA PHE B 101 -126.77 -3.10 20.46
C PHE B 101 -128.12 -2.58 20.90
N GLY B 102 -129.06 -2.52 19.96
CA GLY B 102 -130.44 -2.25 20.29
C GLY B 102 -130.79 -0.81 20.54
N GLY B 103 -129.90 0.12 20.24
CA GLY B 103 -130.15 1.53 20.47
C GLY B 103 -131.28 2.12 19.64
N ALA C 28 -161.04 32.87 53.65
CA ALA C 28 -160.09 32.54 54.70
C ALA C 28 -158.85 31.87 54.11
N ARG C 29 -158.35 32.43 53.01
CA ARG C 29 -157.20 31.85 52.33
C ARG C 29 -155.91 32.16 53.09
N ALA C 30 -154.98 31.21 53.06
CA ALA C 30 -153.75 31.32 53.81
C ALA C 30 -152.80 32.32 53.18
N LYS C 31 -151.75 32.67 53.94
CA LYS C 31 -150.72 33.57 53.45
C LYS C 31 -149.91 32.91 52.36
N ALA C 32 -149.59 33.68 51.32
CA ALA C 32 -148.86 33.15 50.18
C ALA C 32 -147.37 33.08 50.50
N LYS C 33 -146.91 31.89 50.88
CA LYS C 33 -145.50 31.66 51.20
C LYS C 33 -144.81 31.17 49.93
N THR C 34 -143.49 31.33 49.85
CA THR C 34 -142.74 30.99 48.64
C THR C 34 -141.97 29.70 48.87
N ARG C 35 -141.90 28.87 47.83
CA ARG C 35 -141.34 27.54 47.96
C ARG C 35 -139.82 27.57 48.11
N SER C 36 -139.16 28.60 47.59
CA SER C 36 -137.74 28.77 47.84
C SER C 36 -137.47 29.03 49.32
N SER C 37 -138.29 29.88 49.94
CA SER C 37 -138.17 30.11 51.37
C SER C 37 -138.66 28.91 52.18
N ARG C 38 -139.60 28.15 51.62
CA ARG C 38 -140.02 26.90 52.25
C ARG C 38 -138.87 25.91 52.31
N ALA C 39 -138.10 25.80 51.23
CA ALA C 39 -136.93 24.97 51.23
C ALA C 39 -135.69 25.69 51.75
N GLY C 40 -135.80 26.98 52.05
CA GLY C 40 -134.64 27.73 52.52
C GLY C 40 -133.67 28.12 51.44
N LEU C 41 -134.15 28.32 50.22
CA LEU C 41 -133.30 28.63 49.07
C LEU C 41 -133.56 30.03 48.55
N GLN C 42 -132.66 30.47 47.69
CA GLN C 42 -132.80 31.73 46.98
C GLN C 42 -133.26 31.57 45.55
N PHE C 43 -132.81 30.51 44.89
CA PHE C 43 -133.21 30.24 43.53
C PHE C 43 -134.67 29.81 43.48
N PRO C 44 -135.39 30.14 42.41
CA PRO C 44 -136.84 29.92 42.40
C PRO C 44 -137.20 28.47 42.18
N VAL C 45 -137.89 27.88 43.17
CA VAL C 45 -138.52 26.59 42.93
C VAL C 45 -139.62 26.73 41.87
N GLY C 46 -140.42 27.78 41.96
CA GLY C 46 -141.55 27.92 41.07
C GLY C 46 -141.17 28.15 39.62
N ARG C 47 -140.16 28.99 39.38
CA ARG C 47 -139.78 29.29 38.01
C ARG C 47 -139.09 28.11 37.34
N VAL C 48 -138.24 27.40 38.08
CA VAL C 48 -137.61 26.19 37.52
C VAL C 48 -138.67 25.12 37.26
N HIS C 49 -139.66 24.99 38.15
CA HIS C 49 -140.75 24.06 37.90
C HIS C 49 -141.54 24.44 36.66
N ARG C 50 -141.81 25.74 36.48
CA ARG C 50 -142.52 26.20 35.30
C ARG C 50 -141.71 25.97 34.04
N LEU C 51 -140.39 26.12 34.12
CA LEU C 51 -139.57 25.90 32.94
C LEU C 51 -139.42 24.43 32.61
N LEU C 52 -139.48 23.55 33.62
CA LEU C 52 -139.60 22.13 33.34
C LEU C 52 -140.93 21.81 32.68
N ARG C 53 -142.00 22.48 33.10
CA ARG C 53 -143.29 22.24 32.48
C ARG C 53 -143.32 22.78 31.06
N LYS C 54 -142.61 23.88 30.80
CA LYS C 54 -142.61 24.55 29.50
C LYS C 54 -141.37 24.27 28.67
N GLY C 55 -140.34 23.63 29.23
CA GLY C 55 -139.30 23.12 28.38
C GLY C 55 -139.66 21.83 27.70
N ASN C 56 -140.80 21.27 28.10
CA ASN C 56 -141.43 20.08 27.52
C ASN C 56 -140.47 18.90 27.60
N TYR C 57 -140.14 18.49 28.82
CA TYR C 57 -139.16 17.45 29.07
C TYR C 57 -139.80 16.18 29.60
N SER C 58 -140.97 16.30 30.20
CA SER C 58 -141.77 15.15 30.55
C SER C 58 -143.22 15.60 30.52
N GLU C 59 -144.12 14.63 30.51
CA GLU C 59 -145.52 15.00 30.75
C GLU C 59 -145.73 15.39 32.22
N ARG C 60 -145.08 14.70 33.16
CA ARG C 60 -145.33 14.94 34.58
C ARG C 60 -143.98 15.09 35.28
N VAL C 61 -143.93 15.98 36.28
CA VAL C 61 -142.69 16.34 36.97
C VAL C 61 -142.91 16.17 38.47
N GLY C 62 -142.01 15.45 39.12
CA GLY C 62 -142.07 15.29 40.56
C GLY C 62 -141.87 16.61 41.29
N ALA C 63 -142.43 16.68 42.49
CA ALA C 63 -142.45 17.95 43.23
C ALA C 63 -141.07 18.27 43.79
N GLY C 64 -140.32 17.26 44.21
CA GLY C 64 -138.99 17.52 44.72
C GLY C 64 -137.96 17.84 43.66
N ALA C 65 -138.29 17.56 42.40
CA ALA C 65 -137.35 17.80 41.31
C ALA C 65 -136.99 19.27 41.10
N PRO C 66 -137.93 20.23 41.05
CA PRO C 66 -137.48 21.64 40.94
C PRO C 66 -136.73 22.12 42.16
N VAL C 67 -137.08 21.63 43.36
CA VAL C 67 -136.35 22.01 44.57
C VAL C 67 -134.91 21.54 44.49
N TYR C 68 -134.72 20.29 44.08
CA TYR C 68 -133.38 19.75 43.91
C TYR C 68 -132.62 20.49 42.83
N LEU C 69 -133.28 20.80 41.71
CA LEU C 69 -132.59 21.42 40.60
C LEU C 69 -132.18 22.85 40.95
N ALA C 70 -133.06 23.55 41.68
CA ALA C 70 -132.73 24.88 42.17
C ALA C 70 -131.61 24.84 43.19
N ALA C 71 -131.58 23.77 44.01
CA ALA C 71 -130.48 23.62 44.96
C ALA C 71 -129.15 23.42 44.24
N VAL C 72 -129.14 22.60 43.19
CA VAL C 72 -127.92 22.35 42.44
C VAL C 72 -127.47 23.64 41.76
N LEU C 73 -128.41 24.37 41.14
CA LEU C 73 -128.07 25.63 40.49
C LEU C 73 -127.56 26.66 41.49
N GLU C 74 -128.21 26.77 42.65
CA GLU C 74 -127.79 27.75 43.64
C GLU C 74 -126.43 27.39 44.20
N TYR C 75 -126.13 26.11 44.35
CA TYR C 75 -124.82 25.71 44.86
C TYR C 75 -123.71 25.93 43.84
N LEU C 76 -123.98 25.64 42.57
CA LEU C 76 -123.00 25.93 41.53
C LEU C 76 -122.75 27.43 41.41
N THR C 77 -123.82 28.23 41.41
CA THR C 77 -123.64 29.67 41.35
C THR C 77 -122.98 30.20 42.61
N ALA C 78 -123.23 29.55 43.75
CA ALA C 78 -122.61 29.97 45.00
C ALA C 78 -121.12 29.77 44.97
N GLU C 79 -120.66 28.60 44.51
CA GLU C 79 -119.22 28.37 44.42
C GLU C 79 -118.59 29.27 43.38
N ILE C 80 -119.25 29.45 42.24
CA ILE C 80 -118.59 30.21 41.18
C ILE C 80 -118.60 31.70 41.50
N LEU C 81 -119.61 32.18 42.22
CA LEU C 81 -119.61 33.56 42.66
C LEU C 81 -118.66 33.77 43.83
N GLU C 82 -118.46 32.73 44.65
CA GLU C 82 -117.46 32.81 45.71
C GLU C 82 -116.07 32.92 45.11
N LEU C 83 -115.77 32.10 44.11
CA LEU C 83 -114.48 32.19 43.43
C LEU C 83 -114.36 33.50 42.64
N ALA C 84 -115.48 34.00 42.13
CA ALA C 84 -115.45 35.28 41.43
C ALA C 84 -115.15 36.44 42.37
N GLY C 85 -115.78 36.43 43.55
CA GLY C 85 -115.48 37.45 44.54
C GLY C 85 -114.07 37.34 45.09
N ASN C 86 -113.58 36.11 45.25
CA ASN C 86 -112.20 35.91 45.67
C ASN C 86 -111.22 36.41 44.63
N ALA C 87 -111.52 36.16 43.35
CA ALA C 87 -110.65 36.65 42.29
C ALA C 87 -110.71 38.16 42.17
N ALA C 88 -111.89 38.74 42.41
CA ALA C 88 -112.03 40.19 42.41
C ALA C 88 -111.25 40.82 43.55
N ARG C 89 -111.30 40.22 44.73
CA ARG C 89 -110.51 40.68 45.85
C ARG C 89 -109.02 40.50 45.59
N ASP C 90 -108.67 39.46 44.82
CA ASP C 90 -107.28 39.28 44.42
C ASP C 90 -106.81 40.39 43.50
N ASN C 91 -107.66 40.84 42.58
CA ASN C 91 -107.30 41.90 41.66
C ASN C 91 -107.68 43.28 42.17
N LYS C 92 -107.99 43.39 43.47
CA LYS C 92 -108.32 44.66 44.14
C LYS C 92 -109.51 45.37 43.49
N LYS C 93 -110.45 44.61 42.98
CA LYS C 93 -111.68 45.15 42.43
C LYS C 93 -112.84 44.70 43.28
N THR C 94 -113.77 45.61 43.54
CA THR C 94 -114.92 45.30 44.37
C THR C 94 -116.13 44.86 43.57
N ARG C 95 -115.98 44.64 42.26
CA ARG C 95 -117.09 44.31 41.40
C ARG C 95 -116.68 43.18 40.46
N ILE C 96 -117.59 42.22 40.24
CA ILE C 96 -117.28 41.09 39.38
C ILE C 96 -117.29 41.52 37.92
N ILE C 97 -116.19 41.24 37.22
CA ILE C 97 -116.05 41.53 35.80
C ILE C 97 -116.09 40.15 35.16
N PRO C 98 -116.46 40.00 33.88
CA PRO C 98 -116.38 38.66 33.26
C PRO C 98 -114.99 38.04 33.23
N ARG C 99 -113.93 38.84 33.31
CA ARG C 99 -112.59 38.28 33.46
C ARG C 99 -112.47 37.47 34.75
N HIS C 100 -113.08 37.96 35.83
CA HIS C 100 -113.12 37.21 37.07
C HIS C 100 -113.85 35.89 36.90
N LEU C 101 -114.92 35.89 36.11
CA LEU C 101 -115.67 34.67 35.86
C LEU C 101 -114.82 33.65 35.10
N GLN C 102 -114.10 34.11 34.08
CA GLN C 102 -113.27 33.21 33.28
C GLN C 102 -112.12 32.65 34.12
N LEU C 103 -111.52 33.51 34.96
CA LEU C 103 -110.47 33.05 35.86
C LEU C 103 -111.01 32.05 36.87
N ALA C 104 -112.26 32.22 37.30
CA ALA C 104 -112.84 31.30 38.26
C ALA C 104 -113.18 29.96 37.62
N ILE C 105 -113.66 29.98 36.37
CA ILE C 105 -113.90 28.72 35.65
C ILE C 105 -112.60 27.97 35.43
N ARG C 106 -111.59 28.63 34.87
CA ARG C 106 -110.43 27.90 34.38
C ARG C 106 -109.46 27.51 35.48
N ASN C 107 -109.55 28.12 36.66
CA ASN C 107 -108.63 27.76 37.73
C ASN C 107 -109.15 26.63 38.61
N ASP C 108 -110.39 26.20 38.43
CA ASP C 108 -110.90 24.99 39.05
C ASP C 108 -111.02 23.92 37.97
N GLU C 109 -110.23 22.84 38.12
CA GLU C 109 -110.15 21.84 37.07
C GLU C 109 -111.46 21.06 36.95
N GLU C 110 -112.19 20.93 38.05
CA GLU C 110 -113.47 20.24 37.99
C GLU C 110 -114.55 21.10 37.35
N LEU C 111 -114.56 22.40 37.66
CA LEU C 111 -115.41 23.32 36.92
C LEU C 111 -114.95 23.46 35.47
N ASN C 112 -113.64 23.32 35.23
CA ASN C 112 -113.13 23.33 33.86
C ASN C 112 -113.68 22.16 33.08
N LYS C 113 -113.72 20.97 33.72
CA LYS C 113 -114.27 19.79 33.06
C LYS C 113 -115.78 19.90 32.90
N LEU C 114 -116.44 20.63 33.80
CA LEU C 114 -117.86 20.91 33.61
C LEU C 114 -118.09 21.79 32.38
N LEU C 115 -117.25 22.79 32.17
CA LEU C 115 -117.44 23.79 31.13
C LEU C 115 -116.28 23.82 30.15
N GLY C 116 -115.87 22.67 29.63
CA GLY C 116 -114.77 22.63 28.68
C GLY C 116 -115.11 23.29 27.36
N ARG C 117 -116.35 23.15 26.91
CA ARG C 117 -116.75 23.59 25.57
C ARG C 117 -117.38 24.98 25.57
N VAL C 118 -117.46 25.63 26.72
CA VAL C 118 -118.21 26.88 26.87
C VAL C 118 -117.23 28.04 26.95
N THR C 119 -117.50 29.09 26.17
CA THR C 119 -116.67 30.29 26.17
C THR C 119 -117.39 31.42 26.90
N ILE C 120 -116.68 32.09 27.80
CA ILE C 120 -117.18 33.25 28.53
C ILE C 120 -117.03 34.47 27.63
N ALA C 121 -118.07 35.29 27.53
CA ALA C 121 -117.97 36.53 26.78
C ALA C 121 -117.06 37.52 27.49
N GLN C 122 -116.12 38.08 26.74
CA GLN C 122 -115.14 39.08 27.22
C GLN C 122 -114.31 38.57 28.40
N GLY C 123 -114.20 37.27 28.57
CA GLY C 123 -113.42 36.73 29.67
C GLY C 123 -111.97 36.56 29.27
N GLY C 124 -111.71 36.60 27.97
CA GLY C 124 -110.37 36.30 27.51
C GLY C 124 -110.08 34.82 27.70
N VAL C 125 -108.82 34.52 28.01
CA VAL C 125 -108.42 33.16 28.32
C VAL C 125 -107.53 33.22 29.55
N LEU C 126 -107.48 32.12 30.28
CA LEU C 126 -106.64 31.97 31.46
C LEU C 126 -105.18 32.20 31.08
N PRO C 127 -104.42 32.93 31.88
CA PRO C 127 -102.99 33.10 31.57
C PRO C 127 -102.23 31.80 31.78
N ASN C 128 -101.80 31.19 30.67
CA ASN C 128 -100.96 30.00 30.75
C ASN C 128 -99.99 30.04 29.57
N ILE C 129 -98.71 29.93 29.88
CA ILE C 129 -97.66 29.90 28.87
C ILE C 129 -96.93 28.58 29.03
N GLN C 130 -96.74 27.86 27.93
CA GLN C 130 -95.98 26.63 27.97
C GLN C 130 -94.51 26.93 28.30
N ALA C 131 -93.90 26.04 29.07
CA ALA C 131 -92.55 26.26 29.57
C ALA C 131 -91.51 26.29 28.46
N VAL C 132 -91.81 25.67 27.32
CA VAL C 132 -90.90 25.73 26.18
C VAL C 132 -90.85 27.15 25.63
N LEU C 133 -91.99 27.85 25.66
CA LEU C 133 -92.06 29.21 25.13
C LEU C 133 -91.25 30.17 25.98
N LEU C 134 -91.21 29.95 27.29
CA LEU C 134 -90.50 30.85 28.19
C LEU C 134 -88.99 30.72 27.98
N PRO C 135 -88.23 31.80 28.12
CA PRO C 135 -86.78 31.72 27.95
C PRO C 135 -86.12 31.08 29.17
N LYS C 136 -84.85 30.75 29.00
CA LYS C 136 -84.08 30.15 30.08
C LYS C 136 -83.45 31.21 30.97
N LYS D 31 -144.56 50.83 28.77
CA LYS D 31 -143.85 49.61 29.14
C LYS D 31 -143.97 48.57 28.05
N ARG D 32 -143.12 47.54 28.12
CA ARG D 32 -143.06 46.49 27.11
C ARG D 32 -143.37 45.15 27.77
N SER D 33 -143.20 44.08 26.99
CA SER D 33 -143.29 42.73 27.55
C SER D 33 -142.11 42.48 28.47
N ARG D 34 -142.40 41.89 29.63
CA ARG D 34 -141.34 41.64 30.62
C ARG D 34 -140.43 40.52 30.13
N LYS D 35 -139.13 40.75 30.27
CA LYS D 35 -138.10 39.79 29.88
C LYS D 35 -137.55 39.18 31.16
N GLU D 36 -137.87 37.91 31.39
CA GLU D 36 -137.49 37.26 32.64
C GLU D 36 -135.99 37.01 32.70
N SER D 37 -135.45 37.09 33.91
CA SER D 37 -134.02 36.94 34.14
C SER D 37 -133.82 36.33 35.51
N TYR D 38 -132.55 36.08 35.83
CA TYR D 38 -132.19 35.61 37.15
C TYR D 38 -131.42 36.65 37.96
N SER D 39 -131.74 37.93 37.79
CA SER D 39 -130.85 39.01 38.24
C SER D 39 -130.82 39.12 39.74
N VAL D 40 -131.96 39.41 40.37
CA VAL D 40 -132.00 39.64 41.81
C VAL D 40 -131.66 38.38 42.57
N TYR D 41 -131.88 37.22 41.97
CA TYR D 41 -131.59 35.94 42.63
C TYR D 41 -130.08 35.78 42.82
N VAL D 42 -129.33 35.95 41.73
CA VAL D 42 -127.88 35.88 41.78
C VAL D 42 -127.32 37.01 42.63
N TYR D 43 -128.00 38.15 42.63
CA TYR D 43 -127.58 39.25 43.50
C TYR D 43 -127.72 38.88 44.97
N LYS D 44 -128.81 38.21 45.34
CA LYS D 44 -128.97 37.72 46.71
C LYS D 44 -127.91 36.70 47.05
N VAL D 45 -127.59 35.81 46.11
CA VAL D 45 -126.55 34.81 46.35
C VAL D 45 -125.19 35.46 46.58
N LEU D 46 -124.87 36.48 45.77
CA LEU D 46 -123.62 37.20 45.94
C LEU D 46 -123.57 37.94 47.27
N LYS D 47 -124.67 38.59 47.66
CA LYS D 47 -124.69 39.30 48.94
C LYS D 47 -124.62 38.34 50.11
N GLN D 48 -125.08 37.10 49.94
CA GLN D 48 -124.90 36.11 50.99
C GLN D 48 -123.45 35.62 51.05
N VAL D 49 -122.80 35.47 49.89
CA VAL D 49 -121.47 34.88 49.92
C VAL D 49 -120.38 35.95 50.02
N HIS D 50 -120.66 37.17 49.58
CA HIS D 50 -119.67 38.25 49.59
C HIS D 50 -120.39 39.57 49.83
N PRO D 51 -120.35 40.08 51.07
CA PRO D 51 -121.11 41.30 51.38
C PRO D 51 -120.64 42.54 50.64
N ASP D 52 -119.34 42.67 50.38
CA ASP D 52 -118.78 43.90 49.84
C ASP D 52 -118.48 43.85 48.35
N THR D 53 -118.72 42.72 47.70
CA THR D 53 -118.34 42.54 46.30
C THR D 53 -119.53 42.80 45.39
N GLY D 54 -119.30 43.54 44.31
CA GLY D 54 -120.32 43.88 43.36
C GLY D 54 -120.30 43.02 42.12
N ILE D 55 -121.22 43.33 41.20
CA ILE D 55 -121.40 42.55 39.97
C ILE D 55 -121.60 43.52 38.82
N SER D 56 -121.11 43.14 37.64
CA SER D 56 -121.36 43.94 36.45
C SER D 56 -122.53 43.36 35.66
N SER D 57 -123.04 44.14 34.72
CA SER D 57 -124.18 43.70 33.92
C SER D 57 -123.80 42.59 32.96
N LYS D 58 -122.60 42.68 32.38
CA LYS D 58 -122.15 41.62 31.47
C LYS D 58 -121.89 40.33 32.22
N ALA D 59 -121.32 40.44 33.42
CA ALA D 59 -121.18 39.27 34.29
C ALA D 59 -122.55 38.69 34.65
N MET D 60 -123.55 39.56 34.79
CA MET D 60 -124.89 39.06 35.08
C MET D 60 -125.50 38.36 33.87
N GLY D 61 -125.22 38.85 32.66
CA GLY D 61 -125.65 38.14 31.46
C GLY D 61 -125.00 36.78 31.35
N ILE D 62 -123.72 36.69 31.71
CA ILE D 62 -123.02 35.41 31.72
C ILE D 62 -123.58 34.47 32.78
N MET D 63 -124.03 35.01 33.91
CA MET D 63 -124.72 34.18 34.90
C MET D 63 -126.10 33.72 34.41
N ASN D 64 -126.80 34.56 33.65
CA ASN D 64 -128.04 34.08 33.02
C ASN D 64 -127.73 32.96 32.04
N SER D 65 -126.66 33.10 31.26
CA SER D 65 -126.25 32.06 30.33
C SER D 65 -125.85 30.79 31.07
N PHE D 66 -125.17 30.94 32.21
CA PHE D 66 -124.78 29.81 33.05
C PHE D 66 -125.98 29.05 33.59
N VAL D 67 -126.92 29.75 34.21
CA VAL D 67 -128.05 29.05 34.81
C VAL D 67 -128.92 28.43 33.72
N ASN D 68 -129.04 29.09 32.57
CA ASN D 68 -129.81 28.53 31.47
C ASN D 68 -129.13 27.30 30.89
N ASP D 69 -127.79 27.33 30.76
CA ASP D 69 -127.07 26.21 30.16
C ASP D 69 -127.09 25.01 31.10
N ILE D 70 -126.80 25.22 32.37
CA ILE D 70 -126.77 24.11 33.32
C ILE D 70 -128.17 23.55 33.52
N PHE D 71 -129.18 24.42 33.56
CA PHE D 71 -130.56 23.98 33.58
C PHE D 71 -130.89 23.14 32.36
N GLU D 72 -130.42 23.57 31.19
CA GLU D 72 -130.66 22.84 29.95
C GLU D 72 -130.00 21.48 29.97
N ARG D 73 -128.75 21.40 30.43
CA ARG D 73 -128.02 20.15 30.45
C ARG D 73 -128.67 19.15 31.41
N ILE D 74 -128.92 19.58 32.65
CA ILE D 74 -129.51 18.71 33.65
C ILE D 74 -130.92 18.28 33.23
N ALA D 75 -131.73 19.23 32.74
CA ALA D 75 -133.09 18.90 32.39
C ALA D 75 -133.16 17.99 31.17
N GLY D 76 -132.29 18.21 30.18
CA GLY D 76 -132.29 17.35 29.01
C GLY D 76 -131.85 15.94 29.31
N GLU D 77 -130.76 15.79 30.06
CA GLU D 77 -130.31 14.44 30.39
C GLU D 77 -131.28 13.74 31.33
N ALA D 78 -131.90 14.46 32.25
CA ALA D 78 -132.85 13.83 33.14
C ALA D 78 -134.15 13.48 32.40
N SER D 79 -134.51 14.26 31.38
CA SER D 79 -135.64 13.90 30.53
C SER D 79 -135.36 12.62 29.75
N ARG D 80 -134.14 12.49 29.23
CA ARG D 80 -133.77 11.23 28.56
C ARG D 80 -133.76 10.06 29.53
N LEU D 81 -133.29 10.27 30.77
CA LEU D 81 -133.37 9.24 31.80
C LEU D 81 -134.80 8.86 32.10
N ALA D 82 -135.71 9.83 32.07
CA ALA D 82 -137.13 9.53 32.27
C ALA D 82 -137.67 8.69 31.12
N HIS D 83 -137.23 8.96 29.90
CA HIS D 83 -137.69 8.18 28.74
C HIS D 83 -137.12 6.77 28.77
N TYR D 84 -135.90 6.60 29.28
CA TYR D 84 -135.20 5.33 29.12
C TYR D 84 -135.82 4.25 30.00
N ASN D 85 -136.25 4.63 31.20
CA ASN D 85 -136.96 3.74 32.10
C ASN D 85 -138.46 3.73 31.82
N LYS D 86 -138.88 4.35 30.71
CA LYS D 86 -140.28 4.49 30.33
C LYS D 86 -141.10 5.15 31.42
N ARG D 87 -140.53 6.18 32.03
CA ARG D 87 -141.14 6.87 33.15
C ARG D 87 -141.75 8.18 32.69
N SER D 88 -143.00 8.39 33.07
CA SER D 88 -143.71 9.63 32.79
C SER D 88 -143.36 10.74 33.76
N THR D 89 -142.65 10.43 34.83
CA THR D 89 -142.32 11.38 35.88
C THR D 89 -140.82 11.63 35.86
N ILE D 90 -140.44 12.89 35.97
CA ILE D 90 -139.10 13.25 36.40
C ILE D 90 -139.20 13.72 37.85
N THR D 91 -138.49 13.05 38.74
CA THR D 91 -138.49 13.39 40.16
C THR D 91 -137.06 13.73 40.59
N SER D 92 -136.90 13.88 41.91
CA SER D 92 -135.61 14.24 42.48
C SER D 92 -134.58 13.14 42.28
N ARG D 93 -135.03 11.90 42.16
CA ARG D 93 -134.12 10.78 41.91
C ARG D 93 -133.49 10.88 40.53
N GLU D 94 -134.29 11.20 39.50
CA GLU D 94 -133.76 11.34 38.15
C GLU D 94 -132.80 12.51 38.06
N ILE D 95 -133.13 13.64 38.70
CA ILE D 95 -132.24 14.79 38.68
C ILE D 95 -130.97 14.49 39.46
N GLN D 96 -131.11 13.76 40.57
CA GLN D 96 -129.95 13.35 41.37
C GLN D 96 -129.00 12.49 40.54
N THR D 97 -129.55 11.52 39.82
CA THR D 97 -128.74 10.69 38.95
C THR D 97 -128.09 11.53 37.86
N ALA D 98 -128.84 12.48 37.31
CA ALA D 98 -128.30 13.37 36.28
C ALA D 98 -127.14 14.21 36.82
N VAL D 99 -127.22 14.60 38.08
CA VAL D 99 -126.10 15.28 38.72
C VAL D 99 -124.90 14.36 38.81
N ARG D 100 -125.13 13.08 39.15
CA ARG D 100 -124.01 12.14 39.21
C ARG D 100 -123.37 11.92 37.86
N LEU D 101 -124.17 11.90 36.78
CA LEU D 101 -123.56 11.80 35.45
C LEU D 101 -122.80 13.07 35.07
N LEU D 102 -123.46 14.22 35.13
CA LEU D 102 -122.88 15.42 34.52
C LEU D 102 -121.87 16.09 35.45
N LEU D 103 -122.22 16.27 36.69
CA LEU D 103 -121.29 16.97 37.57
C LEU D 103 -120.17 16.03 37.97
N PRO D 104 -118.92 16.48 37.92
CA PRO D 104 -117.81 15.62 38.35
C PRO D 104 -117.66 15.59 39.87
N GLY D 105 -117.22 14.44 40.36
CA GLY D 105 -116.64 14.23 41.68
C GLY D 105 -117.24 14.90 42.91
N GLU D 106 -116.42 15.72 43.57
CA GLU D 106 -116.87 16.36 44.80
C GLU D 106 -117.95 17.40 44.53
N LEU D 107 -117.93 18.02 43.35
CA LEU D 107 -119.04 18.88 42.94
C LEU D 107 -120.33 18.08 42.90
N ALA D 108 -120.26 16.87 42.35
CA ALA D 108 -121.42 16.00 42.27
C ALA D 108 -121.92 15.62 43.66
N LYS D 109 -121.04 15.15 44.54
CA LYS D 109 -121.55 14.65 45.82
C LYS D 109 -121.96 15.79 46.74
N HIS D 110 -121.32 16.95 46.65
CA HIS D 110 -121.77 18.10 47.42
C HIS D 110 -123.11 18.59 46.92
N ALA D 111 -123.29 18.66 45.59
CA ALA D 111 -124.58 19.07 45.04
C ALA D 111 -125.67 18.09 45.44
N VAL D 112 -125.32 16.80 45.54
CA VAL D 112 -126.23 15.83 46.13
C VAL D 112 -126.56 16.19 47.57
N SER D 113 -125.55 16.60 48.35
CA SER D 113 -125.79 16.93 49.75
C SER D 113 -126.77 18.10 49.90
N GLU D 114 -126.54 19.18 49.16
CA GLU D 114 -127.48 20.31 49.26
C GLU D 114 -128.82 20.00 48.62
N GLY D 115 -128.86 19.10 47.64
CA GLY D 115 -130.14 18.65 47.12
C GLY D 115 -130.96 17.91 48.16
N THR D 116 -130.31 17.03 48.92
CA THR D 116 -131.01 16.31 49.98
C THR D 116 -131.44 17.24 51.10
N LYS D 117 -130.58 18.18 51.52
CA LYS D 117 -131.00 19.12 52.55
C LYS D 117 -132.16 19.99 52.08
N ALA D 118 -132.12 20.41 50.81
CA ALA D 118 -133.22 21.20 50.26
C ALA D 118 -134.52 20.42 50.21
N VAL D 119 -134.48 19.16 49.78
CA VAL D 119 -135.73 18.41 49.65
C VAL D 119 -136.26 18.02 51.02
N THR D 120 -135.38 17.77 51.99
CA THR D 120 -135.85 17.47 53.34
C THR D 120 -136.44 18.70 54.00
N LYS D 121 -135.86 19.89 53.76
CA LYS D 121 -136.46 21.10 54.28
C LYS D 121 -137.80 21.39 53.60
N TYR D 122 -137.92 21.10 52.31
CA TYR D 122 -139.19 21.34 51.62
C TYR D 122 -140.28 20.36 52.07
N THR D 123 -139.93 19.09 52.26
CA THR D 123 -140.93 18.13 52.76
C THR D 123 -141.30 18.42 54.21
N SER D 124 -140.38 18.99 54.98
CA SER D 124 -140.72 19.47 56.32
C SER D 124 -141.29 20.89 56.30
N ALA D 125 -141.49 21.45 55.10
CA ALA D 125 -142.06 22.78 54.87
C ALA D 125 -141.33 23.88 55.61
N LYS E 38 -76.81 54.73 19.70
CA LYS E 38 -77.60 53.66 19.12
C LYS E 38 -78.97 53.57 19.78
N PRO E 39 -80.02 53.54 18.97
CA PRO E 39 -81.39 53.43 19.51
C PRO E 39 -81.61 52.09 20.18
N HIS E 40 -82.50 52.09 21.15
CA HIS E 40 -82.77 50.88 21.92
C HIS E 40 -83.55 49.88 21.07
N ARG E 41 -83.33 48.60 21.35
CA ARG E 41 -83.81 47.54 20.45
C ARG E 41 -84.01 46.27 21.26
N TYR E 42 -85.20 45.68 21.18
CA TYR E 42 -85.48 44.43 21.89
C TYR E 42 -85.18 43.22 21.00
N ARG E 43 -84.86 42.11 21.65
CA ARG E 43 -84.63 40.86 20.94
C ARG E 43 -85.95 40.21 20.53
N PRO E 44 -85.95 39.40 19.48
CA PRO E 44 -87.20 38.78 19.00
C PRO E 44 -87.81 37.86 20.04
N GLY E 45 -89.13 37.85 20.10
CA GLY E 45 -89.87 37.04 21.03
C GLY E 45 -90.11 37.69 22.38
N THR E 46 -89.23 38.60 22.79
CA THR E 46 -89.40 39.27 24.08
C THR E 46 -90.61 40.19 24.05
N VAL E 47 -90.71 41.01 23.00
CA VAL E 47 -91.93 41.78 22.77
C VAL E 47 -93.10 40.86 22.51
N ALA E 48 -92.86 39.73 21.85
CA ALA E 48 -93.93 38.76 21.64
C ALA E 48 -94.40 38.18 22.97
N LEU E 49 -93.47 37.91 23.89
CA LEU E 49 -93.86 37.38 25.19
C LEU E 49 -94.59 38.44 26.01
N ARG E 50 -94.18 39.70 25.90
CA ARG E 50 -94.92 40.76 26.58
C ARG E 50 -96.30 40.91 25.99
N GLU E 51 -96.41 40.79 24.66
CA GLU E 51 -97.71 40.79 24.00
C GLU E 51 -98.56 39.63 24.47
N ILE E 52 -97.95 38.45 24.67
CA ILE E 52 -98.63 37.30 25.24
C ILE E 52 -99.26 37.67 26.57
N ARG E 53 -98.41 38.05 27.54
CA ARG E 53 -98.88 38.32 28.90
C ARG E 53 -99.90 39.45 28.94
N ARG E 54 -99.79 40.38 27.99
CA ARG E 54 -100.81 41.42 27.81
C ARG E 54 -102.13 40.83 27.34
N TYR E 55 -102.11 39.99 26.30
CA TYR E 55 -103.38 39.54 25.74
C TYR E 55 -104.07 38.45 26.55
N GLN E 56 -103.35 37.58 27.27
CA GLN E 56 -104.10 36.94 28.34
C GLN E 56 -104.44 37.89 29.48
N LYS E 57 -103.68 38.95 29.70
CA LYS E 57 -104.10 39.90 30.72
C LYS E 57 -105.28 40.75 30.22
N SER E 58 -105.34 41.03 28.92
CA SER E 58 -106.42 41.85 28.40
C SER E 58 -107.65 40.99 28.14
N THR E 59 -108.80 41.67 28.05
CA THR E 59 -110.07 40.99 27.80
C THR E 59 -110.81 41.50 26.57
N GLU E 60 -110.33 42.55 25.90
CA GLU E 60 -111.11 43.15 24.83
C GLU E 60 -111.02 42.36 23.54
N LEU E 61 -111.85 42.77 22.58
CA LEU E 61 -111.91 42.17 21.26
C LEU E 61 -110.63 42.42 20.47
N LEU E 62 -110.20 41.41 19.73
CA LEU E 62 -108.98 41.51 18.94
C LEU E 62 -109.24 41.67 17.45
N ILE E 63 -110.46 41.53 17.02
CA ILE E 63 -110.83 41.73 15.62
C ILE E 63 -111.47 43.10 15.50
N ARG E 64 -111.08 43.84 14.44
CA ARG E 64 -111.72 45.12 14.14
C ARG E 64 -113.21 44.89 13.87
N LYS E 65 -114.04 45.79 14.39
CA LYS E 65 -115.48 45.53 14.45
C LYS E 65 -116.13 45.59 13.07
N LEU E 66 -115.99 46.72 12.39
CA LEU E 66 -116.66 46.95 11.12
C LEU E 66 -116.10 46.11 9.97
N PRO E 67 -114.78 45.85 9.86
CA PRO E 67 -114.34 44.84 8.89
C PRO E 67 -114.91 43.44 9.14
N PHE E 68 -115.07 43.05 10.40
CA PHE E 68 -115.72 41.78 10.68
C PHE E 68 -117.18 41.82 10.26
N GLN E 69 -117.83 42.98 10.45
CA GLN E 69 -119.19 43.15 9.98
C GLN E 69 -119.28 43.01 8.46
N ARG E 70 -118.30 43.58 7.76
CA ARG E 70 -118.25 43.42 6.31
C ARG E 70 -118.07 41.96 5.91
N LEU E 71 -117.21 41.24 6.63
CA LEU E 71 -116.99 39.83 6.31
C LEU E 71 -118.24 38.99 6.55
N VAL E 72 -118.94 39.24 7.66
CA VAL E 72 -120.11 38.44 7.96
C VAL E 72 -121.25 38.78 7.00
N ARG E 73 -121.33 40.04 6.53
CA ARG E 73 -122.30 40.36 5.50
C ARG E 73 -121.95 39.69 4.18
N GLU E 74 -120.66 39.60 3.85
CA GLU E 74 -120.24 38.92 2.62
C GLU E 74 -120.59 37.44 2.64
N ILE E 75 -120.39 36.81 3.80
CA ILE E 75 -120.73 35.39 3.91
C ILE E 75 -122.25 35.21 3.90
N ALA E 76 -122.98 36.14 4.53
CA ALA E 76 -124.44 36.04 4.61
C ALA E 76 -125.09 36.19 3.24
N GLN E 77 -124.60 37.12 2.43
CA GLN E 77 -125.21 37.35 1.12
C GLN E 77 -124.95 36.20 0.16
N ASP E 78 -124.00 35.32 0.48
CA ASP E 78 -123.82 34.08 -0.27
C ASP E 78 -124.95 33.09 -0.02
N PHE E 79 -125.69 33.22 1.07
CA PHE E 79 -126.81 32.35 1.37
C PHE E 79 -128.15 33.02 1.14
N LYS E 80 -128.28 34.27 1.55
CA LYS E 80 -129.50 35.03 1.33
C LYS E 80 -129.11 36.49 1.18
N THR E 81 -129.57 37.10 0.09
CA THR E 81 -129.10 38.43 -0.25
C THR E 81 -129.78 39.51 0.59
N ASP E 82 -129.04 40.59 0.80
CA ASP E 82 -129.50 41.81 1.46
C ASP E 82 -129.97 41.51 2.90
N LEU E 83 -129.18 40.74 3.63
CA LEU E 83 -129.51 40.46 5.02
C LEU E 83 -129.15 41.63 5.92
N ARG E 84 -129.83 41.71 7.05
CA ARG E 84 -129.60 42.76 8.04
C ARG E 84 -129.15 42.12 9.35
N PHE E 85 -128.33 42.85 10.09
CA PHE E 85 -127.64 42.31 11.26
C PHE E 85 -127.90 43.16 12.48
N GLN E 86 -128.17 42.51 13.61
CA GLN E 86 -128.06 43.18 14.89
C GLN E 86 -126.58 43.39 15.20
N SER E 87 -126.25 44.53 15.80
CA SER E 87 -124.86 44.80 16.17
C SER E 87 -124.40 43.83 17.24
N SER E 88 -125.31 43.46 18.15
CA SER E 88 -125.01 42.41 19.12
C SER E 88 -124.75 41.07 18.45
N ALA E 89 -125.45 40.78 17.34
CA ALA E 89 -125.18 39.54 16.62
C ALA E 89 -123.80 39.55 15.99
N VAL E 90 -123.38 40.68 15.44
CA VAL E 90 -122.04 40.77 14.87
C VAL E 90 -120.99 40.67 15.97
N MET E 91 -121.27 41.25 17.14
CA MET E 91 -120.33 41.14 18.25
C MET E 91 -120.27 39.72 18.79
N ALA E 92 -121.41 39.01 18.81
CA ALA E 92 -121.42 37.64 19.27
C ALA E 92 -120.69 36.73 18.30
N LEU E 93 -120.88 36.95 16.99
CA LEU E 93 -120.12 36.21 15.99
C LEU E 93 -118.64 36.51 16.10
N GLN E 94 -118.28 37.76 16.40
CA GLN E 94 -116.88 38.12 16.52
C GLN E 94 -116.26 37.49 17.75
N GLU E 95 -117.00 37.48 18.87
CA GLU E 95 -116.51 36.84 20.08
C GLU E 95 -116.37 35.34 19.89
N ALA E 96 -117.34 34.71 19.21
CA ALA E 96 -117.26 33.28 18.97
C ALA E 96 -116.14 32.94 18.00
N SER E 97 -115.90 33.81 17.02
CA SER E 97 -114.81 33.58 16.08
C SER E 97 -113.46 33.72 16.77
N GLU E 98 -113.33 34.73 17.63
CA GLU E 98 -112.12 34.86 18.43
C GLU E 98 -111.94 33.67 19.35
N ALA E 99 -113.04 33.17 19.92
CA ALA E 99 -112.97 32.00 20.80
C ALA E 99 -112.53 30.77 20.03
N TYR E 100 -113.11 30.54 18.85
CA TYR E 100 -112.76 29.42 18.01
C TYR E 100 -111.30 29.47 17.61
N LEU E 101 -110.84 30.64 17.17
CA LEU E 101 -109.45 30.75 16.77
C LEU E 101 -108.52 30.66 17.96
N VAL E 102 -108.88 31.22 19.11
CA VAL E 102 -108.02 31.15 20.29
C VAL E 102 -107.86 29.70 20.76
N GLY E 103 -108.97 28.95 20.83
CA GLY E 103 -108.86 27.54 21.17
C GLY E 103 -108.11 26.75 20.12
N LEU E 104 -108.29 27.11 18.85
CA LEU E 104 -107.58 26.46 17.76
C LEU E 104 -106.08 26.70 17.88
N PHE E 105 -105.67 27.90 18.29
CA PHE E 105 -104.24 28.12 18.49
C PHE E 105 -103.73 27.58 19.82
N GLU E 106 -104.59 27.36 20.82
CA GLU E 106 -104.18 26.53 21.96
C GLU E 106 -103.75 25.17 21.47
N ASP E 107 -104.62 24.52 20.69
CA ASP E 107 -104.32 23.19 20.18
C ASP E 107 -103.14 23.23 19.21
N THR E 108 -103.03 24.30 18.44
CA THR E 108 -101.94 24.44 17.48
C THR E 108 -100.61 24.62 18.19
N ASN E 109 -100.61 25.40 19.29
CA ASN E 109 -99.39 25.57 20.07
C ASN E 109 -98.98 24.26 20.72
N LEU E 110 -99.97 23.48 21.18
CA LEU E 110 -99.68 22.16 21.73
C LEU E 110 -99.09 21.23 20.67
N ALA E 111 -99.63 21.28 19.46
CA ALA E 111 -99.10 20.45 18.38
C ALA E 111 -97.72 20.93 17.94
N ALA E 112 -97.46 22.22 18.07
CA ALA E 112 -96.16 22.76 17.66
C ALA E 112 -95.08 22.36 18.66
N ILE E 113 -95.39 22.44 19.96
CA ILE E 113 -94.41 22.00 20.95
C ILE E 113 -94.34 20.48 20.98
N HIS E 114 -95.38 19.82 20.46
CA HIS E 114 -95.33 18.38 20.26
C HIS E 114 -94.25 17.99 19.27
N ALA E 115 -94.10 18.75 18.20
CA ALA E 115 -93.09 18.47 17.19
C ALA E 115 -91.74 19.11 17.48
N LYS E 116 -91.48 19.45 18.76
CA LYS E 116 -90.25 20.10 19.21
C LYS E 116 -90.00 21.43 18.50
N ARG E 117 -91.06 22.13 18.13
CA ARG E 117 -90.99 23.44 17.50
C ARG E 117 -91.71 24.48 18.36
N VAL E 118 -91.40 25.74 18.10
CA VAL E 118 -92.11 26.84 18.74
C VAL E 118 -92.93 27.65 17.77
N THR E 119 -92.60 27.65 16.48
CA THR E 119 -93.38 28.34 15.46
C THR E 119 -94.37 27.36 14.86
N ILE E 120 -95.64 27.74 14.87
CA ILE E 120 -96.68 26.88 14.33
C ILE E 120 -96.62 26.87 12.82
N MET E 121 -97.19 25.84 12.22
CA MET E 121 -97.18 25.62 10.77
C MET E 121 -98.57 25.21 10.32
N PRO E 122 -98.85 25.30 9.00
CA PRO E 122 -100.14 24.81 8.50
C PRO E 122 -100.43 23.35 8.80
N LYS E 123 -99.40 22.50 8.83
CA LYS E 123 -99.65 21.12 9.20
C LYS E 123 -100.01 20.98 10.66
N ASP E 124 -99.55 21.89 11.53
CA ASP E 124 -100.02 21.90 12.92
C ASP E 124 -101.50 22.23 13.00
N ILE E 125 -101.94 23.24 12.24
CA ILE E 125 -103.35 23.62 12.25
C ILE E 125 -104.21 22.49 11.70
N GLN E 126 -103.74 21.87 10.61
CA GLN E 126 -104.49 20.78 10.01
C GLN E 126 -104.53 19.56 10.93
N LEU E 127 -103.43 19.30 11.64
CA LEU E 127 -103.40 18.21 12.60
C LEU E 127 -104.38 18.43 13.73
N ALA E 128 -104.38 19.64 14.31
CA ALA E 128 -105.29 19.94 15.40
C ALA E 128 -106.73 19.87 14.95
N ARG E 129 -107.00 20.38 13.75
CA ARG E 129 -108.35 20.36 13.19
C ARG E 129 -108.79 18.94 12.91
N ARG E 130 -107.87 18.08 12.48
CA ARG E 130 -108.22 16.69 12.19
C ARG E 130 -108.45 15.88 13.45
N ILE E 131 -107.59 16.08 14.46
CA ILE E 131 -107.74 15.34 15.72
C ILE E 131 -108.99 15.79 16.46
N ARG E 132 -109.30 17.08 16.40
CA ARG E 132 -110.51 17.60 17.03
C ARG E 132 -111.77 16.99 16.43
N GLY E 133 -111.73 16.61 15.16
CA GLY E 133 -112.90 16.04 14.53
C GLY E 133 -113.67 17.01 13.66
N GLU E 134 -113.00 17.76 12.81
CA GLU E 134 -113.66 18.76 12.00
C GLU E 134 -113.49 18.46 10.51
N LYS F 21 -122.70 47.71 -3.02
CA LYS F 21 -123.74 46.79 -2.58
C LYS F 21 -123.18 45.38 -2.45
N VAL F 22 -122.52 44.91 -3.51
CA VAL F 22 -121.86 43.61 -3.47
C VAL F 22 -120.48 43.76 -2.83
N LEU F 23 -120.04 42.69 -2.17
CA LEU F 23 -118.75 42.68 -1.47
C LEU F 23 -117.93 41.53 -2.00
N ARG F 24 -116.69 41.80 -2.39
CA ARG F 24 -115.91 40.76 -3.06
C ARG F 24 -114.81 40.20 -2.17
N ASP F 25 -114.13 41.04 -1.40
CA ASP F 25 -112.95 40.61 -0.65
C ASP F 25 -112.96 41.25 0.73
N ASN F 26 -113.50 40.51 1.70
CA ASN F 26 -113.36 40.88 3.10
C ASN F 26 -112.55 39.85 3.87
N ILE F 27 -112.05 38.82 3.19
CA ILE F 27 -111.10 37.89 3.78
C ILE F 27 -109.84 38.63 4.19
N GLN F 28 -109.38 39.57 3.38
CA GLN F 28 -108.29 40.43 3.79
C GLN F 28 -108.73 41.45 4.85
N GLY F 29 -110.02 41.57 5.12
CA GLY F 29 -110.49 42.42 6.20
C GLY F 29 -110.10 41.94 7.58
N ILE F 30 -109.88 40.64 7.74
CA ILE F 30 -109.25 40.10 8.95
C ILE F 30 -107.75 40.19 8.71
N THR F 31 -107.15 41.29 9.16
CA THR F 31 -105.78 41.60 8.81
C THR F 31 -104.80 40.67 9.51
N LYS F 32 -103.58 40.62 8.97
CA LYS F 32 -102.50 39.86 9.56
C LYS F 32 -102.16 40.24 11.00
N PRO F 33 -102.10 41.53 11.40
CA PRO F 33 -101.96 41.81 12.84
C PRO F 33 -103.11 41.33 13.70
N ALA F 34 -104.33 41.26 13.16
CA ALA F 34 -105.44 40.73 13.92
C ALA F 34 -105.25 39.25 14.22
N ILE F 35 -104.78 38.49 13.23
CA ILE F 35 -104.46 37.07 13.43
C ILE F 35 -103.30 36.94 14.40
N ARG F 36 -102.31 37.84 14.30
CA ARG F 36 -101.19 37.86 15.22
C ARG F 36 -101.66 38.02 16.66
N ARG F 37 -102.56 38.97 16.91
CA ARG F 37 -103.02 39.20 18.27
C ARG F 37 -103.96 38.09 18.75
N LEU F 38 -104.70 37.47 17.83
CA LEU F 38 -105.49 36.30 18.20
C LEU F 38 -104.62 35.18 18.69
N ALA F 39 -103.51 34.91 18.00
CA ALA F 39 -102.62 33.85 18.43
C ALA F 39 -101.83 34.25 19.66
N ARG F 40 -101.61 35.55 19.86
CA ARG F 40 -101.03 36.01 21.11
C ARG F 40 -101.98 35.74 22.29
N ARG F 41 -103.29 35.90 22.06
CA ARG F 41 -104.22 35.44 23.09
C ARG F 41 -104.20 33.92 23.17
N GLY F 42 -103.87 33.26 22.07
CA GLY F 42 -103.80 31.81 22.05
C GLY F 42 -102.55 31.23 22.65
N GLY F 43 -101.62 32.05 23.13
CA GLY F 43 -100.38 31.55 23.67
C GLY F 43 -99.34 31.20 22.65
N VAL F 44 -99.49 31.64 21.41
CA VAL F 44 -98.54 31.33 20.36
C VAL F 44 -97.41 32.35 20.39
N LYS F 45 -96.19 31.86 20.59
CA LYS F 45 -95.05 32.75 20.64
C LYS F 45 -94.60 33.18 19.24
N ARG F 46 -94.65 32.28 18.26
CA ARG F 46 -94.19 32.58 16.91
C ARG F 46 -95.11 31.97 15.87
N ILE F 47 -95.37 32.72 14.80
CA ILE F 47 -96.38 32.39 13.79
C ILE F 47 -95.66 32.31 12.45
N SER F 48 -95.88 31.24 11.71
CA SER F 48 -95.30 31.18 10.38
C SER F 48 -96.03 32.13 9.43
N GLY F 49 -95.37 32.43 8.31
CA GLY F 49 -95.95 33.35 7.35
C GLY F 49 -97.10 32.76 6.57
N LEU F 50 -97.16 31.44 6.45
CA LEU F 50 -98.23 30.78 5.72
C LEU F 50 -99.46 30.54 6.56
N ILE F 51 -99.41 30.93 7.84
CA ILE F 51 -100.53 30.71 8.75
C ILE F 51 -101.73 31.56 8.38
N TYR F 52 -101.49 32.82 8.00
CA TYR F 52 -102.55 33.83 7.98
C TYR F 52 -103.62 33.52 6.93
N GLU F 53 -103.21 33.19 5.70
CA GLU F 53 -104.20 32.91 4.66
C GLU F 53 -104.99 31.65 4.98
N GLU F 54 -104.33 30.67 5.61
CA GLU F 54 -104.98 29.43 5.97
C GLU F 54 -106.00 29.66 7.07
N THR F 55 -105.64 30.45 8.09
CA THR F 55 -106.57 30.76 9.17
C THR F 55 -107.71 31.64 8.68
N ARG F 56 -107.44 32.49 7.69
CA ARG F 56 -108.54 33.21 7.03
C ARG F 56 -109.50 32.24 6.38
N GLY F 57 -108.97 31.25 5.67
CA GLY F 57 -109.82 30.22 5.09
C GLY F 57 -110.55 29.38 6.13
N VAL F 58 -109.86 29.05 7.22
CA VAL F 58 -110.44 28.23 8.28
C VAL F 58 -111.55 28.99 8.99
N LEU F 59 -111.33 30.27 9.26
CA LEU F 59 -112.38 31.11 9.83
C LEU F 59 -113.53 31.25 8.84
N LYS F 60 -113.23 31.34 7.55
CA LYS F 60 -114.29 31.41 6.55
C LYS F 60 -115.13 30.15 6.56
N VAL F 61 -114.48 28.98 6.71
CA VAL F 61 -115.20 27.70 6.74
C VAL F 61 -116.03 27.59 8.01
N PHE F 62 -115.46 28.01 9.13
CA PHE F 62 -116.20 28.01 10.39
C PHE F 62 -117.40 28.94 10.33
N LEU F 63 -117.24 30.10 9.69
CA LEU F 63 -118.37 30.99 9.49
C LEU F 63 -119.36 30.44 8.48
N GLU F 64 -118.90 29.63 7.50
CA GLU F 64 -119.86 28.94 6.64
C GLU F 64 -120.76 28.05 7.49
N ASN F 65 -120.13 27.25 8.35
CA ASN F 65 -120.87 26.31 9.20
C ASN F 65 -121.80 27.04 10.16
N VAL F 66 -121.35 28.18 10.71
CA VAL F 66 -122.18 28.90 11.66
C VAL F 66 -123.28 29.67 10.95
N ILE F 67 -122.91 30.52 10.00
CA ILE F 67 -123.81 31.48 9.40
C ILE F 67 -124.84 30.82 8.51
N ARG F 68 -124.50 29.71 7.84
CA ARG F 68 -125.49 28.98 7.06
C ARG F 68 -126.64 28.52 7.95
N ASP F 69 -126.29 27.97 9.10
CA ASP F 69 -127.29 27.54 10.07
C ASP F 69 -128.01 28.73 10.68
N ALA F 70 -127.29 29.83 10.95
CA ALA F 70 -127.90 31.01 11.56
C ALA F 70 -128.91 31.65 10.61
N VAL F 71 -128.57 31.69 9.32
CA VAL F 71 -129.52 32.08 8.29
C VAL F 71 -130.73 31.17 8.31
N THR F 72 -130.50 29.85 8.31
CA THR F 72 -131.59 28.87 8.31
C THR F 72 -132.49 29.05 9.53
N TYR F 73 -131.91 29.46 10.66
CA TYR F 73 -132.69 29.90 11.81
C TYR F 73 -133.55 31.12 11.46
N THR F 74 -132.97 32.09 10.73
CA THR F 74 -133.69 33.34 10.48
C THR F 74 -134.88 33.15 9.53
N GLU F 75 -134.67 32.53 8.37
CA GLU F 75 -135.85 32.25 7.55
C GLU F 75 -136.69 31.10 8.10
N HIS F 76 -136.18 30.36 9.08
CA HIS F 76 -137.09 29.55 9.87
C HIS F 76 -138.05 30.42 10.66
N ALA F 77 -137.56 31.54 11.18
CA ALA F 77 -138.43 32.48 11.89
C ALA F 77 -139.03 33.52 10.97
N LYS F 78 -138.81 33.41 9.66
CA LYS F 78 -139.26 34.36 8.64
C LYS F 78 -138.76 35.77 8.91
N ARG F 79 -137.56 35.90 9.46
CA ARG F 79 -136.98 37.20 9.74
C ARG F 79 -135.93 37.55 8.71
N LYS F 80 -135.72 38.85 8.53
CA LYS F 80 -134.65 39.38 7.69
C LYS F 80 -133.46 39.79 8.53
N THR F 81 -133.68 40.14 9.79
CA THR F 81 -132.62 40.61 10.68
C THR F 81 -131.99 39.42 11.37
N VAL F 82 -130.68 39.29 11.23
CA VAL F 82 -129.94 38.26 11.96
C VAL F 82 -129.80 38.71 13.41
N THR F 83 -130.25 37.87 14.33
CA THR F 83 -130.23 38.20 15.74
C THR F 83 -129.08 37.49 16.43
N ALA F 84 -128.74 38.00 17.62
CA ALA F 84 -127.67 37.39 18.40
C ALA F 84 -128.10 36.03 18.95
N MET F 85 -129.41 35.86 19.20
CA MET F 85 -129.92 34.60 19.72
C MET F 85 -129.70 33.47 18.72
N ASP F 86 -129.91 33.75 17.44
CA ASP F 86 -129.66 32.77 16.40
C ASP F 86 -128.20 32.37 16.36
N VAL F 87 -127.30 33.35 16.54
CA VAL F 87 -125.87 33.08 16.59
C VAL F 87 -125.53 32.20 17.77
N VAL F 88 -126.12 32.49 18.93
CA VAL F 88 -125.88 31.68 20.12
C VAL F 88 -126.34 30.24 19.91
N TYR F 89 -127.52 30.07 19.32
CA TYR F 89 -128.03 28.73 19.05
C TYR F 89 -127.15 27.98 18.06
N ALA F 90 -126.71 28.66 17.01
CA ALA F 90 -125.87 28.04 16.00
C ALA F 90 -124.53 27.62 16.58
N LEU F 91 -123.94 28.45 17.44
CA LEU F 91 -122.70 28.06 18.09
C LEU F 91 -122.89 26.89 19.04
N LYS F 92 -123.95 26.89 19.83
CA LYS F 92 -124.08 25.84 20.84
C LYS F 92 -124.51 24.52 20.21
N ARG F 93 -125.06 24.57 18.99
CA ARG F 93 -125.41 23.32 18.33
C ARG F 93 -124.14 22.60 17.87
N GLN F 94 -123.09 23.36 17.56
CA GLN F 94 -121.78 22.81 17.25
C GLN F 94 -121.00 22.41 18.48
N GLY F 95 -121.56 22.59 19.68
CA GLY F 95 -120.80 22.35 20.88
C GLY F 95 -119.75 23.39 21.17
N ARG F 96 -119.94 24.61 20.70
CA ARG F 96 -119.01 25.71 20.92
C ARG F 96 -119.74 26.85 21.60
N THR F 97 -120.44 26.50 22.68
CA THR F 97 -121.43 27.35 23.35
C THR F 97 -120.83 28.66 23.83
N LEU F 98 -121.51 29.76 23.51
CA LEU F 98 -121.08 31.09 23.92
C LEU F 98 -122.01 31.58 25.02
N TYR F 99 -121.41 31.99 26.14
CA TYR F 99 -122.13 32.64 27.22
C TYR F 99 -122.17 34.14 26.97
N GLY F 100 -123.15 34.81 27.56
CA GLY F 100 -123.16 36.26 27.62
C GLY F 100 -124.09 36.95 26.65
N PHE F 101 -124.84 36.24 25.82
CA PHE F 101 -125.74 36.86 24.87
C PHE F 101 -127.12 36.26 24.88
N GLY F 102 -127.33 35.16 25.59
CA GLY F 102 -128.64 34.53 25.61
C GLY F 102 -129.65 35.31 26.41
N GLY F 103 -130.89 35.29 25.94
CA GLY F 103 -131.98 36.00 26.59
C GLY F 103 -132.44 37.23 25.83
N ALA G 28 -170.37 1.06 5.59
CA ALA G 28 -170.62 1.97 6.71
C ALA G 28 -169.32 2.63 7.16
N ARG G 29 -168.20 2.17 6.62
CA ARG G 29 -166.89 2.73 6.95
C ARG G 29 -165.94 2.51 5.79
N ALA G 30 -165.08 3.50 5.56
CA ALA G 30 -164.11 3.42 4.48
C ALA G 30 -163.00 2.42 4.83
N LYS G 31 -162.41 1.82 3.78
CA LYS G 31 -161.34 0.87 3.97
C LYS G 31 -160.06 1.59 4.38
N ALA G 32 -159.39 1.06 5.40
CA ALA G 32 -158.19 1.67 5.92
C ALA G 32 -157.01 1.48 4.97
N LYS G 33 -156.36 2.58 4.60
CA LYS G 33 -155.29 2.61 3.62
C LYS G 33 -154.20 3.54 4.15
N THR G 34 -152.99 3.01 4.33
CA THR G 34 -152.02 3.67 5.20
C THR G 34 -151.41 4.90 4.54
N ARG G 35 -151.02 5.87 5.39
CA ARG G 35 -150.36 7.07 4.87
C ARG G 35 -148.96 6.76 4.33
N SER G 36 -148.39 5.63 4.73
CA SER G 36 -147.19 5.15 4.05
C SER G 36 -147.47 4.88 2.58
N SER G 37 -148.64 4.33 2.28
CA SER G 37 -149.04 4.11 0.89
C SER G 37 -149.50 5.42 0.24
N ARG G 38 -150.04 6.34 1.04
CA ARG G 38 -150.44 7.65 0.48
C ARG G 38 -149.23 8.43 0.00
N ALA G 39 -148.19 8.52 0.83
CA ALA G 39 -146.96 9.14 0.38
C ALA G 39 -146.19 8.27 -0.59
N GLY G 40 -146.49 6.98 -0.65
CA GLY G 40 -145.67 6.06 -1.43
C GLY G 40 -144.30 5.86 -0.85
N LEU G 41 -144.19 5.80 0.47
CA LEU G 41 -142.93 5.54 1.13
C LEU G 41 -143.10 4.30 2.01
N GLN G 42 -142.12 3.41 1.99
CA GLN G 42 -142.26 2.19 2.76
C GLN G 42 -141.97 2.38 4.24
N PHE G 43 -141.37 3.51 4.61
CA PHE G 43 -141.23 3.81 6.02
C PHE G 43 -142.59 4.18 6.63
N PRO G 44 -142.85 3.74 7.85
CA PRO G 44 -144.18 3.93 8.46
C PRO G 44 -144.42 5.36 8.91
N VAL G 45 -145.35 6.03 8.26
CA VAL G 45 -145.76 7.37 8.69
C VAL G 45 -146.41 7.30 10.06
N GLY G 46 -147.28 6.30 10.27
CA GLY G 46 -147.95 6.16 11.54
C GLY G 46 -147.01 5.89 12.70
N ARG G 47 -146.01 5.03 12.47
CA ARG G 47 -145.10 4.69 13.55
C ARG G 47 -144.15 5.85 13.87
N VAL G 48 -143.69 6.56 12.85
CA VAL G 48 -142.84 7.74 13.08
C VAL G 48 -143.63 8.82 13.82
N HIS G 49 -144.91 8.99 13.46
CA HIS G 49 -145.76 9.93 14.17
C HIS G 49 -145.97 9.50 15.63
N ARG G 50 -146.13 8.19 15.85
CA ARG G 50 -146.31 7.70 17.21
C ARG G 50 -145.06 7.90 18.05
N LEU G 51 -143.89 7.68 17.46
CA LEU G 51 -142.64 7.90 18.19
C LEU G 51 -142.39 9.39 18.41
N LEU G 52 -142.84 10.24 17.49
CA LEU G 52 -142.71 11.67 17.71
C LEU G 52 -143.63 12.15 18.83
N ARG G 53 -144.84 11.60 18.91
CA ARG G 53 -145.74 11.99 19.98
C ARG G 53 -145.26 11.47 21.33
N LYS G 54 -144.76 10.24 21.37
CA LYS G 54 -144.31 9.66 22.62
C LYS G 54 -142.83 9.89 22.89
N GLY G 55 -142.10 10.48 21.96
CA GLY G 55 -140.75 10.94 22.25
C GLY G 55 -140.71 12.30 22.90
N ASN G 56 -141.89 12.94 23.00
CA ASN G 56 -142.12 14.15 23.79
C ASN G 56 -141.23 15.31 23.34
N TYR G 57 -141.44 15.77 22.11
CA TYR G 57 -140.65 16.84 21.51
C TYR G 57 -141.44 18.13 21.34
N SER G 58 -142.75 18.04 21.17
CA SER G 58 -143.60 19.22 21.14
C SER G 58 -144.97 18.83 21.67
N GLU G 59 -145.77 19.84 22.01
CA GLU G 59 -147.15 19.56 22.40
C GLU G 59 -147.97 19.10 21.21
N ARG G 60 -147.72 19.65 20.03
CA ARG G 60 -148.43 19.30 18.81
C ARG G 60 -147.43 18.97 17.71
N VAL G 61 -147.85 18.10 16.79
CA VAL G 61 -147.05 17.75 15.62
C VAL G 61 -147.94 17.83 14.40
N GLY G 62 -147.53 18.62 13.41
CA GLY G 62 -148.25 18.69 12.16
C GLY G 62 -148.15 17.40 11.38
N ALA G 63 -149.17 17.15 10.56
CA ALA G 63 -149.30 15.86 9.89
C ALA G 63 -148.23 15.68 8.82
N GLY G 64 -147.80 16.75 8.18
CA GLY G 64 -146.76 16.63 7.18
C GLY G 64 -145.39 16.36 7.73
N ALA G 65 -145.18 16.63 9.01
CA ALA G 65 -143.86 16.43 9.61
C ALA G 65 -143.40 14.97 9.65
N PRO G 66 -144.21 13.99 10.10
CA PRO G 66 -143.73 12.60 10.02
C PRO G 66 -143.57 12.13 8.59
N VAL G 67 -144.38 12.62 7.65
CA VAL G 67 -144.23 12.25 6.25
C VAL G 67 -142.88 12.72 5.73
N TYR G 68 -142.54 13.97 6.02
CA TYR G 68 -141.26 14.52 5.61
C TYR G 68 -140.11 13.75 6.26
N LEU G 69 -140.25 13.46 7.56
CA LEU G 69 -139.21 12.76 8.29
C LEU G 69 -139.02 11.34 7.78
N ALA G 70 -140.11 10.66 7.48
CA ALA G 70 -140.02 9.29 6.96
C ALA G 70 -139.44 9.29 5.55
N ALA G 71 -139.73 10.32 4.76
CA ALA G 71 -139.09 10.42 3.45
C ALA G 71 -137.59 10.62 3.57
N VAL G 72 -137.16 11.48 4.50
CA VAL G 72 -135.73 11.67 4.73
C VAL G 72 -135.09 10.38 5.22
N LEU G 73 -135.77 9.69 6.12
CA LEU G 73 -135.26 8.43 6.67
C LEU G 73 -135.12 7.38 5.59
N GLU G 74 -136.12 7.27 4.71
CA GLU G 74 -136.07 6.29 3.65
C GLU G 74 -135.00 6.64 2.63
N TYR G 75 -134.82 7.94 2.33
CA TYR G 75 -133.75 8.32 1.42
C TYR G 75 -132.39 7.99 1.99
N LEU G 76 -132.18 8.28 3.27
CA LEU G 76 -130.88 7.99 3.89
C LEU G 76 -130.61 6.50 3.93
N THR G 77 -131.62 5.71 4.30
CA THR G 77 -131.44 4.26 4.33
C THR G 77 -131.22 3.70 2.94
N ALA G 78 -131.93 4.23 1.94
CA ALA G 78 -131.75 3.76 0.57
C ALA G 78 -130.35 4.05 0.07
N GLU G 79 -129.81 5.22 0.40
CA GLU G 79 -128.50 5.59 -0.08
C GLU G 79 -127.41 4.75 0.60
N ILE G 80 -127.53 4.56 1.92
CA ILE G 80 -126.50 3.77 2.61
C ILE G 80 -126.60 2.30 2.25
N LEU G 81 -127.82 1.80 2.02
CA LEU G 81 -127.96 0.41 1.62
C LEU G 81 -127.52 0.20 0.19
N GLU G 82 -127.65 1.24 -0.66
CA GLU G 82 -127.10 1.17 -2.00
C GLU G 82 -125.58 1.06 -1.96
N LEU G 83 -124.94 1.88 -1.12
CA LEU G 83 -123.49 1.76 -0.98
C LEU G 83 -123.09 0.44 -0.37
N ALA G 84 -123.88 -0.08 0.58
CA ALA G 84 -123.57 -1.37 1.18
C ALA G 84 -123.68 -2.51 0.17
N GLY G 85 -124.73 -2.48 -0.66
CA GLY G 85 -124.86 -3.49 -1.69
C GLY G 85 -123.78 -3.41 -2.73
N ASN G 86 -123.38 -2.19 -3.11
CA ASN G 86 -122.29 -2.02 -4.06
C ASN G 86 -120.97 -2.50 -3.49
N ALA G 87 -120.71 -2.21 -2.21
CA ALA G 87 -119.47 -2.65 -1.58
C ALA G 87 -119.46 -4.17 -1.41
N ALA G 88 -120.62 -4.76 -1.12
CA ALA G 88 -120.71 -6.21 -0.99
C ALA G 88 -120.51 -6.90 -2.33
N ARG G 89 -121.05 -6.31 -3.40
CA ARG G 89 -120.80 -6.83 -4.74
C ARG G 89 -119.33 -6.66 -5.13
N ASP G 90 -118.71 -5.58 -4.65
CA ASP G 90 -117.26 -5.41 -4.82
C ASP G 90 -116.51 -6.49 -4.07
N ASN G 91 -117.02 -6.92 -2.92
CA ASN G 91 -116.45 -8.08 -2.24
C ASN G 91 -117.10 -9.38 -2.73
N LYS G 92 -117.98 -9.27 -3.73
CA LYS G 92 -118.63 -10.41 -4.39
C LYS G 92 -119.46 -11.24 -3.42
N LYS G 93 -120.09 -10.60 -2.44
CA LYS G 93 -120.85 -11.32 -1.44
C LYS G 93 -122.29 -10.84 -1.47
N THR G 94 -123.23 -11.78 -1.53
CA THR G 94 -124.62 -11.40 -1.78
C THR G 94 -125.35 -10.88 -0.55
N ARG G 95 -124.77 -10.99 0.64
CA ARG G 95 -125.39 -10.46 1.84
C ARG G 95 -124.48 -9.41 2.46
N ILE G 96 -125.07 -8.27 2.84
CA ILE G 96 -124.29 -7.20 3.43
C ILE G 96 -124.05 -7.47 4.90
N ILE G 97 -122.88 -7.08 5.38
CA ILE G 97 -122.43 -7.35 6.75
C ILE G 97 -121.99 -6.02 7.35
N PRO G 98 -121.79 -5.93 8.68
CA PRO G 98 -121.30 -4.68 9.27
C PRO G 98 -119.97 -4.17 8.71
N ARG G 99 -119.10 -5.06 8.24
CA ARG G 99 -117.89 -4.62 7.55
C ARG G 99 -118.25 -3.81 6.30
N HIS G 100 -119.26 -4.27 5.56
CA HIS G 100 -119.72 -3.52 4.40
C HIS G 100 -120.29 -2.17 4.79
N LEU G 101 -120.97 -2.11 5.95
CA LEU G 101 -121.51 -0.84 6.42
C LEU G 101 -120.40 0.15 6.75
N GLN G 102 -119.34 -0.33 7.42
CA GLN G 102 -118.18 0.53 7.68
C GLN G 102 -117.53 1.00 6.39
N LEU G 103 -117.39 0.10 5.41
CA LEU G 103 -116.80 0.47 4.14
C LEU G 103 -117.65 1.48 3.40
N ALA G 104 -118.97 1.37 3.53
CA ALA G 104 -119.87 2.31 2.89
C ALA G 104 -119.81 3.68 3.56
N ILE G 105 -119.82 3.71 4.88
CA ILE G 105 -119.90 4.98 5.59
C ILE G 105 -118.61 5.75 5.48
N ARG G 106 -117.46 5.07 5.65
CA ARG G 106 -116.20 5.81 5.68
C ARG G 106 -115.78 6.31 4.30
N ASN G 107 -116.34 5.75 3.24
CA ASN G 107 -115.94 6.14 1.89
C ASN G 107 -116.81 7.25 1.31
N ASP G 108 -117.77 7.77 2.06
CA ASP G 108 -118.61 8.87 1.62
C ASP G 108 -118.39 10.04 2.56
N GLU G 109 -117.99 11.19 2.00
CA GLU G 109 -117.58 12.32 2.81
C GLU G 109 -118.77 12.93 3.56
N GLU G 110 -119.96 12.90 2.93
CA GLU G 110 -121.14 13.43 3.61
C GLU G 110 -121.65 12.46 4.68
N LEU G 111 -121.55 11.16 4.41
CA LEU G 111 -121.90 10.18 5.44
C LEU G 111 -120.88 10.19 6.57
N ASN G 112 -119.60 10.39 6.25
CA ASN G 112 -118.59 10.50 7.29
C ASN G 112 -118.79 11.77 8.11
N LYS G 113 -119.28 12.83 7.47
CA LYS G 113 -119.65 14.03 8.22
C LYS G 113 -120.85 13.76 9.13
N LEU G 114 -121.81 12.98 8.63
CA LEU G 114 -123.00 12.68 9.44
C LEU G 114 -122.65 11.73 10.58
N LEU G 115 -121.77 10.76 10.34
CA LEU G 115 -121.42 9.74 11.32
C LEU G 115 -119.96 9.86 11.74
N GLY G 116 -119.53 11.06 12.11
CA GLY G 116 -118.14 11.24 12.51
C GLY G 116 -117.79 10.57 13.82
N ARG G 117 -118.68 10.67 14.81
CA ARG G 117 -118.41 10.17 16.15
C ARG G 117 -119.13 8.86 16.44
N VAL G 118 -119.67 8.22 15.41
CA VAL G 118 -120.54 7.05 15.57
C VAL G 118 -119.75 5.78 15.27
N THR G 119 -119.87 4.79 16.15
CA THR G 119 -119.14 3.53 16.02
C THR G 119 -120.07 2.42 15.55
N ILE G 120 -119.61 1.68 14.54
CA ILE G 120 -120.33 0.54 13.97
C ILE G 120 -119.76 -0.72 14.61
N ALA G 121 -120.65 -1.56 15.15
CA ALA G 121 -120.19 -2.75 15.85
C ALA G 121 -119.68 -3.80 14.88
N GLN G 122 -118.48 -4.32 15.17
CA GLN G 122 -117.90 -5.48 14.49
C GLN G 122 -117.68 -5.17 13.00
N GLY G 123 -117.58 -3.89 12.68
CA GLY G 123 -117.36 -3.47 11.31
C GLY G 123 -115.91 -3.16 11.05
N GLY G 124 -115.11 -3.10 12.12
CA GLY G 124 -113.72 -2.74 11.96
C GLY G 124 -113.56 -1.30 11.53
N VAL G 125 -112.52 -1.03 10.75
CA VAL G 125 -112.25 0.30 10.26
C VAL G 125 -111.99 0.23 8.77
N LEU G 126 -112.15 1.37 8.12
CA LEU G 126 -111.76 1.50 6.71
C LEU G 126 -110.26 1.28 6.61
N PRO G 127 -109.78 0.52 5.63
CA PRO G 127 -108.33 0.38 5.46
C PRO G 127 -107.71 1.70 5.04
N ASN G 128 -106.96 2.30 5.97
CA ASN G 128 -106.33 3.60 5.70
C ASN G 128 -104.94 3.58 6.33
N ILE G 129 -103.96 3.21 5.53
CA ILE G 129 -102.57 3.22 5.97
C ILE G 129 -101.96 4.54 5.52
N GLN G 130 -101.31 5.24 6.44
CA GLN G 130 -100.69 6.50 6.10
C GLN G 130 -99.53 6.26 5.12
N ALA G 131 -99.26 7.29 4.31
CA ALA G 131 -98.36 7.13 3.17
C ALA G 131 -96.92 6.87 3.59
N VAL G 132 -96.50 7.38 4.74
CA VAL G 132 -95.14 7.17 5.19
C VAL G 132 -94.97 5.74 5.71
N LEU G 133 -96.06 5.12 6.14
CA LEU G 133 -96.00 3.76 6.69
C LEU G 133 -95.69 2.72 5.63
N LEU G 134 -96.00 2.99 4.38
CA LEU G 134 -95.66 2.07 3.30
C LEU G 134 -94.15 2.03 3.11
N PRO G 135 -93.57 0.87 2.79
CA PRO G 135 -92.14 0.82 2.50
C PRO G 135 -91.82 1.49 1.18
N LYS G 136 -90.60 2.03 1.10
CA LYS G 136 -90.07 2.76 -0.06
C LYS G 136 -90.97 3.90 -0.51
N LYS H 31 -145.31 -17.39 26.81
CA LYS H 31 -145.82 -16.04 26.62
C LYS H 31 -144.67 -15.03 26.56
N ARG H 32 -144.69 -14.18 25.54
CA ARG H 32 -143.63 -13.21 25.32
C ARG H 32 -144.25 -11.84 25.08
N SER H 33 -143.42 -10.81 25.18
CA SER H 33 -143.83 -9.43 24.94
C SER H 33 -143.18 -8.93 23.66
N ARG H 34 -143.95 -8.21 22.84
CA ARG H 34 -143.47 -7.76 21.54
C ARG H 34 -142.39 -6.69 21.69
N LYS H 35 -141.32 -6.84 20.93
CA LYS H 35 -140.23 -5.87 20.90
C LYS H 35 -140.14 -5.29 19.50
N GLU H 36 -140.21 -3.97 19.40
CA GLU H 36 -140.35 -3.29 18.13
C GLU H 36 -138.98 -3.13 17.45
N SER H 37 -138.98 -3.23 16.13
CA SER H 37 -137.77 -3.07 15.33
C SER H 37 -138.12 -2.43 14.00
N TYR H 38 -137.09 -2.05 13.26
CA TYR H 38 -137.24 -1.57 11.90
C TYR H 38 -136.84 -2.61 10.88
N SER H 39 -137.31 -3.85 11.02
CA SER H 39 -136.86 -4.93 10.17
C SER H 39 -137.45 -4.84 8.77
N VAL H 40 -138.77 -4.83 8.67
CA VAL H 40 -139.43 -5.02 7.38
C VAL H 40 -139.19 -3.84 6.46
N TYR H 41 -139.10 -2.62 7.00
CA TYR H 41 -138.95 -1.45 6.16
C TYR H 41 -137.57 -1.43 5.52
N VAL H 42 -136.54 -1.68 6.34
CA VAL H 42 -135.18 -1.79 5.82
C VAL H 42 -135.08 -2.95 4.84
N TYR H 43 -135.83 -4.02 5.09
CA TYR H 43 -135.82 -5.17 4.18
C TYR H 43 -136.40 -4.81 2.81
N LYS H 44 -137.54 -4.11 2.80
CA LYS H 44 -138.13 -3.73 1.53
C LYS H 44 -137.26 -2.72 0.80
N VAL H 45 -136.63 -1.81 1.53
CA VAL H 45 -135.75 -0.83 0.89
C VAL H 45 -134.52 -1.51 0.28
N LEU H 46 -133.91 -2.44 1.00
CA LEU H 46 -132.72 -3.11 0.46
C LEU H 46 -133.07 -3.97 -0.74
N LYS H 47 -134.24 -4.61 -0.71
CA LYS H 47 -134.70 -5.33 -1.90
C LYS H 47 -134.99 -4.40 -3.06
N GLN H 48 -135.51 -3.21 -2.80
CA GLN H 48 -135.85 -2.30 -3.89
C GLN H 48 -134.61 -1.70 -4.53
N VAL H 49 -133.59 -1.39 -3.74
CA VAL H 49 -132.38 -0.81 -4.31
C VAL H 49 -131.48 -1.91 -4.88
N HIS H 50 -131.65 -3.14 -4.41
CA HIS H 50 -130.88 -4.29 -4.90
C HIS H 50 -131.78 -5.52 -4.81
N PRO H 51 -132.29 -6.00 -5.96
CA PRO H 51 -133.17 -7.17 -5.92
C PRO H 51 -132.48 -8.45 -5.45
N ASP H 52 -131.18 -8.56 -5.64
CA ASP H 52 -130.46 -9.80 -5.40
C ASP H 52 -129.73 -9.85 -4.07
N THR H 53 -129.60 -8.73 -3.37
CA THR H 53 -128.66 -8.61 -2.27
C THR H 53 -129.36 -8.81 -0.93
N GLY H 54 -128.78 -9.66 -0.08
CA GLY H 54 -129.31 -9.96 1.23
C GLY H 54 -128.67 -9.13 2.34
N ILE H 55 -129.06 -9.46 3.57
CA ILE H 55 -128.58 -8.73 4.74
C ILE H 55 -128.34 -9.73 5.87
N SER H 56 -127.30 -9.46 6.66
CA SER H 56 -127.03 -10.21 7.88
C SER H 56 -127.84 -9.63 9.05
N SER H 57 -127.90 -10.39 10.14
CA SER H 57 -128.68 -9.95 11.29
C SER H 57 -128.00 -8.80 12.02
N LYS H 58 -126.67 -8.81 12.08
CA LYS H 58 -125.97 -7.75 12.79
C LYS H 58 -126.02 -6.44 12.01
N ALA H 59 -125.97 -6.52 10.67
CA ALA H 59 -126.21 -5.34 9.85
C ALA H 59 -127.62 -4.80 10.04
N MET H 60 -128.58 -5.70 10.28
CA MET H 60 -129.93 -5.27 10.59
C MET H 60 -130.00 -4.54 11.93
N GLY H 61 -129.29 -5.03 12.94
CA GLY H 61 -129.24 -4.31 14.21
C GLY H 61 -128.61 -2.94 14.07
N ILE H 62 -127.56 -2.85 13.25
CA ILE H 62 -126.91 -1.56 13.03
C ILE H 62 -127.81 -0.62 12.24
N MET H 63 -128.62 -1.15 11.33
CA MET H 63 -129.61 -0.32 10.64
C MET H 63 -130.67 0.19 11.60
N ASN H 64 -131.13 -0.67 12.52
CA ASN H 64 -132.08 -0.23 13.54
C ASN H 64 -131.50 0.88 14.39
N SER H 65 -130.24 0.72 14.81
CA SER H 65 -129.57 1.75 15.61
C SER H 65 -129.40 3.03 14.83
N PHE H 66 -129.04 2.93 13.55
CA PHE H 66 -128.86 4.10 12.70
C PHE H 66 -130.13 4.91 12.56
N VAL H 67 -131.23 4.23 12.25
CA VAL H 67 -132.47 4.96 12.02
C VAL H 67 -132.99 5.54 13.34
N ASN H 68 -132.79 4.82 14.45
CA ASN H 68 -133.16 5.37 15.75
C ASN H 68 -132.35 6.61 16.09
N ASP H 69 -131.04 6.58 15.81
CA ASP H 69 -130.17 7.72 16.09
C ASP H 69 -130.54 8.93 15.24
N ILE H 70 -130.78 8.71 13.95
CA ILE H 70 -131.12 9.83 13.06
C ILE H 70 -132.49 10.40 13.42
N PHE H 71 -133.44 9.52 13.76
CA PHE H 71 -134.76 9.98 14.18
C PHE H 71 -134.66 10.83 15.44
N GLU H 72 -133.85 10.39 16.41
CA GLU H 72 -133.74 11.14 17.65
C GLU H 72 -133.03 12.48 17.43
N ARG H 73 -132.01 12.50 16.56
CA ARG H 73 -131.35 13.76 16.24
C ARG H 73 -132.30 14.77 15.60
N ILE H 74 -133.01 14.34 14.55
CA ILE H 74 -133.93 15.24 13.86
C ILE H 74 -135.07 15.68 14.77
N ALA H 75 -135.58 14.76 15.59
CA ALA H 75 -136.66 15.09 16.51
C ALA H 75 -136.22 16.09 17.57
N GLY H 76 -135.01 15.90 18.13
CA GLY H 76 -134.51 16.84 19.13
C GLY H 76 -134.24 18.21 18.55
N GLU H 77 -133.63 18.27 17.37
CA GLU H 77 -133.38 19.56 16.74
C GLU H 77 -134.68 20.25 16.32
N ALA H 78 -135.66 19.48 15.85
CA ALA H 78 -136.96 20.05 15.54
C ALA H 78 -137.62 20.61 16.79
N SER H 79 -137.50 19.89 17.91
CA SER H 79 -138.05 20.36 19.18
C SER H 79 -137.38 21.65 19.63
N ARG H 80 -136.06 21.76 19.42
CA ARG H 80 -135.35 22.96 19.84
C ARG H 80 -135.70 24.16 18.96
N LEU H 81 -135.82 23.94 17.64
CA LEU H 81 -136.37 24.97 16.77
C LEU H 81 -137.78 25.38 17.17
N ALA H 82 -138.60 24.42 17.61
CA ALA H 82 -139.94 24.74 18.05
C ALA H 82 -139.91 25.62 19.29
N HIS H 83 -139.00 25.33 20.23
CA HIS H 83 -138.94 26.11 21.46
C HIS H 83 -138.37 27.50 21.21
N TYR H 84 -137.48 27.63 20.23
CA TYR H 84 -136.70 28.87 20.12
C TYR H 84 -137.52 29.99 19.50
N ASN H 85 -138.50 29.67 18.67
CA ASN H 85 -139.41 30.69 18.17
C ASN H 85 -140.77 30.65 18.88
N LYS H 86 -140.84 29.99 20.04
CA LYS H 86 -142.07 29.83 20.83
C LYS H 86 -143.18 29.15 20.03
N ARG H 87 -142.83 28.12 19.27
CA ARG H 87 -143.80 27.35 18.51
C ARG H 87 -144.08 26.03 19.22
N SER H 88 -145.34 25.73 19.45
CA SER H 88 -145.68 24.47 20.10
C SER H 88 -146.04 23.37 19.10
N THR H 89 -145.87 23.61 17.80
CA THR H 89 -146.20 22.64 16.77
C THR H 89 -144.94 22.26 16.02
N ILE H 90 -144.88 21.03 15.54
CA ILE H 90 -143.84 20.59 14.63
C ILE H 90 -144.46 20.32 13.27
N THR H 91 -144.08 21.12 12.28
CA THR H 91 -144.51 20.92 10.91
C THR H 91 -143.33 20.46 10.07
N SER H 92 -143.63 20.16 8.80
CA SER H 92 -142.60 19.75 7.86
C SER H 92 -141.61 20.86 7.58
N ARG H 93 -142.02 22.11 7.78
CA ARG H 93 -141.08 23.23 7.71
C ARG H 93 -140.03 23.12 8.79
N GLU H 94 -140.44 22.76 10.01
CA GLU H 94 -139.50 22.61 11.12
C GLU H 94 -138.49 21.51 10.86
N ILE H 95 -138.97 20.36 10.37
CA ILE H 95 -138.06 19.24 10.14
C ILE H 95 -137.20 19.53 8.92
N GLN H 96 -137.73 20.29 7.96
CA GLN H 96 -136.93 20.74 6.82
C GLN H 96 -135.79 21.64 7.26
N THR H 97 -136.07 22.55 8.19
CA THR H 97 -135.02 23.35 8.80
C THR H 97 -134.00 22.47 9.51
N ALA H 98 -134.49 21.47 10.25
CA ALA H 98 -133.59 20.60 10.99
C ALA H 98 -132.67 19.80 10.07
N VAL H 99 -133.23 19.26 8.98
CA VAL H 99 -132.41 18.45 8.09
C VAL H 99 -131.50 19.34 7.25
N ARG H 100 -131.86 20.61 7.09
CA ARG H 100 -130.91 21.56 6.54
C ARG H 100 -129.76 21.82 7.52
N LEU H 101 -130.05 21.81 8.82
CA LEU H 101 -129.00 22.00 9.81
C LEU H 101 -128.07 20.79 9.89
N LEU H 102 -128.63 19.58 9.91
CA LEU H 102 -127.80 18.40 10.22
C LEU H 102 -127.21 17.78 8.98
N LEU H 103 -128.02 17.51 7.98
CA LEU H 103 -127.56 16.74 6.85
C LEU H 103 -126.66 17.61 5.98
N PRO H 104 -125.40 17.22 5.79
CA PRO H 104 -124.45 18.13 5.14
C PRO H 104 -124.56 18.06 3.62
N GLY H 105 -124.50 19.23 2.98
CA GLY H 105 -124.34 19.32 1.55
C GLY H 105 -125.44 18.72 0.69
N GLU H 106 -125.05 17.80 -0.18
CA GLU H 106 -125.93 17.29 -1.23
C GLU H 106 -127.05 16.44 -0.65
N LEU H 107 -126.79 15.76 0.48
CA LEU H 107 -127.83 14.98 1.14
C LEU H 107 -128.97 15.87 1.60
N ALA H 108 -128.68 17.12 1.96
CA ALA H 108 -129.72 18.04 2.39
C ALA H 108 -130.70 18.34 1.26
N LYS H 109 -130.19 18.67 0.06
CA LYS H 109 -131.09 19.01 -1.03
C LYS H 109 -131.81 17.79 -1.56
N HIS H 110 -131.15 16.62 -1.55
CA HIS H 110 -131.90 15.41 -1.92
C HIS H 110 -133.00 15.06 -0.91
N ALA H 111 -132.72 15.19 0.40
CA ALA H 111 -133.76 14.91 1.39
C ALA H 111 -134.89 15.92 1.29
N VAL H 112 -134.55 17.17 0.96
CA VAL H 112 -135.55 18.18 0.68
C VAL H 112 -136.42 17.77 -0.50
N SER H 113 -135.79 17.23 -1.55
CA SER H 113 -136.52 16.80 -2.73
C SER H 113 -137.48 15.66 -2.41
N GLU H 114 -136.99 14.60 -1.76
CA GLU H 114 -137.87 13.47 -1.46
C GLU H 114 -138.96 13.84 -0.48
N GLY H 115 -138.65 14.65 0.54
CA GLY H 115 -139.68 15.06 1.47
C GLY H 115 -140.72 15.97 0.84
N THR H 116 -140.29 16.82 -0.08
CA THR H 116 -141.24 17.67 -0.81
C THR H 116 -142.16 16.83 -1.69
N LYS H 117 -141.60 15.83 -2.38
CA LYS H 117 -142.43 14.94 -3.18
C LYS H 117 -143.37 14.14 -2.28
N ALA H 118 -142.89 13.73 -1.11
CA ALA H 118 -143.70 12.93 -0.20
C ALA H 118 -144.88 13.72 0.34
N VAL H 119 -144.64 14.95 0.78
CA VAL H 119 -145.75 15.78 1.25
C VAL H 119 -146.64 16.19 0.08
N THR H 120 -146.08 16.20 -1.13
CA THR H 120 -146.90 16.47 -2.31
C THR H 120 -147.92 15.36 -2.55
N LYS H 121 -147.47 14.10 -2.56
CA LYS H 121 -148.44 13.00 -2.67
C LYS H 121 -149.33 12.89 -1.43
N TYR H 122 -148.84 13.30 -0.26
CA TYR H 122 -149.70 13.20 0.93
C TYR H 122 -150.82 14.22 0.89
N THR H 123 -150.54 15.45 0.45
CA THR H 123 -151.59 16.45 0.35
C THR H 123 -152.49 16.19 -0.84
N SER H 124 -151.95 15.66 -1.94
CA SER H 124 -152.79 15.34 -3.08
C SER H 124 -153.64 14.10 -2.87
N ALA H 125 -153.37 13.33 -1.82
CA ALA H 125 -154.18 12.16 -1.49
C ALA H 125 -154.52 12.17 0.00
N SER I 35 -55.45 21.75 35.30
CA SER I 35 -54.97 22.27 34.02
C SER I 35 -54.82 21.17 32.99
N GLY I 36 -53.61 20.64 32.86
CA GLY I 36 -53.34 19.60 31.90
C GLY I 36 -53.15 20.15 30.50
N PRO I 37 -52.98 19.26 29.53
CA PRO I 37 -52.82 19.69 28.13
C PRO I 37 -54.14 20.15 27.54
N PRO I 38 -54.12 20.92 26.46
CA PRO I 38 -55.37 21.28 25.80
C PRO I 38 -55.99 20.08 25.11
N VAL I 39 -57.27 20.24 24.75
CA VAL I 39 -58.06 19.09 24.29
C VAL I 39 -57.79 18.74 22.83
N SER I 40 -56.89 19.45 22.16
CA SER I 40 -56.49 19.04 20.82
C SER I 40 -55.79 17.69 20.84
N GLU I 41 -54.88 17.50 21.80
CA GLU I 41 -54.26 16.19 22.01
C GLU I 41 -55.31 15.15 22.42
N LEU I 42 -56.34 15.59 23.16
CA LEU I 42 -57.45 14.70 23.50
C LEU I 42 -58.22 14.25 22.26
N ILE I 43 -58.46 15.15 21.31
CA ILE I 43 -59.17 14.78 20.08
C ILE I 43 -58.32 13.85 19.23
N THR I 44 -57.01 14.13 19.14
CA THR I 44 -56.13 13.24 18.37
C THR I 44 -56.04 11.86 19.00
N LYS I 45 -55.99 11.79 20.34
CA LYS I 45 -56.00 10.50 21.02
C LYS I 45 -57.33 9.78 20.83
N ALA I 46 -58.44 10.53 20.86
CA ALA I 46 -59.76 9.93 20.69
C ALA I 46 -59.93 9.34 19.29
N VAL I 47 -59.41 10.01 18.27
CA VAL I 47 -59.55 9.47 16.91
C VAL I 47 -58.53 8.36 16.66
N ALA I 48 -57.37 8.42 17.32
CA ALA I 48 -56.36 7.40 17.13
C ALA I 48 -56.56 6.17 18.00
N ALA I 49 -57.49 6.22 18.96
CA ALA I 49 -57.73 5.07 19.82
C ALA I 49 -58.36 3.92 19.06
N SER I 50 -59.24 4.20 18.10
CA SER I 50 -59.96 3.14 17.42
C SER I 50 -59.48 2.95 15.99
N LYS I 51 -59.61 4.01 15.17
CA LYS I 51 -59.25 4.03 13.75
C LYS I 51 -59.91 2.89 12.99
N GLU I 52 -61.25 2.87 13.07
CA GLU I 52 -62.02 1.89 12.32
C GLU I 52 -62.22 2.38 10.88
N ARG I 53 -63.06 1.65 10.14
CA ARG I 53 -63.17 1.86 8.70
C ARG I 53 -63.74 3.23 8.36
N SER I 54 -64.77 3.66 9.06
CA SER I 54 -65.33 4.99 8.90
C SER I 54 -64.74 5.93 9.93
N GLY I 55 -65.01 7.22 9.77
CA GLY I 55 -64.54 8.20 10.73
C GLY I 55 -65.31 8.14 12.04
N VAL I 56 -64.72 8.70 13.11
CA VAL I 56 -65.38 8.68 14.41
C VAL I 56 -66.35 9.86 14.51
N SER I 57 -67.51 9.61 15.13
CA SER I 57 -68.51 10.65 15.26
C SER I 57 -68.22 11.53 16.48
N LEU I 58 -69.00 12.62 16.58
CA LEU I 58 -68.85 13.55 17.70
C LEU I 58 -69.22 12.89 19.02
N ALA I 59 -70.29 12.09 19.04
CA ALA I 59 -70.75 11.48 20.28
C ALA I 59 -69.73 10.46 20.79
N ALA I 60 -69.16 9.66 19.88
CA ALA I 60 -68.19 8.66 20.26
C ALA I 60 -66.91 9.30 20.80
N LEU I 61 -66.46 10.38 20.17
CA LEU I 61 -65.25 11.04 20.69
C LEU I 61 -65.51 11.74 22.00
N LYS I 62 -66.71 12.31 22.19
CA LYS I 62 -67.03 12.93 23.48
C LYS I 62 -67.10 11.88 24.59
N LYS I 63 -67.67 10.70 24.30
CA LYS I 63 -67.68 9.63 25.28
C LYS I 63 -66.27 9.09 25.52
N ALA I 64 -65.42 9.13 24.49
CA ALA I 64 -64.02 8.74 24.67
C ALA I 64 -63.30 9.70 25.61
N LEU I 65 -63.55 11.00 25.47
CA LEU I 65 -62.92 11.97 26.38
C LEU I 65 -63.53 11.89 27.77
N ALA I 66 -64.81 11.48 27.86
CA ALA I 66 -65.42 11.24 29.16
C ALA I 66 -64.77 10.05 29.86
N ALA I 67 -64.47 9.00 29.09
CA ALA I 67 -63.76 7.86 29.66
C ALA I 67 -62.33 8.23 30.03
N ALA I 68 -61.66 9.04 29.21
CA ALA I 68 -60.34 9.53 29.57
C ALA I 68 -60.41 10.54 30.70
N GLY I 69 -61.53 11.25 30.83
CA GLY I 69 -61.75 12.14 31.96
C GLY I 69 -61.74 13.60 31.58
N TYR I 70 -62.92 14.17 31.35
CA TYR I 70 -63.06 15.58 31.06
C TYR I 70 -64.52 15.97 31.25
N ASP I 71 -64.73 17.21 31.70
CA ASP I 71 -66.09 17.72 31.89
C ASP I 71 -66.54 18.33 30.55
N VAL I 72 -67.20 17.49 29.76
CA VAL I 72 -67.61 17.90 28.42
C VAL I 72 -68.95 18.62 28.45
N GLU I 73 -69.59 18.68 29.62
CA GLU I 73 -70.91 19.31 29.72
C GLU I 73 -70.83 20.81 29.49
N LYS I 74 -69.80 21.47 30.03
CA LYS I 74 -69.62 22.90 29.87
C LYS I 74 -68.68 23.26 28.73
N ASN I 75 -68.24 22.26 27.95
CA ASN I 75 -67.23 22.48 26.92
C ASN I 75 -67.69 21.95 25.56
N ASN I 76 -68.96 22.13 25.21
CA ASN I 76 -69.44 21.66 23.90
C ASN I 76 -68.92 22.54 22.77
N SER I 77 -68.98 23.87 22.94
CA SER I 77 -68.42 24.77 21.94
C SER I 77 -66.91 24.64 21.86
N ARG I 78 -66.29 24.25 22.98
CA ARG I 78 -64.86 23.91 22.98
C ARG I 78 -64.56 22.76 22.03
N ILE I 79 -65.33 21.68 22.10
CA ILE I 79 -65.11 20.55 21.22
C ILE I 79 -65.44 20.92 19.78
N LYS I 80 -66.47 21.76 19.59
CA LYS I 80 -66.81 22.23 18.25
C LYS I 80 -65.67 23.03 17.63
N LEU I 81 -65.09 23.97 18.39
CA LEU I 81 -63.98 24.76 17.87
C LEU I 81 -62.74 23.91 17.67
N GLY I 82 -62.52 22.92 18.55
CA GLY I 82 -61.39 22.03 18.36
C GLY I 82 -61.50 21.20 17.09
N LEU I 83 -62.69 20.64 16.84
CA LEU I 83 -62.91 19.88 15.62
C LEU I 83 -62.79 20.74 14.39
N LYS I 84 -63.40 21.93 14.40
CA LYS I 84 -63.34 22.82 13.23
C LYS I 84 -61.90 23.28 12.97
N SER I 85 -61.18 23.62 14.04
CA SER I 85 -59.78 24.04 13.89
C SER I 85 -58.91 22.91 13.36
N LEU I 86 -59.13 21.69 13.86
CA LEU I 86 -58.27 20.58 13.46
C LEU I 86 -58.59 20.10 12.04
N VAL I 87 -59.85 20.26 11.61
CA VAL I 87 -60.16 20.06 10.20
C VAL I 87 -59.50 21.12 9.34
N SER I 88 -59.52 22.38 9.78
CA SER I 88 -59.05 23.48 8.93
C SER I 88 -57.55 23.41 8.69
N LYS I 89 -56.77 22.93 9.67
CA LYS I 89 -55.35 22.76 9.46
C LYS I 89 -55.01 21.60 8.52
N GLY I 90 -55.96 20.73 8.22
CA GLY I 90 -55.70 19.60 7.35
C GLY I 90 -55.13 18.38 8.05
N THR I 91 -54.84 18.47 9.34
CA THR I 91 -54.41 17.29 10.09
C THR I 91 -55.56 16.31 10.26
N LEU I 92 -56.78 16.81 10.34
CA LEU I 92 -57.98 15.99 10.39
C LEU I 92 -58.74 16.14 9.09
N VAL I 93 -59.18 15.00 8.56
CA VAL I 93 -60.03 14.98 7.38
C VAL I 93 -61.39 14.42 7.78
N GLN I 94 -62.45 15.12 7.37
CA GLN I 94 -63.82 14.76 7.74
C GLN I 94 -64.34 13.76 6.72
N THR I 95 -64.93 12.67 7.22
CA THR I 95 -65.29 11.56 6.36
C THR I 95 -66.51 11.89 5.50
N LYS I 96 -67.66 12.12 6.12
CA LYS I 96 -68.90 12.33 5.39
C LYS I 96 -69.64 13.58 5.80
N GLY I 97 -69.60 13.94 7.09
CA GLY I 97 -70.40 15.03 7.60
C GLY I 97 -69.84 16.40 7.23
N THR I 98 -70.49 17.43 7.77
CA THR I 98 -70.12 18.81 7.51
C THR I 98 -69.82 19.52 8.82
N GLY I 99 -68.70 20.23 8.85
CA GLY I 99 -68.32 20.98 10.03
C GLY I 99 -67.97 20.06 11.19
N ALA I 100 -68.58 20.31 12.34
CA ALA I 100 -68.36 19.49 13.52
C ALA I 100 -69.29 18.28 13.59
N SER I 101 -70.19 18.13 12.62
CA SER I 101 -71.05 16.96 12.58
C SER I 101 -70.44 15.88 11.70
N GLY I 102 -71.02 14.69 11.76
CA GLY I 102 -70.58 13.59 10.93
C GLY I 102 -69.41 12.82 11.53
N SER I 103 -68.52 12.38 10.64
CA SER I 103 -67.45 11.47 10.99
C SER I 103 -66.10 12.07 10.63
N PHE I 104 -65.11 11.80 11.49
CA PHE I 104 -63.77 12.36 11.35
C PHE I 104 -62.74 11.25 11.40
N LYS I 105 -61.82 11.24 10.43
CA LYS I 105 -60.80 10.22 10.33
C LYS I 105 -59.43 10.86 10.16
N LEU I 106 -58.39 10.07 10.42
CA LEU I 106 -57.03 10.56 10.39
C LEU I 106 -56.59 10.84 8.94
N ASN I 107 -55.59 11.72 8.80
CA ASN I 107 -55.09 12.11 7.50
C ASN I 107 -54.28 10.96 6.86
N LYS I 108 -53.72 11.24 5.69
CA LYS I 108 -52.96 10.24 4.95
C LYS I 108 -51.70 9.81 5.70
N LYS I 109 -51.00 10.76 6.30
CA LYS I 109 -49.76 10.47 7.01
C LYS I 109 -49.67 11.24 8.31
N LYS J 38 38.66 46.99 25.09
CA LYS J 38 39.22 45.79 24.46
C LYS J 38 40.75 45.79 24.54
N PRO J 39 41.33 44.60 24.69
CA PRO J 39 42.80 44.51 24.74
C PRO J 39 43.41 44.71 23.36
N HIS J 40 44.72 44.91 23.36
CA HIS J 40 45.44 45.19 22.12
C HIS J 40 45.55 43.95 21.25
N ARG J 41 45.27 44.12 19.96
CA ARG J 41 45.28 43.01 19.01
C ARG J 41 45.44 43.57 17.61
N TYR J 42 46.36 43.03 16.83
CA TYR J 42 46.61 43.52 15.49
C TYR J 42 45.73 42.81 14.46
N ARG J 43 45.65 43.39 13.27
CA ARG J 43 45.00 42.75 12.14
C ARG J 43 45.85 41.58 11.65
N PRO J 44 45.24 40.58 11.00
CA PRO J 44 45.98 39.38 10.60
C PRO J 44 47.05 39.69 9.55
N GLY J 45 48.28 39.26 9.83
CA GLY J 45 49.39 39.41 8.93
C GLY J 45 50.35 40.53 9.28
N THR J 46 49.91 41.53 10.04
CA THR J 46 50.82 42.58 10.50
C THR J 46 51.88 42.01 11.44
N VAL J 47 51.45 41.13 12.35
CA VAL J 47 52.41 40.41 13.17
C VAL J 47 53.24 39.48 12.31
N ALA J 48 52.66 38.94 11.24
CA ALA J 48 53.44 38.16 10.28
C ALA J 48 54.46 39.04 9.55
N LEU J 49 54.09 40.30 9.27
CA LEU J 49 55.06 41.23 8.70
C LEU J 49 56.24 41.45 9.65
N ARG J 50 55.93 41.66 10.93
CA ARG J 50 56.96 41.84 11.94
C ARG J 50 57.82 40.59 12.08
N GLU J 51 57.19 39.41 12.04
CA GLU J 51 57.92 38.15 12.12
C GLU J 51 58.87 37.96 10.95
N ILE J 52 58.39 38.22 9.73
CA ILE J 52 59.25 38.08 8.55
C ILE J 52 60.41 39.05 8.62
N ARG J 53 60.13 40.32 8.97
CA ARG J 53 61.20 41.32 9.02
C ARG J 53 62.23 40.98 10.08
N ARG J 54 61.75 40.58 11.27
CA ARG J 54 62.63 40.23 12.37
C ARG J 54 63.50 39.02 12.02
N TYR J 55 62.91 38.04 11.35
CA TYR J 55 63.63 36.80 11.10
C TYR J 55 64.51 36.87 9.86
N GLN J 56 64.22 37.76 8.90
CA GLN J 56 65.22 38.01 7.88
C GLN J 56 66.36 38.86 8.43
N LYS J 57 66.08 39.75 9.38
CA LYS J 57 67.18 40.44 10.06
C LYS J 57 67.96 39.48 10.95
N SER J 58 67.30 38.43 11.43
CA SER J 58 67.89 37.46 12.34
C SER J 58 68.97 36.64 11.65
N THR J 59 70.00 36.30 12.42
CA THR J 59 70.99 35.32 12.01
C THR J 59 71.04 34.11 12.96
N GLU J 60 70.37 34.17 14.10
CA GLU J 60 70.42 33.08 15.05
C GLU J 60 69.55 31.90 14.58
N LEU J 61 69.69 30.79 15.29
CA LEU J 61 69.14 29.53 14.82
C LEU J 61 67.63 29.48 15.03
N LEU J 62 66.92 28.92 14.07
CA LEU J 62 65.47 28.89 14.14
C LEU J 62 64.91 27.61 14.75
N ILE J 63 65.59 26.49 14.58
CA ILE J 63 65.10 25.22 15.10
C ILE J 63 65.85 24.87 16.37
N ARG J 64 65.20 24.07 17.22
CA ARG J 64 65.81 23.66 18.47
C ARG J 64 66.98 22.73 18.21
N LYS J 65 68.00 22.80 19.07
CA LYS J 65 69.20 22.00 18.89
C LYS J 65 68.97 20.54 19.29
N LEU J 66 68.47 20.32 20.51
CA LEU J 66 68.42 18.98 21.07
C LEU J 66 67.51 18.02 20.31
N PRO J 67 66.26 18.36 19.95
CA PRO J 67 65.48 17.41 19.14
C PRO J 67 66.02 17.26 17.72
N PHE J 68 66.71 18.26 17.18
CA PHE J 68 67.33 18.06 15.87
C PHE J 68 68.45 17.03 15.93
N GLN J 69 69.32 17.13 16.95
CA GLN J 69 70.38 16.14 17.11
C GLN J 69 69.79 14.76 17.38
N ARG J 70 68.73 14.70 18.17
CA ARG J 70 68.10 13.42 18.46
C ARG J 70 67.39 12.86 17.23
N LEU J 71 66.89 13.73 16.34
CA LEU J 71 66.31 13.28 15.07
C LEU J 71 67.39 12.73 14.13
N VAL J 72 68.54 13.39 14.08
CA VAL J 72 69.65 12.90 13.28
C VAL J 72 70.10 11.53 13.79
N ARG J 73 70.13 11.37 15.12
CA ARG J 73 70.44 10.06 15.71
C ARG J 73 69.36 9.03 15.37
N GLU J 74 68.09 9.44 15.38
CA GLU J 74 66.98 8.55 15.06
C GLU J 74 67.07 8.06 13.63
N ILE J 75 67.40 8.95 12.70
CA ILE J 75 67.55 8.57 11.31
C ILE J 75 68.80 7.70 11.13
N ALA J 76 69.87 8.04 11.86
CA ALA J 76 71.14 7.37 11.69
C ALA J 76 71.11 5.93 12.17
N GLN J 77 70.40 5.64 13.28
CA GLN J 77 70.35 4.26 13.76
C GLN J 77 69.61 3.35 12.79
N ASP J 78 68.70 3.91 11.98
CA ASP J 78 68.05 3.15 10.93
C ASP J 78 69.01 2.70 9.85
N PHE J 79 70.10 3.43 9.65
CA PHE J 79 71.06 3.14 8.60
C PHE J 79 72.31 2.46 9.13
N LYS J 80 72.78 2.86 10.31
CA LYS J 80 73.87 2.18 10.99
C LYS J 80 73.77 2.44 12.48
N THR J 81 73.76 1.36 13.26
CA THR J 81 73.61 1.49 14.71
C THR J 81 74.91 1.96 15.34
N ASP J 82 74.80 2.43 16.59
CA ASP J 82 75.90 2.94 17.40
C ASP J 82 76.66 4.07 16.72
N LEU J 83 75.96 4.98 16.05
CA LEU J 83 76.63 6.04 15.32
C LEU J 83 76.61 7.33 16.14
N ARG J 84 77.77 8.00 16.18
CA ARG J 84 77.97 9.18 17.01
C ARG J 84 78.24 10.40 16.12
N PHE J 85 78.05 11.58 16.72
CA PHE J 85 78.18 12.85 16.01
C PHE J 85 78.91 13.84 16.89
N GLN J 86 79.86 14.57 16.30
CA GLN J 86 80.33 15.80 16.92
C GLN J 86 79.24 16.85 16.88
N SER J 87 79.33 17.81 17.79
CA SER J 87 78.39 18.93 17.79
C SER J 87 78.51 19.73 16.50
N SER J 88 79.71 19.84 15.96
CA SER J 88 79.92 20.59 14.71
C SER J 88 79.23 19.93 13.52
N ALA J 89 79.22 18.59 13.46
CA ALA J 89 78.50 17.91 12.39
C ALA J 89 77.00 18.11 12.51
N VAL J 90 76.49 18.16 13.75
CA VAL J 90 75.08 18.48 13.96
C VAL J 90 74.81 19.93 13.53
N MET J 91 75.74 20.84 13.80
CA MET J 91 75.62 22.22 13.30
C MET J 91 75.59 22.26 11.78
N ALA J 92 76.43 21.47 11.12
CA ALA J 92 76.50 21.52 9.67
C ALA J 92 75.25 20.94 9.02
N LEU J 93 74.76 19.79 9.53
CA LEU J 93 73.47 19.27 9.09
C LEU J 93 72.34 20.25 9.39
N GLN J 94 72.44 20.97 10.50
CA GLN J 94 71.42 21.94 10.86
C GLN J 94 71.39 23.09 9.85
N GLU J 95 72.55 23.71 9.59
CA GLU J 95 72.66 24.78 8.61
C GLU J 95 72.19 24.34 7.24
N ALA J 96 72.51 23.10 6.84
CA ALA J 96 71.95 22.55 5.61
C ALA J 96 70.44 22.42 5.69
N SER J 97 69.90 22.15 6.87
CA SER J 97 68.45 21.96 6.99
C SER J 97 67.69 23.28 6.79
N GLU J 98 68.08 24.37 7.49
CA GLU J 98 67.42 25.63 7.13
C GLU J 98 67.80 26.10 5.73
N ALA J 99 68.98 25.74 5.21
CA ALA J 99 69.32 26.16 3.86
C ALA J 99 68.37 25.57 2.83
N TYR J 100 68.23 24.23 2.85
CA TYR J 100 67.35 23.55 1.91
C TYR J 100 65.89 23.93 2.13
N LEU J 101 65.45 23.95 3.39
CA LEU J 101 64.05 24.24 3.67
C LEU J 101 63.70 25.66 3.27
N VAL J 102 64.52 26.64 3.66
CA VAL J 102 64.24 28.05 3.39
C VAL J 102 64.22 28.30 1.89
N GLY J 103 65.19 27.74 1.15
CA GLY J 103 65.20 27.86 -0.30
C GLY J 103 63.95 27.29 -0.93
N LEU J 104 63.47 26.15 -0.41
CA LEU J 104 62.19 25.63 -0.84
C LEU J 104 61.05 26.58 -0.50
N PHE J 105 61.16 27.37 0.58
CA PHE J 105 60.07 28.32 0.81
C PHE J 105 60.14 29.55 -0.10
N GLU J 106 61.33 30.01 -0.54
CA GLU J 106 61.26 31.07 -1.57
C GLU J 106 60.67 30.52 -2.86
N ASP J 107 61.00 29.27 -3.21
CA ASP J 107 60.34 28.65 -4.37
C ASP J 107 58.82 28.53 -4.15
N THR J 108 58.42 28.22 -2.92
CA THR J 108 57.01 28.12 -2.58
C THR J 108 56.31 29.48 -2.68
N ASN J 109 56.97 30.56 -2.24
CA ASN J 109 56.38 31.89 -2.39
C ASN J 109 56.24 32.28 -3.85
N LEU J 110 57.23 31.94 -4.69
CA LEU J 110 57.09 32.19 -6.12
C LEU J 110 55.88 31.47 -6.69
N ALA J 111 55.71 30.19 -6.32
CA ALA J 111 54.55 29.43 -6.77
C ALA J 111 53.25 30.03 -6.26
N ALA J 112 53.23 30.47 -5.00
CA ALA J 112 52.00 30.97 -4.38
C ALA J 112 51.58 32.31 -4.97
N ILE J 113 52.54 33.20 -5.22
CA ILE J 113 52.17 34.47 -5.83
C ILE J 113 51.80 34.26 -7.29
N HIS J 114 52.31 33.18 -7.89
CA HIS J 114 51.90 32.87 -9.26
C HIS J 114 50.43 32.50 -9.33
N ALA J 115 49.94 31.77 -8.33
CA ALA J 115 48.53 31.38 -8.28
C ALA J 115 47.64 32.44 -7.65
N LYS J 116 48.11 33.69 -7.55
CA LYS J 116 47.38 34.83 -7.02
C LYS J 116 46.95 34.63 -5.57
N ARG J 117 47.64 33.79 -4.81
CA ARG J 117 47.28 33.50 -3.44
C ARG J 117 48.39 33.96 -2.49
N VAL J 118 47.98 34.25 -1.26
CA VAL J 118 48.92 34.52 -0.18
C VAL J 118 49.07 33.34 0.76
N THR J 119 48.21 32.32 0.64
CA THR J 119 48.28 31.12 1.45
C THR J 119 48.91 30.01 0.63
N ILE J 120 49.96 29.38 1.17
CA ILE J 120 50.64 28.34 0.42
C ILE J 120 49.90 27.01 0.60
N MET J 121 50.08 26.13 -0.36
CA MET J 121 49.41 24.84 -0.43
C MET J 121 50.47 23.79 -0.73
N PRO J 122 50.21 22.51 -0.39
CA PRO J 122 51.24 21.47 -0.63
C PRO J 122 51.70 21.37 -2.07
N LYS J 123 50.75 21.50 -3.00
CA LYS J 123 51.05 21.38 -4.43
C LYS J 123 52.07 22.40 -4.89
N ASP J 124 52.18 23.54 -4.18
CA ASP J 124 53.28 24.46 -4.40
C ASP J 124 54.61 23.79 -4.11
N ILE J 125 54.69 23.03 -3.00
CA ILE J 125 55.95 22.40 -2.64
C ILE J 125 56.35 21.30 -3.61
N GLN J 126 55.44 20.35 -3.92
CA GLN J 126 55.90 19.31 -4.86
C GLN J 126 56.03 19.85 -6.29
N LEU J 127 55.30 20.91 -6.64
CA LEU J 127 55.49 21.54 -7.94
C LEU J 127 56.88 22.15 -8.04
N ALA J 128 57.30 22.87 -6.99
CA ALA J 128 58.63 23.48 -6.99
C ALA J 128 59.72 22.42 -6.98
N ARG J 129 59.47 21.33 -6.25
CA ARG J 129 60.42 20.22 -6.22
C ARG J 129 60.51 19.54 -7.59
N ARG J 130 59.38 19.42 -8.29
CA ARG J 130 59.39 18.71 -9.57
C ARG J 130 59.96 19.58 -10.68
N ILE J 131 59.72 20.90 -10.63
CA ILE J 131 60.36 21.81 -11.57
C ILE J 131 61.85 21.91 -11.27
N ARG J 132 62.22 21.87 -9.99
CA ARG J 132 63.63 21.88 -9.61
C ARG J 132 64.38 20.66 -10.14
N GLY J 133 63.68 19.54 -10.33
CA GLY J 133 64.29 18.41 -11.01
C GLY J 133 64.65 17.23 -10.15
N GLU J 134 63.73 16.73 -9.33
CA GLU J 134 63.99 15.52 -8.58
C GLU J 134 63.44 14.30 -9.31
N LYS K 21 67.58 4.41 24.43
CA LYS K 21 68.57 4.21 23.38
C LYS K 21 67.92 4.25 21.99
N VAL K 22 67.05 3.28 21.72
CA VAL K 22 66.38 3.20 20.43
C VAL K 22 65.26 4.23 20.40
N LEU K 23 65.09 4.89 19.24
CA LEU K 23 64.07 5.97 19.11
C LEU K 23 63.08 5.61 17.99
N ARG K 24 61.88 6.21 18.01
CA ARG K 24 60.86 5.91 16.97
C ARG K 24 60.32 7.20 16.37
N ASP K 25 59.64 8.03 17.18
CA ASP K 25 58.99 9.24 16.63
C ASP K 25 59.70 10.52 17.10
N ASN K 26 60.84 10.86 16.49
CA ASN K 26 61.52 12.13 16.85
C ASN K 26 61.39 13.15 15.70
N ILE K 27 60.62 12.82 14.67
CA ILE K 27 60.39 13.79 13.58
C ILE K 27 59.39 14.87 13.98
N GLN K 28 58.57 14.62 15.00
CA GLN K 28 57.75 15.69 15.56
C GLN K 28 58.56 16.65 16.42
N GLY K 29 59.81 16.33 16.73
CA GLY K 29 60.70 17.24 17.42
C GLY K 29 61.04 18.50 16.65
N ILE K 30 61.01 18.45 15.33
CA ILE K 30 60.97 19.66 14.52
C ILE K 30 59.54 20.17 14.66
N THR K 31 59.36 21.11 15.58
CA THR K 31 58.04 21.53 15.99
C THR K 31 57.34 22.31 14.87
N LYS K 32 56.02 22.41 15.00
CA LYS K 32 55.26 23.26 14.09
C LYS K 32 55.70 24.72 14.14
N PRO K 33 55.91 25.37 15.31
CA PRO K 33 56.46 26.74 15.27
C PRO K 33 57.87 26.82 14.70
N ALA K 34 58.66 25.75 14.76
CA ALA K 34 59.95 25.74 14.07
C ALA K 34 59.76 25.86 12.56
N ILE K 35 58.77 25.15 12.02
CA ILE K 35 58.45 25.27 10.60
C ILE K 35 57.92 26.66 10.29
N ARG K 36 57.12 27.22 11.20
CA ARG K 36 56.63 28.59 11.02
C ARG K 36 57.77 29.60 10.96
N ARG K 37 58.75 29.48 11.86
CA ARG K 37 59.88 30.40 11.85
C ARG K 37 60.76 30.20 10.61
N LEU K 38 60.90 28.94 10.18
CA LEU K 38 61.62 28.65 8.94
C LEU K 38 60.96 29.33 7.74
N ALA K 39 59.63 29.27 7.67
CA ALA K 39 58.93 29.90 6.57
C ALA K 39 58.93 31.42 6.70
N ARG K 40 58.98 31.94 7.94
CA ARG K 40 59.14 33.37 8.14
C ARG K 40 60.50 33.85 7.62
N ARG K 41 61.54 33.04 7.80
CA ARG K 41 62.82 33.38 7.17
C ARG K 41 62.70 33.31 5.65
N GLY K 42 61.90 32.39 5.13
CA GLY K 42 61.67 32.33 3.70
C GLY K 42 60.73 33.36 3.14
N GLY K 43 60.15 34.23 3.98
CA GLY K 43 59.22 35.22 3.49
C GLY K 43 57.85 34.70 3.16
N VAL K 44 57.28 33.85 4.00
CA VAL K 44 55.96 33.28 3.74
C VAL K 44 54.91 34.09 4.49
N LYS K 45 53.88 34.51 3.75
CA LYS K 45 52.72 35.16 4.37
C LYS K 45 51.91 34.22 5.24
N ARG K 46 51.36 33.16 4.65
CA ARG K 46 50.42 32.30 5.32
C ARG K 46 50.80 30.85 5.10
N ILE K 47 50.83 30.08 6.18
CA ILE K 47 51.23 28.69 6.17
C ILE K 47 50.00 27.88 6.54
N SER K 48 49.51 27.06 5.62
CA SER K 48 48.32 26.29 5.90
C SER K 48 48.63 25.17 6.89
N GLY K 49 47.56 24.67 7.54
CA GLY K 49 47.72 23.64 8.54
C GLY K 49 48.10 22.29 7.96
N LEU K 50 47.82 22.07 6.68
CA LEU K 50 48.26 20.86 6.01
C LEU K 50 49.76 20.83 5.77
N ILE K 51 50.40 22.01 5.76
CA ILE K 51 51.73 22.17 5.19
C ILE K 51 52.80 21.45 6.00
N TYR K 52 52.65 21.43 7.33
CA TYR K 52 53.70 20.97 8.23
C TYR K 52 54.03 19.51 8.00
N GLU K 53 53.03 18.72 7.57
CA GLU K 53 53.25 17.30 7.33
C GLU K 53 54.17 17.04 6.15
N GLU K 54 53.93 17.67 5.00
CA GLU K 54 54.82 17.38 3.88
C GLU K 54 56.13 18.13 4.01
N THR K 55 56.17 19.22 4.80
CA THR K 55 57.48 19.79 5.10
C THR K 55 58.31 18.85 5.93
N ARG K 56 57.69 18.17 6.91
CA ARG K 56 58.39 17.14 7.66
C ARG K 56 58.79 15.98 6.76
N GLY K 57 57.94 15.63 5.80
CA GLY K 57 58.29 14.56 4.86
C GLY K 57 59.44 14.94 3.93
N VAL K 58 59.45 16.18 3.44
CA VAL K 58 60.54 16.65 2.59
C VAL K 58 61.83 16.73 3.38
N LEU K 59 61.76 17.19 4.63
CA LEU K 59 62.93 17.21 5.49
C LEU K 59 63.41 15.80 5.78
N LYS K 60 62.47 14.86 5.95
CA LYS K 60 62.79 13.44 6.11
C LYS K 60 63.57 12.93 4.92
N VAL K 61 63.07 13.22 3.71
CA VAL K 61 63.69 12.72 2.49
C VAL K 61 65.09 13.33 2.30
N PHE K 62 65.18 14.65 2.50
CA PHE K 62 66.44 15.35 2.27
C PHE K 62 67.50 14.92 3.27
N LEU K 63 67.15 14.90 4.56
CA LEU K 63 68.12 14.46 5.56
C LEU K 63 68.45 12.99 5.38
N GLU K 64 67.49 12.18 4.92
CA GLU K 64 67.76 10.77 4.64
C GLU K 64 68.81 10.63 3.55
N ASN K 65 68.67 11.40 2.47
CA ASN K 65 69.66 11.37 1.39
C ASN K 65 71.02 11.87 1.87
N VAL K 66 71.03 12.98 2.61
CA VAL K 66 72.29 13.57 3.06
C VAL K 66 73.02 12.64 4.03
N ILE K 67 72.29 12.04 4.97
CA ILE K 67 72.98 11.22 5.95
C ILE K 67 73.27 9.84 5.37
N ARG K 68 72.55 9.43 4.32
CA ARG K 68 72.94 8.23 3.60
C ARG K 68 74.28 8.41 2.94
N ASP K 69 74.44 9.54 2.25
CA ASP K 69 75.74 9.90 1.68
C ASP K 69 76.81 9.99 2.78
N ALA K 70 76.50 10.65 3.89
CA ALA K 70 77.49 10.87 4.94
C ALA K 70 77.88 9.58 5.64
N VAL K 71 76.91 8.69 5.89
CA VAL K 71 77.19 7.38 6.45
C VAL K 71 78.04 6.57 5.50
N THR K 72 77.80 6.68 4.19
CA THR K 72 78.65 6.00 3.22
C THR K 72 80.08 6.56 3.25
N TYR K 73 80.21 7.87 3.41
CA TYR K 73 81.54 8.49 3.57
C TYR K 73 82.25 7.96 4.81
N THR K 74 81.56 7.95 5.96
CA THR K 74 82.19 7.51 7.20
C THR K 74 82.54 6.03 7.17
N GLU K 75 81.64 5.21 6.61
CA GLU K 75 81.90 3.78 6.49
C GLU K 75 83.02 3.51 5.50
N HIS K 76 83.21 4.40 4.54
CA HIS K 76 84.41 4.32 3.71
C HIS K 76 85.67 4.57 4.53
N ALA K 77 85.62 5.53 5.44
CA ALA K 77 86.79 5.84 6.26
C ALA K 77 86.94 4.91 7.45
N LYS K 78 86.04 3.93 7.61
CA LYS K 78 86.08 2.93 8.68
C LYS K 78 86.04 3.57 10.07
N ARG K 79 85.29 4.65 10.20
CA ARG K 79 85.04 5.31 11.47
C ARG K 79 83.63 5.01 11.97
N LYS K 80 83.35 5.46 13.18
CA LYS K 80 82.02 5.30 13.79
C LYS K 80 81.42 6.62 14.22
N THR K 81 82.06 7.75 13.92
CA THR K 81 81.52 9.06 14.25
C THR K 81 81.42 9.89 12.98
N VAL K 82 80.23 10.41 12.70
CA VAL K 82 80.04 11.28 11.54
C VAL K 82 80.61 12.66 11.86
N THR K 83 81.56 13.11 11.05
CA THR K 83 82.18 14.41 11.17
C THR K 83 81.53 15.42 10.23
N ALA K 84 81.79 16.70 10.51
CA ALA K 84 81.27 17.76 9.65
C ALA K 84 81.97 17.78 8.30
N MET K 85 83.19 17.22 8.23
CA MET K 85 83.89 17.08 6.96
C MET K 85 83.08 16.26 5.97
N ASP K 86 82.63 15.07 6.38
CA ASP K 86 81.86 14.21 5.49
C ASP K 86 80.48 14.79 5.23
N VAL K 87 79.96 15.57 6.18
CA VAL K 87 78.69 16.26 5.98
C VAL K 87 78.80 17.26 4.84
N VAL K 88 79.84 18.10 4.85
CA VAL K 88 79.95 19.11 3.80
C VAL K 88 80.36 18.46 2.48
N TYR K 89 81.04 17.30 2.54
CA TYR K 89 81.27 16.55 1.30
C TYR K 89 79.97 16.01 0.73
N ALA K 90 79.06 15.53 1.58
CA ALA K 90 77.77 15.04 1.13
C ALA K 90 76.94 16.19 0.56
N LEU K 91 77.06 17.37 1.14
CA LEU K 91 76.36 18.53 0.59
C LEU K 91 76.98 18.97 -0.72
N LYS K 92 78.29 18.77 -0.89
CA LYS K 92 78.93 19.11 -2.15
C LYS K 92 78.53 18.13 -3.24
N ARG K 93 78.31 16.87 -2.88
CA ARG K 93 77.82 15.89 -3.85
C ARG K 93 76.44 16.24 -4.40
N GLN K 94 75.56 16.81 -3.58
CA GLN K 94 74.18 17.05 -3.96
C GLN K 94 74.02 18.39 -4.69
N GLY K 95 75.10 19.17 -4.79
CA GLY K 95 74.99 20.50 -5.35
C GLY K 95 74.42 21.51 -4.38
N ARG K 96 74.61 21.29 -3.09
CA ARG K 96 74.20 22.21 -2.03
C ARG K 96 75.39 22.49 -1.12
N THR K 97 76.53 22.85 -1.72
CA THR K 97 77.78 23.02 -0.99
C THR K 97 77.65 24.16 0.02
N LEU K 98 78.10 23.89 1.24
CA LEU K 98 77.86 24.77 2.38
C LEU K 98 79.17 25.42 2.78
N TYR K 99 79.13 26.72 3.04
CA TYR K 99 80.30 27.47 3.47
C TYR K 99 80.32 27.59 4.98
N GLY K 100 81.49 27.32 5.57
CA GLY K 100 81.73 27.65 6.97
C GLY K 100 81.98 26.49 7.90
N PHE K 101 82.25 25.29 7.39
CA PHE K 101 82.56 24.15 8.25
C PHE K 101 83.71 23.34 7.70
N GLY K 102 84.77 24.02 7.31
CA GLY K 102 86.05 23.38 7.03
C GLY K 102 86.09 22.56 5.76
N GLY K 103 85.20 22.79 4.81
CA GLY K 103 85.21 22.05 3.56
C GLY K 103 86.42 22.34 2.69
N ALA L 28 108.56 -19.13 -23.79
CA ALA L 28 107.94 -19.93 -22.75
C ALA L 28 106.91 -19.12 -21.97
N ARG L 29 106.55 -17.97 -22.52
CA ARG L 29 105.56 -17.11 -21.88
C ARG L 29 104.18 -17.74 -21.97
N ALA L 30 103.34 -17.45 -20.97
CA ALA L 30 102.00 -17.98 -20.92
C ALA L 30 101.12 -17.35 -22.00
N LYS L 31 100.02 -18.03 -22.31
CA LYS L 31 99.09 -17.53 -23.31
C LYS L 31 98.40 -16.26 -22.81
N ALA L 32 98.27 -15.28 -23.69
CA ALA L 32 97.65 -14.01 -23.34
C ALA L 32 96.14 -14.19 -23.24
N LYS L 33 95.65 -14.35 -22.01
CA LYS L 33 94.22 -14.50 -21.77
C LYS L 33 93.73 -13.19 -21.14
N THR L 34 92.45 -12.88 -21.28
CA THR L 34 91.99 -11.51 -21.06
C THR L 34 91.37 -11.36 -19.69
N ARG L 35 91.49 -10.14 -19.14
CA ARG L 35 91.01 -9.86 -17.79
C ARG L 35 89.49 -9.80 -17.73
N SER L 36 88.83 -9.39 -18.81
CA SER L 36 87.36 -9.38 -18.83
C SER L 36 86.81 -10.80 -18.78
N SER L 37 87.48 -11.73 -19.47
CA SER L 37 87.13 -13.14 -19.35
C SER L 37 87.47 -13.69 -17.97
N ARG L 38 88.51 -13.15 -17.33
CA ARG L 38 88.79 -13.51 -15.94
C ARG L 38 87.66 -13.06 -15.03
N ALA L 39 87.08 -11.90 -15.32
CA ALA L 39 85.88 -11.45 -14.64
C ALA L 39 84.62 -12.11 -15.18
N GLY L 40 84.71 -12.81 -16.30
CA GLY L 40 83.51 -13.27 -16.97
C GLY L 40 82.70 -12.14 -17.57
N LEU L 41 83.33 -11.02 -17.88
CA LEU L 41 82.66 -9.85 -18.37
C LEU L 41 83.07 -9.57 -19.81
N GLN L 42 82.37 -8.64 -20.44
CA GLN L 42 82.69 -8.21 -21.79
C GLN L 42 83.23 -6.79 -21.85
N PHE L 43 82.77 -5.90 -20.97
CA PHE L 43 83.36 -4.58 -20.86
C PHE L 43 84.80 -4.67 -20.36
N PRO L 44 85.71 -3.93 -20.99
CA PRO L 44 87.14 -4.10 -20.75
C PRO L 44 87.54 -3.72 -19.33
N VAL L 45 88.33 -4.59 -18.70
CA VAL L 45 89.17 -4.13 -17.61
C VAL L 45 90.26 -3.22 -18.16
N GLY L 46 90.75 -3.53 -19.37
CA GLY L 46 91.88 -2.81 -19.93
C GLY L 46 91.57 -1.37 -20.29
N ARG L 47 90.49 -1.13 -21.05
CA ARG L 47 90.19 0.23 -21.46
C ARG L 47 89.71 1.08 -20.28
N VAL L 48 88.95 0.49 -19.36
CA VAL L 48 88.51 1.22 -18.18
C VAL L 48 89.69 1.58 -17.29
N HIS L 49 90.62 0.63 -17.11
CA HIS L 49 91.82 0.90 -16.33
C HIS L 49 92.70 1.96 -16.98
N ARG L 50 92.84 1.91 -18.31
CA ARG L 50 93.65 2.90 -19.01
C ARG L 50 93.01 4.28 -18.94
N LEU L 51 91.68 4.36 -19.08
CA LEU L 51 91.01 5.65 -19.02
C LEU L 51 90.97 6.19 -17.59
N LEU L 52 91.05 5.31 -16.60
CA LEU L 52 91.19 5.77 -15.22
C LEU L 52 92.59 6.31 -14.96
N ARG L 53 93.62 5.62 -15.46
CA ARG L 53 94.99 6.06 -15.24
C ARG L 53 95.27 7.37 -15.97
N LYS L 54 94.83 7.47 -17.22
CA LYS L 54 95.04 8.68 -18.00
C LYS L 54 93.95 9.72 -17.81
N GLY L 55 92.92 9.40 -17.05
CA GLY L 55 91.96 10.42 -16.67
C GLY L 55 92.40 11.28 -15.52
N ASN L 56 93.52 10.91 -14.87
CA ASN L 56 94.11 11.65 -13.76
C ASN L 56 93.12 11.81 -12.60
N TYR L 57 92.71 10.68 -12.03
CA TYR L 57 91.81 10.68 -10.89
C TYR L 57 92.50 10.27 -9.60
N SER L 58 93.59 9.50 -9.68
CA SER L 58 94.39 9.17 -8.51
C SER L 58 95.79 8.83 -8.97
N GLU L 59 96.72 8.83 -8.02
CA GLU L 59 98.09 8.46 -8.33
C GLU L 59 98.21 6.97 -8.61
N ARG L 60 97.59 6.14 -7.77
CA ARG L 60 97.63 4.69 -7.91
C ARG L 60 96.19 4.18 -7.94
N VAL L 61 95.98 3.08 -8.65
CA VAL L 61 94.64 2.53 -8.84
C VAL L 61 94.67 1.04 -8.51
N GLY L 62 93.81 0.63 -7.58
CA GLY L 62 93.71 -0.78 -7.24
C GLY L 62 93.14 -1.60 -8.37
N ALA L 63 93.47 -2.90 -8.35
CA ALA L 63 93.06 -3.79 -9.42
C ALA L 63 91.54 -4.03 -9.39
N GLY L 64 90.93 -3.91 -8.22
CA GLY L 64 89.49 -4.10 -8.14
C GLY L 64 88.67 -2.97 -8.73
N ALA L 65 89.25 -1.78 -8.82
CA ALA L 65 88.50 -0.62 -9.31
C ALA L 65 88.06 -0.75 -10.77
N PRO L 66 88.92 -1.05 -11.76
CA PRO L 66 88.39 -1.08 -13.13
C PRO L 66 87.53 -2.29 -13.44
N VAL L 67 87.78 -3.44 -12.80
CA VAL L 67 86.90 -4.59 -13.00
C VAL L 67 85.53 -4.32 -12.37
N TYR L 68 85.52 -3.65 -11.22
CA TYR L 68 84.25 -3.27 -10.59
C TYR L 68 83.49 -2.28 -11.47
N LEU L 69 84.23 -1.34 -12.06
CA LEU L 69 83.60 -0.32 -12.90
C LEU L 69 83.09 -0.93 -14.20
N ALA L 70 83.83 -1.88 -14.77
CA ALA L 70 83.34 -2.61 -15.93
C ALA L 70 82.10 -3.41 -15.59
N ALA L 71 82.04 -3.97 -14.37
CA ALA L 71 80.86 -4.72 -13.95
C ALA L 71 79.63 -3.83 -13.83
N VAL L 72 79.79 -2.65 -13.21
CA VAL L 72 78.63 -1.76 -13.06
C VAL L 72 78.19 -1.19 -14.41
N LEU L 73 79.16 -0.87 -15.29
CA LEU L 73 78.81 -0.43 -16.64
C LEU L 73 78.11 -1.52 -17.42
N GLU L 74 78.56 -2.77 -17.27
CA GLU L 74 77.92 -3.86 -17.99
C GLU L 74 76.52 -4.13 -17.48
N TYR L 75 76.32 -4.02 -16.16
CA TYR L 75 74.97 -4.20 -15.63
C TYR L 75 74.05 -3.09 -16.11
N LEU L 76 74.51 -1.83 -16.09
CA LEU L 76 73.68 -0.73 -16.57
C LEU L 76 73.38 -0.87 -18.05
N THR L 77 74.39 -1.25 -18.84
CA THR L 77 74.20 -1.45 -20.28
C THR L 77 73.23 -2.58 -20.55
N ALA L 78 73.35 -3.69 -19.83
CA ALA L 78 72.44 -4.81 -19.99
C ALA L 78 71.02 -4.42 -19.64
N GLU L 79 70.85 -3.64 -18.57
CA GLU L 79 69.52 -3.21 -18.15
C GLU L 79 68.88 -2.30 -19.19
N ILE L 80 69.64 -1.34 -19.70
CA ILE L 80 69.02 -0.36 -20.60
C ILE L 80 68.78 -0.96 -21.98
N LEU L 81 69.65 -1.87 -22.44
CA LEU L 81 69.37 -2.55 -23.70
C LEU L 81 68.29 -3.62 -23.55
N GLU L 82 68.10 -4.16 -22.34
CA GLU L 82 66.92 -4.98 -22.07
C GLU L 82 65.63 -4.18 -22.26
N LEU L 83 65.56 -3.01 -21.61
CA LEU L 83 64.36 -2.17 -21.75
C LEU L 83 64.20 -1.66 -23.18
N ALA L 84 65.32 -1.37 -23.87
CA ALA L 84 65.25 -0.93 -25.25
C ALA L 84 64.75 -2.03 -26.18
N GLY L 85 65.22 -3.27 -25.98
CA GLY L 85 64.75 -4.38 -26.79
C GLY L 85 63.29 -4.68 -26.54
N ASN L 86 62.86 -4.60 -25.27
CA ASN L 86 61.45 -4.81 -24.98
C ASN L 86 60.58 -3.72 -25.59
N ALA L 87 61.05 -2.47 -25.59
CA ALA L 87 60.30 -1.38 -26.22
C ALA L 87 60.28 -1.53 -27.74
N ALA L 88 61.38 -2.03 -28.32
CA ALA L 88 61.43 -2.21 -29.77
C ALA L 88 60.51 -3.33 -30.22
N ARG L 89 60.46 -4.42 -29.46
CA ARG L 89 59.51 -5.49 -29.78
C ARG L 89 58.07 -5.06 -29.48
N ASP L 90 57.91 -4.11 -28.54
CA ASP L 90 56.58 -3.54 -28.31
C ASP L 90 56.12 -2.72 -29.50
N ASN L 91 57.04 -2.01 -30.16
CA ASN L 91 56.73 -1.26 -31.37
C ASN L 91 56.97 -2.08 -32.63
N LYS L 92 56.94 -3.42 -32.51
CA LYS L 92 57.08 -4.43 -33.59
C LYS L 92 58.24 -4.14 -34.55
N LYS L 93 59.32 -3.54 -34.04
CA LYS L 93 60.51 -3.27 -34.83
C LYS L 93 61.66 -4.13 -34.36
N THR L 94 62.60 -4.40 -35.27
CA THR L 94 63.72 -5.29 -34.98
C THR L 94 64.98 -4.53 -34.58
N ARG L 95 65.22 -3.35 -35.15
CA ARG L 95 66.45 -2.60 -34.90
C ARG L 95 66.14 -1.47 -33.92
N ILE L 96 67.02 -1.29 -32.93
CA ILE L 96 66.77 -0.29 -31.91
C ILE L 96 67.08 1.10 -32.45
N ILE L 97 66.38 2.10 -31.94
CA ILE L 97 66.50 3.48 -32.40
C ILE L 97 66.49 4.32 -31.12
N PRO L 98 67.07 5.53 -31.11
CA PRO L 98 67.03 6.35 -29.88
C PRO L 98 65.64 6.71 -29.38
N ARG L 99 64.60 6.63 -30.22
CA ARG L 99 63.24 6.69 -29.70
C ARG L 99 62.99 5.57 -28.70
N HIS L 100 63.38 4.35 -29.05
CA HIS L 100 63.24 3.22 -28.13
C HIS L 100 64.10 3.41 -26.89
N LEU L 101 65.30 3.97 -27.05
CA LEU L 101 66.17 4.22 -25.91
C LEU L 101 65.55 5.22 -24.93
N GLN L 102 64.99 6.30 -25.45
CA GLN L 102 64.43 7.34 -24.60
C GLN L 102 63.17 6.84 -23.89
N LEU L 103 62.36 6.07 -24.63
CA LEU L 103 61.22 5.37 -24.04
C LEU L 103 61.69 4.44 -22.93
N ALA L 104 62.79 3.71 -23.17
CA ALA L 104 63.33 2.78 -22.19
C ALA L 104 63.81 3.51 -20.94
N ILE L 105 64.42 4.68 -21.09
CA ILE L 105 64.94 5.41 -19.94
C ILE L 105 63.81 5.92 -19.05
N ARG L 106 62.78 6.56 -19.63
CA ARG L 106 61.86 7.15 -18.66
C ARG L 106 60.63 6.30 -18.35
N ASN L 107 60.62 5.01 -18.73
CA ASN L 107 59.76 4.09 -17.98
C ASN L 107 60.38 3.63 -16.66
N ASP L 108 61.67 3.78 -16.47
CA ASP L 108 62.35 3.25 -15.30
C ASP L 108 62.71 4.41 -14.37
N GLU L 109 62.11 4.40 -13.18
CA GLU L 109 62.15 5.57 -12.30
C GLU L 109 63.55 5.83 -11.77
N GLU L 110 64.26 4.77 -11.36
CA GLU L 110 65.62 4.98 -10.84
C GLU L 110 66.59 5.33 -11.96
N LEU L 111 66.35 4.84 -13.17
CA LEU L 111 67.13 5.30 -14.31
C LEU L 111 66.82 6.76 -14.62
N ASN L 112 65.57 7.18 -14.44
CA ASN L 112 65.22 8.59 -14.62
C ASN L 112 65.89 9.45 -13.57
N LYS L 113 66.04 8.93 -12.35
CA LYS L 113 66.83 9.64 -11.34
C LYS L 113 68.30 9.69 -11.71
N LEU L 114 68.81 8.63 -12.34
CA LEU L 114 70.19 8.62 -12.78
C LEU L 114 70.44 9.61 -13.91
N LEU L 115 69.48 9.72 -14.83
CA LEU L 115 69.64 10.50 -16.06
C LEU L 115 68.66 11.66 -16.14
N GLY L 116 68.51 12.40 -15.04
CA GLY L 116 67.57 13.51 -15.02
C GLY L 116 67.97 14.66 -15.93
N ARG L 117 69.27 14.94 -16.03
CA ARG L 117 69.77 16.12 -16.72
C ARG L 117 70.32 15.78 -18.11
N VAL L 118 70.02 14.60 -18.63
CA VAL L 118 70.64 14.09 -19.85
C VAL L 118 69.61 14.02 -20.96
N THR L 119 69.98 14.51 -22.15
CA THR L 119 69.12 14.48 -23.32
C THR L 119 69.63 13.43 -24.31
N ILE L 120 68.71 12.61 -24.81
CA ILE L 120 68.99 11.64 -25.87
C ILE L 120 68.80 12.34 -27.21
N ALA L 121 69.79 12.20 -28.10
CA ALA L 121 69.67 12.75 -29.44
C ALA L 121 68.66 11.95 -30.24
N GLN L 122 67.75 12.66 -30.93
CA GLN L 122 66.64 12.09 -31.70
C GLN L 122 65.74 11.17 -30.87
N GLY L 123 65.73 11.36 -29.56
CA GLY L 123 64.95 10.51 -28.69
C GLY L 123 63.53 10.98 -28.53
N GLY L 124 63.32 12.29 -28.62
CA GLY L 124 61.99 12.83 -28.40
C GLY L 124 61.59 12.71 -26.94
N VAL L 125 60.28 12.75 -26.70
CA VAL L 125 59.73 12.66 -25.36
C VAL L 125 58.69 11.54 -25.35
N LEU L 126 58.74 10.70 -24.33
CA LEU L 126 57.73 9.68 -24.11
C LEU L 126 56.36 10.33 -23.91
N PRO L 127 55.28 9.71 -24.39
CA PRO L 127 53.95 10.32 -24.22
C PRO L 127 53.54 10.40 -22.76
N ASN L 128 53.52 11.64 -22.26
CA ASN L 128 53.14 11.91 -20.88
C ASN L 128 52.31 13.19 -20.85
N ILE L 129 51.02 13.03 -21.00
CA ILE L 129 50.09 14.14 -21.15
C ILE L 129 49.37 14.36 -19.83
N GLN L 130 49.37 15.59 -19.36
CA GLN L 130 48.63 15.93 -18.16
C GLN L 130 47.13 15.79 -18.42
N ALA L 131 46.44 15.18 -17.47
CA ALA L 131 45.07 14.73 -17.70
C ALA L 131 44.07 15.88 -17.79
N VAL L 132 44.40 17.04 -17.23
CA VAL L 132 43.44 18.14 -17.22
C VAL L 132 43.28 18.74 -18.62
N LEU L 133 44.34 18.69 -19.43
CA LEU L 133 44.26 19.26 -20.76
C LEU L 133 43.69 18.25 -21.77
N LEU L 134 43.54 17.00 -21.35
CA LEU L 134 42.90 16.00 -22.18
C LEU L 134 41.41 16.32 -22.30
N PRO L 135 40.76 16.00 -23.41
CA PRO L 135 39.34 16.30 -23.56
C PRO L 135 38.48 15.39 -22.69
N LYS L 136 37.26 15.83 -22.45
CA LYS L 136 36.33 15.11 -21.58
C LYS L 136 35.33 14.32 -22.44
N LYS M 31 94.65 4.70 -44.56
CA LYS M 31 93.80 4.58 -43.38
C LYS M 31 93.91 5.82 -42.50
N ARG M 32 92.98 5.96 -41.57
CA ARG M 32 92.95 7.08 -40.64
C ARG M 32 93.22 6.56 -39.23
N SER M 33 93.36 7.49 -38.29
CA SER M 33 93.64 7.13 -36.91
C SER M 33 92.41 6.47 -36.28
N ARG M 34 92.66 5.57 -35.33
CA ARG M 34 91.57 4.88 -34.66
C ARG M 34 90.89 5.82 -33.66
N LYS M 35 89.61 6.05 -33.87
CA LYS M 35 88.77 6.78 -32.92
C LYS M 35 88.11 5.71 -32.04
N GLU M 36 88.60 5.59 -30.82
CA GLU M 36 88.19 4.51 -29.94
C GLU M 36 86.74 4.66 -29.52
N SER M 37 86.06 3.52 -29.40
CA SER M 37 84.62 3.51 -29.20
C SER M 37 84.24 2.28 -28.38
N TYR M 38 82.98 2.22 -28.00
CA TYR M 38 82.41 1.05 -27.33
C TYR M 38 81.53 0.23 -28.25
N SER M 39 82.00 -0.06 -29.47
CA SER M 39 81.15 -0.71 -30.46
C SER M 39 80.93 -2.19 -30.14
N VAL M 40 82.01 -2.98 -30.19
CA VAL M 40 81.86 -4.44 -30.15
C VAL M 40 81.39 -4.88 -28.78
N TYR M 41 81.66 -4.10 -27.73
CA TYR M 41 81.29 -4.51 -26.39
C TYR M 41 79.78 -4.38 -26.18
N VAL M 42 79.22 -3.26 -26.64
CA VAL M 42 77.78 -3.06 -26.60
C VAL M 42 77.09 -4.06 -27.53
N TYR M 43 77.73 -4.37 -28.66
CA TYR M 43 77.11 -5.33 -29.57
C TYR M 43 77.08 -6.74 -28.96
N LYS M 44 78.17 -7.15 -28.29
CA LYS M 44 78.18 -8.45 -27.63
C LYS M 44 77.19 -8.52 -26.47
N VAL M 45 77.06 -7.45 -25.69
CA VAL M 45 76.11 -7.53 -24.57
C VAL M 45 74.68 -7.54 -25.11
N LEU M 46 74.43 -6.89 -26.25
CA LEU M 46 73.15 -7.04 -26.92
C LEU M 46 72.90 -8.48 -27.35
N LYS M 47 73.88 -9.10 -28.02
CA LYS M 47 73.70 -10.47 -28.48
C LYS M 47 73.56 -11.47 -27.33
N GLN M 48 74.10 -11.15 -26.15
CA GLN M 48 73.74 -11.93 -24.97
C GLN M 48 72.29 -11.69 -24.55
N VAL M 49 71.87 -10.43 -24.45
CA VAL M 49 70.58 -10.18 -23.83
C VAL M 49 69.45 -10.33 -24.86
N HIS M 50 69.73 -10.11 -26.14
CA HIS M 50 68.75 -10.25 -27.21
C HIS M 50 69.48 -10.63 -28.48
N PRO M 51 69.53 -11.94 -28.80
CA PRO M 51 70.29 -12.38 -29.97
C PRO M 51 69.74 -11.88 -31.31
N ASP M 52 68.47 -11.52 -31.38
CA ASP M 52 67.82 -11.30 -32.65
C ASP M 52 67.69 -9.83 -33.07
N THR M 53 67.78 -8.89 -32.14
CA THR M 53 67.48 -7.50 -32.45
C THR M 53 68.72 -6.76 -32.96
N GLY M 54 68.49 -5.63 -33.64
CA GLY M 54 69.54 -4.88 -34.27
C GLY M 54 69.85 -3.56 -33.57
N ILE M 55 70.85 -2.87 -34.10
CA ILE M 55 71.37 -1.62 -33.54
C ILE M 55 71.48 -0.59 -34.65
N SER M 56 71.00 0.62 -34.38
CA SER M 56 71.24 1.73 -35.29
C SER M 56 72.42 2.57 -34.81
N SER M 57 72.96 3.37 -35.74
CA SER M 57 74.18 4.13 -35.45
C SER M 57 73.91 5.27 -34.48
N LYS M 58 72.73 5.89 -34.58
CA LYS M 58 72.36 6.94 -33.63
C LYS M 58 72.25 6.38 -32.22
N ALA M 59 71.59 5.23 -32.08
CA ALA M 59 71.53 4.54 -30.79
C ALA M 59 72.93 4.14 -30.33
N MET M 60 73.81 3.84 -31.27
CA MET M 60 75.13 3.37 -30.91
C MET M 60 75.96 4.52 -30.36
N GLY M 61 75.79 5.71 -30.94
CA GLY M 61 76.39 6.91 -30.37
C GLY M 61 75.81 7.26 -29.01
N ILE M 62 74.50 7.03 -28.83
CA ILE M 62 73.88 7.20 -27.52
C ILE M 62 74.55 6.30 -26.48
N MET M 63 74.83 5.06 -26.86
CA MET M 63 75.53 4.14 -25.97
C MET M 63 76.96 4.60 -25.68
N ASN M 64 77.66 5.11 -26.69
CA ASN M 64 79.02 5.60 -26.45
C ASN M 64 79.02 6.77 -25.47
N SER M 65 78.08 7.71 -25.65
CA SER M 65 78.02 8.85 -24.74
C SER M 65 77.53 8.45 -23.36
N PHE M 66 76.68 7.42 -23.29
CA PHE M 66 76.22 6.87 -22.02
C PHE M 66 77.39 6.30 -21.23
N VAL M 67 78.19 5.44 -21.87
CA VAL M 67 79.33 4.82 -21.20
C VAL M 67 80.33 5.89 -20.76
N ASN M 68 80.58 6.88 -21.63
CA ASN M 68 81.48 7.97 -21.28
C ASN M 68 80.97 8.76 -20.08
N ASP M 69 79.67 9.08 -20.05
CA ASP M 69 79.13 9.89 -18.96
C ASP M 69 79.15 9.14 -17.63
N ILE M 70 78.76 7.87 -17.64
CA ILE M 70 78.72 7.11 -16.39
C ILE M 70 80.14 6.86 -15.88
N PHE M 71 81.08 6.57 -16.79
CA PHE M 71 82.47 6.39 -16.39
C PHE M 71 83.03 7.67 -15.80
N GLU M 72 82.69 8.82 -16.39
CA GLU M 72 83.16 10.10 -15.89
C GLU M 72 82.61 10.39 -14.50
N ARG M 73 81.32 10.10 -14.28
CA ARG M 73 80.71 10.35 -12.97
C ARG M 73 81.35 9.48 -11.89
N ILE M 74 81.50 8.17 -12.16
CA ILE M 74 82.07 7.27 -11.16
C ILE M 74 83.53 7.62 -10.90
N ALA M 75 84.29 7.94 -11.95
CA ALA M 75 85.70 8.28 -11.79
C ALA M 75 85.88 9.58 -11.02
N GLY M 76 85.02 10.57 -11.29
CA GLY M 76 85.09 11.82 -10.56
C GLY M 76 84.76 11.66 -9.08
N GLU M 77 83.74 10.86 -8.78
CA GLU M 77 83.41 10.64 -7.37
C GLU M 77 84.48 9.80 -6.67
N ALA M 78 85.11 8.87 -7.39
CA ALA M 78 86.22 8.11 -6.81
C ALA M 78 87.40 9.01 -6.51
N SER M 79 87.72 9.93 -7.42
CA SER M 79 88.80 10.89 -7.18
C SER M 79 88.47 11.78 -5.99
N ARG M 80 87.21 12.20 -5.87
CA ARG M 80 86.79 13.03 -4.76
C ARG M 80 86.93 12.29 -3.42
N LEU M 81 86.52 11.01 -3.40
CA LEU M 81 86.65 10.21 -2.19
C LEU M 81 88.12 9.95 -1.83
N ALA M 82 88.97 9.76 -2.84
CA ALA M 82 90.39 9.61 -2.58
C ALA M 82 90.99 10.88 -1.99
N HIS M 83 90.55 12.04 -2.49
CA HIS M 83 91.01 13.31 -1.95
C HIS M 83 90.54 13.51 -0.51
N TYR M 84 89.33 13.06 -0.20
CA TYR M 84 88.78 13.31 1.14
C TYR M 84 89.50 12.50 2.23
N ASN M 85 89.84 11.26 1.95
CA ASN M 85 90.47 10.41 2.96
C ASN M 85 91.98 10.49 2.95
N LYS M 86 92.55 11.37 2.11
CA LYS M 86 93.99 11.41 1.83
C LYS M 86 94.46 10.01 1.38
N ARG M 87 93.95 9.60 0.21
CA ARG M 87 94.27 8.32 -0.38
C ARG M 87 94.85 8.51 -1.77
N SER M 88 95.99 7.88 -2.02
CA SER M 88 96.55 7.83 -3.36
C SER M 88 96.09 6.61 -4.14
N THR M 89 95.22 5.78 -3.58
CA THR M 89 94.82 4.51 -4.17
C THR M 89 93.32 4.48 -4.40
N ILE M 90 92.92 4.11 -5.62
CA ILE M 90 91.52 3.80 -5.91
C ILE M 90 91.39 2.30 -6.18
N THR M 91 90.77 1.60 -5.26
CA THR M 91 90.40 0.19 -5.40
C THR M 91 88.88 0.10 -5.49
N SER M 92 88.37 -1.14 -5.47
CA SER M 92 86.95 -1.38 -5.64
C SER M 92 86.11 -0.82 -4.50
N ARG M 93 86.73 -0.55 -3.35
CA ARG M 93 85.98 -0.12 -2.17
C ARG M 93 85.50 1.32 -2.33
N GLU M 94 86.38 2.21 -2.82
CA GLU M 94 85.96 3.55 -3.21
C GLU M 94 84.96 3.52 -4.35
N ILE M 95 85.11 2.57 -5.27
CA ILE M 95 84.21 2.50 -6.42
C ILE M 95 82.80 2.11 -5.96
N GLN M 96 82.69 1.13 -5.06
CA GLN M 96 81.37 0.74 -4.57
C GLN M 96 80.79 1.82 -3.67
N THR M 97 81.66 2.58 -3.00
CA THR M 97 81.23 3.80 -2.32
C THR M 97 80.59 4.77 -3.31
N ALA M 98 81.25 5.01 -4.45
CA ALA M 98 80.73 5.95 -5.43
C ALA M 98 79.46 5.44 -6.10
N VAL M 99 79.34 4.12 -6.24
CA VAL M 99 78.10 3.51 -6.72
C VAL M 99 76.97 3.75 -5.73
N ARG M 100 77.25 3.57 -4.43
CA ARG M 100 76.22 3.78 -3.42
C ARG M 100 75.83 5.25 -3.32
N LEU M 101 76.76 6.16 -3.63
CA LEU M 101 76.38 7.56 -3.82
C LEU M 101 75.50 7.76 -5.05
N LEU M 102 76.04 7.52 -6.24
CA LEU M 102 75.42 8.05 -7.46
C LEU M 102 74.20 7.25 -7.88
N LEU M 103 74.37 5.95 -8.12
CA LEU M 103 73.26 5.12 -8.55
C LEU M 103 72.27 4.93 -7.41
N PRO M 104 70.99 5.22 -7.62
CA PRO M 104 70.03 5.20 -6.50
C PRO M 104 69.49 3.80 -6.23
N GLY M 105 69.64 3.38 -4.97
CA GLY M 105 68.94 2.23 -4.43
C GLY M 105 69.12 0.88 -5.10
N GLU M 106 68.09 0.44 -5.80
CA GLU M 106 68.03 -0.92 -6.33
C GLU M 106 69.13 -1.18 -7.35
N LEU M 107 69.38 -0.21 -8.22
CA LEU M 107 70.50 -0.31 -9.16
C LEU M 107 71.83 -0.40 -8.41
N ALA M 108 71.96 0.33 -7.31
CA ALA M 108 73.21 0.31 -6.55
C ALA M 108 73.46 -1.04 -5.92
N LYS M 109 72.45 -1.63 -5.27
CA LYS M 109 72.66 -2.92 -4.61
C LYS M 109 72.87 -4.02 -5.64
N HIS M 110 72.17 -3.95 -6.78
CA HIS M 110 72.45 -4.89 -7.85
C HIS M 110 73.87 -4.73 -8.39
N ALA M 111 74.31 -3.49 -8.57
CA ALA M 111 75.66 -3.23 -9.06
C ALA M 111 76.69 -3.80 -8.10
N VAL M 112 76.43 -3.68 -6.80
CA VAL M 112 77.26 -4.33 -5.79
C VAL M 112 77.25 -5.84 -5.99
N SER M 113 76.10 -6.41 -6.35
CA SER M 113 76.02 -7.87 -6.52
C SER M 113 76.89 -8.37 -7.67
N GLU M 114 76.72 -7.83 -8.88
CA GLU M 114 77.57 -8.33 -9.98
C GLU M 114 79.01 -7.84 -9.86
N GLY M 115 79.24 -6.68 -9.26
CA GLY M 115 80.61 -6.26 -9.04
C GLY M 115 81.34 -7.13 -8.03
N THR M 116 80.62 -7.58 -7.00
CA THR M 116 81.18 -8.51 -6.04
C THR M 116 81.48 -9.86 -6.69
N LYS M 117 80.55 -10.33 -7.54
CA LYS M 117 80.81 -11.56 -8.29
C LYS M 117 82.04 -11.41 -9.18
N ALA M 118 82.17 -10.26 -9.84
CA ALA M 118 83.29 -10.01 -10.73
C ALA M 118 84.62 -9.95 -9.98
N VAL M 119 84.66 -9.28 -8.83
CA VAL M 119 85.92 -9.17 -8.10
C VAL M 119 86.29 -10.50 -7.45
N THR M 120 85.29 -11.28 -7.02
CA THR M 120 85.59 -12.60 -6.48
C THR M 120 86.11 -13.54 -7.57
N LYS M 121 85.54 -13.45 -8.77
CA LYS M 121 86.06 -14.25 -9.87
C LYS M 121 87.42 -13.75 -10.32
N TYR M 122 87.70 -12.46 -10.15
CA TYR M 122 89.00 -11.91 -10.51
C TYR M 122 90.08 -12.37 -9.53
N THR M 123 89.78 -12.37 -8.24
CA THR M 123 90.75 -12.86 -7.26
C THR M 123 90.96 -14.37 -7.40
N SER M 124 89.94 -15.08 -7.88
CA SER M 124 90.09 -16.49 -8.21
C SER M 124 90.56 -16.69 -9.64
N ALA M 125 90.84 -15.60 -10.37
CA ALA M 125 91.33 -15.59 -11.74
C ALA M 125 90.44 -16.38 -12.69
N LYS N 38 27.90 22.20 -45.98
CA LYS N 38 28.81 22.86 -45.05
C LYS N 38 30.14 22.11 -44.97
N PRO N 39 31.26 22.82 -45.15
CA PRO N 39 32.57 22.20 -44.98
C PRO N 39 32.79 21.76 -43.55
N HIS N 40 33.49 20.64 -43.38
CA HIS N 40 33.71 20.09 -42.05
C HIS N 40 34.80 20.87 -41.33
N ARG N 41 34.57 21.11 -40.03
CA ARG N 41 35.49 21.91 -39.23
C ARG N 41 35.60 21.28 -37.86
N TYR N 42 36.83 21.00 -37.43
CA TYR N 42 37.05 20.40 -36.12
C TYR N 42 37.01 21.49 -35.05
N ARG N 43 36.58 21.11 -33.85
CA ARG N 43 36.50 22.06 -32.76
C ARG N 43 37.88 22.50 -32.31
N PRO N 44 38.01 23.73 -31.79
CA PRO N 44 39.32 24.20 -31.32
C PRO N 44 39.84 23.37 -30.16
N GLY N 45 41.07 22.89 -30.31
CA GLY N 45 41.68 22.02 -29.35
C GLY N 45 41.74 20.56 -29.75
N THR N 46 40.78 20.09 -30.55
CA THR N 46 40.82 18.71 -31.02
C THR N 46 42.00 18.48 -31.94
N VAL N 47 42.20 19.39 -32.90
CA VAL N 47 43.39 19.37 -33.74
C VAL N 47 44.63 19.62 -32.89
N ALA N 48 44.50 20.42 -31.82
CA ALA N 48 45.63 20.63 -30.92
C ALA N 48 46.02 19.33 -30.22
N LEU N 49 45.04 18.55 -29.74
CA LEU N 49 45.37 17.26 -29.15
C LEU N 49 45.94 16.30 -30.18
N ARG N 50 45.45 16.35 -31.42
CA ARG N 50 46.04 15.52 -32.45
C ARG N 50 47.47 15.94 -32.75
N GLU N 51 47.75 17.24 -32.70
CA GLU N 51 49.11 17.74 -32.86
C GLU N 51 50.00 17.27 -31.71
N ILE N 52 49.49 17.31 -30.48
CA ILE N 52 50.27 16.85 -29.34
C ILE N 52 50.61 15.37 -29.48
N ARG N 53 49.62 14.55 -29.81
CA ARG N 53 49.84 13.12 -29.96
C ARG N 53 50.78 12.82 -31.14
N ARG N 54 50.61 13.56 -32.24
CA ARG N 54 51.43 13.37 -33.44
C ARG N 54 52.89 13.71 -33.16
N TYR N 55 53.15 14.96 -32.75
CA TYR N 55 54.52 15.39 -32.51
C TYR N 55 55.15 14.74 -31.29
N GLN N 56 54.34 14.31 -30.31
CA GLN N 56 54.86 13.59 -29.17
C GLN N 56 55.26 12.18 -29.52
N LYS N 57 54.50 11.52 -30.39
CA LYS N 57 54.93 10.25 -30.95
C LYS N 57 56.15 10.42 -31.85
N SER N 58 56.22 11.55 -32.55
CA SER N 58 57.26 11.78 -33.55
C SER N 58 58.60 12.05 -32.89
N THR N 59 59.67 11.86 -33.68
CA THR N 59 61.03 12.11 -33.22
C THR N 59 61.78 13.16 -34.04
N GLU N 60 61.21 13.65 -35.14
CA GLU N 60 61.98 14.49 -36.05
C GLU N 60 62.03 15.95 -35.57
N LEU N 61 62.87 16.70 -36.26
CA LEU N 61 63.21 18.07 -35.88
C LEU N 61 62.04 19.01 -36.17
N LEU N 62 61.79 19.94 -35.24
CA LEU N 62 60.67 20.86 -35.36
C LEU N 62 61.07 22.27 -35.80
N ILE N 63 62.36 22.51 -36.03
CA ILE N 63 62.84 23.77 -36.56
C ILE N 63 63.44 23.51 -37.93
N ARG N 64 63.14 24.37 -38.90
CA ARG N 64 63.83 24.32 -40.18
C ARG N 64 65.33 24.54 -39.96
N LYS N 65 66.14 23.67 -40.56
CA LYS N 65 67.55 23.60 -40.18
C LYS N 65 68.36 24.78 -40.71
N LEU N 66 67.94 25.34 -41.86
CA LEU N 66 68.72 26.40 -42.47
C LEU N 66 68.49 27.76 -41.82
N PRO N 67 67.26 28.19 -41.48
CA PRO N 67 67.15 29.42 -40.68
C PRO N 67 67.77 29.30 -39.29
N PHE N 68 67.75 28.10 -38.69
CA PHE N 68 68.47 27.90 -37.44
C PHE N 68 69.97 28.06 -37.65
N GLN N 69 70.47 27.56 -38.77
CA GLN N 69 71.89 27.74 -39.09
C GLN N 69 72.23 29.20 -39.31
N ARG N 70 71.34 29.94 -39.98
CA ARG N 70 71.54 31.38 -40.15
C ARG N 70 71.55 32.10 -38.81
N LEU N 71 70.63 31.73 -37.91
CA LEU N 71 70.58 32.35 -36.59
C LEU N 71 71.83 32.05 -35.77
N VAL N 72 72.29 30.81 -35.79
CA VAL N 72 73.44 30.46 -34.97
C VAL N 72 74.71 31.08 -35.52
N ARG N 73 74.80 31.24 -36.86
CA ARG N 73 75.93 31.98 -37.42
C ARG N 73 75.86 33.45 -37.06
N GLU N 74 74.66 34.01 -36.99
CA GLU N 74 74.49 35.40 -36.57
C GLU N 74 74.97 35.61 -35.14
N ILE N 75 74.54 34.74 -34.22
CA ILE N 75 74.90 34.92 -32.82
C ILE N 75 76.37 34.58 -32.60
N ALA N 76 76.92 33.68 -33.42
CA ALA N 76 78.35 33.41 -33.37
C ALA N 76 79.16 34.62 -33.81
N GLN N 77 78.71 35.30 -34.86
CA GLN N 77 79.39 36.51 -35.34
C GLN N 77 79.33 37.66 -34.34
N ASP N 78 78.37 37.63 -33.41
CA ASP N 78 78.31 38.61 -32.33
C ASP N 78 79.51 38.51 -31.38
N PHE N 79 80.05 37.31 -31.19
CA PHE N 79 81.13 37.09 -30.24
C PHE N 79 82.49 36.91 -30.91
N LYS N 80 82.51 36.29 -32.08
CA LYS N 80 83.76 36.10 -32.81
C LYS N 80 83.47 36.16 -34.30
N THR N 81 84.24 36.94 -35.03
CA THR N 81 83.95 37.20 -36.44
C THR N 81 84.42 36.04 -37.32
N ASP N 82 83.72 35.87 -38.44
CA ASP N 82 84.03 34.92 -39.51
C ASP N 82 84.08 33.48 -38.97
N LEU N 83 83.13 33.13 -38.11
CA LEU N 83 83.10 31.77 -37.57
C LEU N 83 82.48 30.81 -38.57
N ARG N 84 82.93 29.56 -38.51
CA ARG N 84 82.43 28.51 -39.38
C ARG N 84 81.90 27.35 -38.53
N PHE N 85 80.85 26.71 -39.03
CA PHE N 85 80.13 25.67 -38.31
C PHE N 85 80.21 24.35 -39.05
N GLN N 86 80.55 23.29 -38.33
CA GLN N 86 80.26 21.95 -38.82
C GLN N 86 78.76 21.75 -38.85
N SER N 87 78.29 21.01 -39.87
CA SER N 87 76.86 20.73 -39.97
C SER N 87 76.38 19.91 -38.77
N SER N 88 77.20 18.97 -38.32
CA SER N 88 76.90 18.22 -37.11
C SER N 88 76.85 19.12 -35.89
N ALA N 89 77.66 20.18 -35.85
CA ALA N 89 77.61 21.12 -34.74
C ALA N 89 76.30 21.90 -34.75
N VAL N 90 75.82 22.28 -35.93
CA VAL N 90 74.53 22.95 -36.04
C VAL N 90 73.42 22.01 -35.61
N MET N 91 73.52 20.73 -36.00
CA MET N 91 72.51 19.76 -35.58
C MET N 91 72.56 19.51 -34.07
N ALA N 92 73.76 19.52 -33.49
CA ALA N 92 73.88 19.29 -32.05
C ALA N 92 73.31 20.46 -31.25
N LEU N 93 73.62 21.69 -31.67
CA LEU N 93 72.98 22.86 -31.09
C LEU N 93 71.48 22.84 -31.33
N GLN N 94 71.05 22.28 -32.45
CA GLN N 94 69.61 22.11 -32.71
C GLN N 94 68.95 21.19 -31.71
N GLU N 95 69.55 20.02 -31.45
CA GLU N 95 68.98 19.11 -30.46
C GLU N 95 69.03 19.70 -29.06
N ALA N 96 70.12 20.40 -28.73
CA ALA N 96 70.23 21.00 -27.40
C ALA N 96 69.21 22.13 -27.22
N SER N 97 69.00 22.94 -28.26
CA SER N 97 68.01 24.00 -28.21
C SER N 97 66.62 23.43 -28.08
N GLU N 98 66.30 22.40 -28.87
CA GLU N 98 65.00 21.75 -28.75
C GLU N 98 64.83 21.12 -27.37
N ALA N 99 65.90 20.57 -26.82
CA ALA N 99 65.84 19.94 -25.50
C ALA N 99 65.54 20.97 -24.41
N TYR N 100 66.27 22.08 -24.41
CA TYR N 100 66.02 23.13 -23.44
C TYR N 100 64.62 23.70 -23.60
N LEU N 101 64.17 23.89 -24.85
CA LEU N 101 62.84 24.42 -25.06
C LEU N 101 61.75 23.45 -24.63
N VAL N 102 61.89 22.15 -24.90
CA VAL N 102 60.83 21.22 -24.51
C VAL N 102 60.83 21.01 -23.00
N GLY N 103 62.01 21.06 -22.36
CA GLY N 103 62.03 21.00 -20.90
C GLY N 103 61.38 22.20 -20.26
N LEU N 104 61.68 23.40 -20.77
CA LEU N 104 61.04 24.60 -20.29
C LEU N 104 59.55 24.60 -20.59
N PHE N 105 59.14 24.01 -21.72
CA PHE N 105 57.72 23.93 -22.04
C PHE N 105 56.98 22.96 -21.13
N GLU N 106 57.63 21.86 -20.73
CA GLU N 106 57.05 21.00 -19.71
C GLU N 106 56.89 21.74 -18.38
N ASP N 107 57.91 22.53 -18.03
CA ASP N 107 57.84 23.32 -16.79
C ASP N 107 56.72 24.35 -16.86
N THR N 108 56.52 24.98 -18.02
CA THR N 108 55.45 25.96 -18.14
C THR N 108 54.08 25.29 -18.22
N ASN N 109 54.03 24.06 -18.73
CA ASN N 109 52.80 23.28 -18.65
C ASN N 109 52.42 23.02 -17.20
N LEU N 110 53.41 22.64 -16.39
CA LEU N 110 53.16 22.46 -14.96
C LEU N 110 52.75 23.76 -14.29
N ALA N 111 53.38 24.87 -14.68
CA ALA N 111 53.03 26.16 -14.11
C ALA N 111 51.63 26.60 -14.51
N ALA N 112 51.22 26.27 -15.73
CA ALA N 112 49.89 26.67 -16.21
C ALA N 112 48.80 25.83 -15.56
N ILE N 113 49.02 24.52 -15.43
CA ILE N 113 48.00 23.70 -14.77
C ILE N 113 48.00 23.96 -13.27
N HIS N 114 49.12 24.47 -12.75
CA HIS N 114 49.14 25.01 -11.40
C HIS N 114 48.17 26.17 -11.24
N ALA N 115 48.19 27.10 -12.19
CA ALA N 115 47.47 28.36 -12.07
C ALA N 115 46.02 28.28 -12.50
N LYS N 116 45.41 27.09 -12.48
CA LYS N 116 44.02 26.84 -12.85
C LYS N 116 43.73 27.22 -14.29
N ARG N 117 44.75 27.20 -15.15
CA ARG N 117 44.64 27.61 -16.53
C ARG N 117 45.21 26.54 -17.45
N VAL N 118 45.04 26.75 -18.76
CA VAL N 118 45.69 25.91 -19.74
C VAL N 118 46.56 26.71 -20.69
N THR N 119 46.30 28.01 -20.90
CA THR N 119 47.12 28.84 -21.74
C THR N 119 48.37 29.24 -20.99
N ILE N 120 49.53 28.94 -21.56
CA ILE N 120 50.78 29.36 -20.94
C ILE N 120 51.01 30.84 -21.22
N MET N 121 51.60 31.52 -20.26
CA MET N 121 51.74 32.97 -20.26
C MET N 121 53.20 33.31 -20.00
N PRO N 122 53.62 34.55 -20.29
CA PRO N 122 54.96 34.99 -19.91
C PRO N 122 55.26 34.87 -18.43
N LYS N 123 54.25 35.06 -17.56
CA LYS N 123 54.46 34.88 -16.14
C LYS N 123 54.75 33.42 -15.79
N ASP N 124 54.15 32.46 -16.51
CA ASP N 124 54.51 31.06 -16.34
C ASP N 124 55.95 30.79 -16.75
N ILE N 125 56.39 31.36 -17.87
CA ILE N 125 57.76 31.14 -18.35
C ILE N 125 58.76 31.73 -17.38
N GLN N 126 58.47 32.93 -16.88
CA GLN N 126 59.37 33.57 -15.93
C GLN N 126 59.36 32.83 -14.59
N LEU N 127 58.21 32.26 -14.21
CA LEU N 127 58.16 31.39 -13.03
C LEU N 127 59.08 30.20 -13.20
N ALA N 128 59.06 29.57 -14.38
CA ALA N 128 59.90 28.41 -14.63
C ALA N 128 61.38 28.80 -14.58
N ARG N 129 61.74 29.89 -15.23
CA ARG N 129 63.12 30.34 -15.24
C ARG N 129 63.60 30.75 -13.85
N ARG N 130 62.72 31.32 -13.04
CA ARG N 130 63.14 31.73 -11.70
C ARG N 130 63.27 30.54 -10.77
N ILE N 131 62.38 29.55 -10.89
CA ILE N 131 62.48 28.36 -10.05
C ILE N 131 63.71 27.53 -10.42
N ARG N 132 64.06 27.48 -11.70
CA ARG N 132 65.15 26.58 -12.11
C ARG N 132 66.53 27.06 -11.66
N GLY N 133 66.63 28.25 -11.07
CA GLY N 133 67.85 28.67 -10.41
C GLY N 133 68.85 29.39 -11.29
N GLU N 134 68.43 30.46 -11.96
CA GLU N 134 69.33 31.14 -12.89
C GLU N 134 69.18 32.65 -12.80
N LYS O 21 76.62 39.69 -46.12
CA LYS O 21 77.59 39.09 -45.23
C LYS O 21 77.15 39.20 -43.77
N VAL O 22 76.81 40.41 -43.34
CA VAL O 22 76.32 40.62 -41.99
C VAL O 22 74.85 40.20 -41.92
N LEU O 23 74.47 39.61 -40.80
CA LEU O 23 73.10 39.16 -40.56
C LEU O 23 72.55 39.89 -39.35
N ARG O 24 71.34 40.41 -39.47
CA ARG O 24 70.75 41.24 -38.42
C ARG O 24 69.49 40.63 -37.82
N ASP O 25 68.65 39.98 -38.62
CA ASP O 25 67.38 39.45 -38.14
C ASP O 25 67.21 38.02 -38.65
N ASN O 26 67.69 37.05 -37.88
CA ASN O 26 67.34 35.66 -38.08
C ASN O 26 66.68 35.05 -36.86
N ILE O 27 66.46 35.83 -35.80
CA ILE O 27 65.69 35.35 -34.66
C ILE O 27 64.23 35.14 -35.08
N GLN O 28 63.76 35.91 -36.05
CA GLN O 28 62.47 35.64 -36.66
C GLN O 28 62.52 34.44 -37.61
N GLY O 29 63.72 33.93 -37.91
CA GLY O 29 63.85 32.70 -38.67
C GLY O 29 63.38 31.47 -37.95
N ILE O 30 63.28 31.53 -36.62
CA ILE O 30 62.59 30.50 -35.83
C ILE O 30 61.12 30.91 -35.87
N THR O 31 60.40 30.37 -36.86
CA THR O 31 59.05 30.83 -37.15
C THR O 31 58.06 30.42 -36.05
N LYS O 32 56.97 31.16 -35.98
CA LYS O 32 55.92 30.91 -35.01
C LYS O 32 55.29 29.52 -35.10
N PRO O 33 54.93 28.96 -36.28
CA PRO O 33 54.45 27.57 -36.27
C PRO O 33 55.51 26.56 -35.88
N ALA O 34 56.79 26.87 -36.10
CA ALA O 34 57.85 25.98 -35.62
C ALA O 34 57.93 25.99 -34.11
N ILE O 35 57.74 27.16 -33.49
CA ILE O 35 57.60 27.26 -32.04
C ILE O 35 56.37 26.48 -31.58
N ARG O 36 55.30 26.52 -32.37
CA ARG O 36 54.10 25.75 -32.06
C ARG O 36 54.38 24.26 -32.06
N ARG O 37 55.16 23.79 -33.04
CA ARG O 37 55.54 22.38 -33.08
C ARG O 37 56.38 21.99 -31.88
N LEU O 38 57.32 22.87 -31.48
CA LEU O 38 58.12 22.62 -30.28
C LEU O 38 57.25 22.53 -29.03
N ALA O 39 56.25 23.40 -28.94
CA ALA O 39 55.35 23.36 -27.79
C ALA O 39 54.45 22.14 -27.83
N ARG O 40 54.14 21.65 -29.02
CA ARG O 40 53.41 20.39 -29.14
C ARG O 40 54.25 19.23 -28.64
N ARG O 41 55.57 19.26 -28.90
CA ARG O 41 56.44 18.27 -28.29
C ARG O 41 56.53 18.45 -26.78
N GLY O 42 56.41 19.68 -26.30
CA GLY O 42 56.35 19.89 -24.87
C GLY O 42 55.00 19.65 -24.23
N GLY O 43 54.01 19.23 -25.01
CA GLY O 43 52.69 18.98 -24.47
C GLY O 43 51.85 20.21 -24.23
N VAL O 44 52.19 21.33 -24.85
CA VAL O 44 51.42 22.56 -24.68
C VAL O 44 50.24 22.54 -25.66
N LYS O 45 49.04 22.81 -25.14
CA LYS O 45 47.86 22.87 -25.98
C LYS O 45 47.55 24.28 -26.47
N ARG O 46 47.52 25.26 -25.55
CA ARG O 46 47.13 26.61 -25.90
C ARG O 46 48.27 27.56 -25.60
N ILE O 47 48.67 28.33 -26.60
CA ILE O 47 49.85 29.19 -26.55
C ILE O 47 49.39 30.62 -26.75
N SER O 48 49.76 31.51 -25.84
CA SER O 48 49.34 32.90 -25.97
C SER O 48 50.10 33.59 -27.10
N GLY O 49 49.54 34.71 -27.56
CA GLY O 49 50.13 35.43 -28.68
C GLY O 49 51.42 36.15 -28.35
N LEU O 50 51.65 36.45 -27.07
CA LEU O 50 52.87 37.12 -26.64
C LEU O 50 54.00 36.14 -26.38
N ILE O 51 53.71 34.84 -26.40
CA ILE O 51 54.68 33.81 -26.03
C ILE O 51 55.85 33.76 -27.01
N TYR O 52 55.58 33.90 -28.31
CA TYR O 52 56.54 33.56 -29.36
C TYR O 52 57.78 34.45 -29.30
N GLU O 53 57.59 35.76 -29.12
CA GLU O 53 58.72 36.67 -29.01
C GLU O 53 59.53 36.41 -27.74
N GLU O 54 58.85 36.04 -26.66
CA GLU O 54 59.54 35.69 -25.42
C GLU O 54 60.37 34.42 -25.58
N THR O 55 59.83 33.42 -26.27
CA THR O 55 60.57 32.20 -26.54
C THR O 55 61.77 32.48 -27.43
N ARG O 56 61.61 33.37 -28.40
CA ARG O 56 62.72 33.82 -29.22
C ARG O 56 63.80 34.47 -28.36
N GLY O 57 63.38 35.31 -27.40
CA GLY O 57 64.35 35.96 -26.52
C GLY O 57 65.08 35.01 -25.60
N VAL O 58 64.36 34.05 -25.02
CA VAL O 58 65.01 33.14 -24.07
C VAL O 58 65.85 32.11 -24.82
N LEU O 59 65.46 31.76 -26.05
CA LEU O 59 66.31 30.93 -26.88
C LEU O 59 67.57 31.70 -27.28
N LYS O 60 67.43 33.00 -27.54
CA LYS O 60 68.57 33.87 -27.78
C LYS O 60 69.50 33.89 -26.58
N VAL O 61 68.93 33.96 -25.38
CA VAL O 61 69.74 33.95 -24.14
C VAL O 61 70.49 32.64 -23.99
N PHE O 62 69.80 31.51 -24.20
CA PHE O 62 70.45 30.22 -24.07
C PHE O 62 71.52 30.01 -25.13
N LEU O 63 71.26 30.43 -26.36
CA LEU O 63 72.28 30.35 -27.39
C LEU O 63 73.45 31.26 -27.07
N GLU O 64 73.19 32.42 -26.45
CA GLU O 64 74.28 33.28 -26.03
C GLU O 64 75.18 32.58 -25.02
N ASN O 65 74.55 31.96 -24.01
CA ASN O 65 75.29 31.26 -22.96
C ASN O 65 76.07 30.08 -23.51
N VAL O 66 75.47 29.35 -24.46
CA VAL O 66 76.14 28.17 -25.01
C VAL O 66 77.27 28.59 -25.93
N ILE O 67 77.02 29.55 -26.83
CA ILE O 67 78.01 29.92 -27.83
C ILE O 67 79.18 30.67 -27.22
N ARG O 68 79.00 31.44 -26.12
CA ARG O 68 80.17 32.04 -25.51
C ARG O 68 81.11 30.97 -24.96
N ASP O 69 80.53 29.93 -24.36
CA ASP O 69 81.31 28.80 -23.88
C ASP O 69 81.99 28.06 -25.02
N ALA O 70 81.24 27.80 -26.10
CA ALA O 70 81.74 27.01 -27.21
C ALA O 70 82.85 27.75 -27.96
N VAL O 71 82.66 29.04 -28.19
CA VAL O 71 83.68 29.87 -28.82
C VAL O 71 84.89 30.00 -27.92
N THR O 72 84.69 30.03 -26.60
CA THR O 72 85.82 30.06 -25.68
C THR O 72 86.62 28.77 -25.76
N TYR O 73 85.93 27.63 -25.85
CA TYR O 73 86.58 26.34 -26.11
C TYR O 73 87.34 26.36 -27.43
N THR O 74 86.73 26.93 -28.46
CA THR O 74 87.32 26.94 -29.79
C THR O 74 88.59 27.79 -29.82
N GLU O 75 88.54 28.97 -29.20
CA GLU O 75 89.71 29.85 -29.19
C GLU O 75 90.79 29.32 -28.26
N HIS O 76 90.41 28.50 -27.28
CA HIS O 76 91.44 27.75 -26.57
C HIS O 76 92.10 26.71 -27.48
N ALA O 77 91.30 26.10 -28.36
CA ALA O 77 91.84 25.09 -29.26
C ALA O 77 92.57 25.68 -30.47
N LYS O 78 92.64 27.02 -30.55
CA LYS O 78 93.23 27.76 -31.67
C LYS O 78 92.56 27.42 -33.00
N ARG O 79 91.27 27.11 -32.96
CA ARG O 79 90.52 26.77 -34.15
C ARG O 79 89.62 27.92 -34.55
N LYS O 80 89.24 27.94 -35.83
CA LYS O 80 88.30 28.91 -36.35
C LYS O 80 86.95 28.28 -36.64
N THR O 81 86.89 26.96 -36.78
CA THR O 81 85.68 26.23 -37.10
C THR O 81 85.10 25.61 -35.85
N VAL O 82 83.84 25.93 -35.56
CA VAL O 82 83.16 25.40 -34.38
C VAL O 82 82.83 23.94 -34.61
N THR O 83 83.18 23.09 -33.64
CA THR O 83 82.95 21.66 -33.72
C THR O 83 81.85 21.23 -32.74
N ALA O 84 81.24 20.09 -33.04
CA ALA O 84 80.18 19.56 -32.19
C ALA O 84 80.73 19.00 -30.88
N MET O 85 82.02 18.67 -30.85
CA MET O 85 82.64 18.19 -29.63
C MET O 85 82.62 19.27 -28.55
N ASP O 86 82.94 20.50 -28.95
CA ASP O 86 82.83 21.64 -28.03
C ASP O 86 81.39 21.92 -27.65
N VAL O 87 80.45 21.62 -28.56
CA VAL O 87 79.02 21.71 -28.22
C VAL O 87 78.68 20.75 -27.08
N VAL O 88 79.14 19.50 -27.18
CA VAL O 88 78.89 18.52 -26.13
C VAL O 88 79.51 18.97 -24.82
N TYR O 89 80.72 19.50 -24.90
CA TYR O 89 81.43 19.92 -23.69
C TYR O 89 80.80 21.14 -23.04
N ALA O 90 80.33 22.09 -23.84
CA ALA O 90 79.67 23.28 -23.30
C ALA O 90 78.31 22.91 -22.71
N LEU O 91 77.60 21.98 -23.34
CA LEU O 91 76.32 21.55 -22.80
C LEU O 91 76.49 20.78 -21.50
N LYS O 92 77.52 19.93 -21.41
CA LYS O 92 77.70 19.16 -20.18
C LYS O 92 78.26 20.04 -19.07
N ARG O 93 78.91 21.15 -19.42
CA ARG O 93 79.35 22.08 -18.38
C ARG O 93 78.17 22.72 -17.66
N GLN O 94 77.12 23.10 -18.39
CA GLN O 94 75.96 23.75 -17.81
C GLN O 94 75.01 22.80 -17.12
N GLY O 95 75.35 21.52 -16.98
CA GLY O 95 74.41 20.57 -16.43
C GLY O 95 73.32 20.16 -17.38
N ARG O 96 73.56 20.29 -18.68
CA ARG O 96 72.60 19.94 -19.72
C ARG O 96 73.26 19.00 -20.72
N THR O 97 73.88 17.95 -20.19
CA THR O 97 74.65 16.99 -20.98
C THR O 97 73.79 16.33 -22.05
N LEU O 98 74.30 16.33 -23.28
CA LEU O 98 73.57 15.83 -24.43
C LEU O 98 74.24 14.57 -24.94
N TYR O 99 73.50 13.47 -24.96
CA TYR O 99 73.96 12.23 -25.55
C TYR O 99 73.76 12.31 -27.05
N GLY O 100 74.62 11.64 -27.81
CA GLY O 100 74.43 11.48 -29.24
C GLY O 100 75.43 12.19 -30.13
N PHE O 101 76.43 12.89 -29.60
CA PHE O 101 77.46 13.49 -30.42
C PHE O 101 78.85 13.33 -29.83
N GLY O 102 78.97 12.73 -28.66
CA GLY O 102 80.28 12.51 -28.07
C GLY O 102 81.02 11.38 -28.77
N GLY O 103 82.35 11.41 -28.63
CA GLY O 103 83.21 10.40 -29.22
C GLY O 103 83.51 10.64 -30.69
N ALA P 28 126.99 32.32 -1.72
CA ALA P 28 126.87 30.90 -2.03
C ALA P 28 125.47 30.56 -2.51
N ARG P 29 124.48 31.33 -2.06
CA ARG P 29 123.10 31.11 -2.42
C ARG P 29 122.39 32.44 -2.53
N ALA P 30 121.46 32.54 -3.48
CA ALA P 30 120.62 33.71 -3.59
C ALA P 30 119.68 33.82 -2.40
N LYS P 31 119.34 35.06 -2.06
CA LYS P 31 118.42 35.30 -0.95
C LYS P 31 117.03 34.83 -1.32
N ALA P 32 116.35 34.18 -0.37
CA ALA P 32 115.05 33.59 -0.64
C ALA P 32 113.99 34.66 -0.80
N LYS P 33 113.23 34.57 -1.89
CA LYS P 33 112.23 35.58 -2.22
C LYS P 33 110.93 34.85 -2.55
N THR P 34 109.84 35.27 -1.93
CA THR P 34 108.56 34.64 -2.16
C THR P 34 108.03 34.98 -3.54
N ARG P 35 107.40 34.00 -4.19
CA ARG P 35 106.95 34.18 -5.56
C ARG P 35 105.71 35.08 -5.62
N SER P 36 104.93 35.13 -4.55
CA SER P 36 103.79 36.05 -4.50
C SER P 36 104.26 37.50 -4.49
N SER P 37 105.36 37.78 -3.78
CA SER P 37 105.93 39.12 -3.80
C SER P 37 106.62 39.41 -5.13
N ARG P 38 107.14 38.36 -5.79
CA ARG P 38 107.64 38.53 -7.15
C ARG P 38 106.54 38.93 -8.10
N ALA P 39 105.38 38.29 -7.97
CA ALA P 39 104.20 38.69 -8.72
C ALA P 39 103.49 39.88 -8.10
N GLY P 40 103.90 40.30 -6.91
CA GLY P 40 103.21 41.40 -6.25
C GLY P 40 101.85 41.03 -5.69
N LEU P 41 101.67 39.78 -5.28
CA LEU P 41 100.40 39.31 -4.75
C LEU P 41 100.56 38.95 -3.29
N GLN P 42 99.43 38.92 -2.58
CA GLN P 42 99.38 38.42 -1.22
C GLN P 42 99.00 36.95 -1.19
N PHE P 43 98.13 36.52 -2.09
CA PHE P 43 97.73 35.13 -2.17
C PHE P 43 98.90 34.26 -2.63
N PRO P 44 99.01 33.02 -2.11
CA PRO P 44 100.24 32.24 -2.28
C PRO P 44 100.36 31.69 -3.69
N VAL P 45 101.48 32.01 -4.35
CA VAL P 45 101.89 31.19 -5.49
C VAL P 45 102.23 29.79 -5.03
N GLY P 46 102.99 29.68 -3.93
CA GLY P 46 103.54 28.39 -3.53
C GLY P 46 102.49 27.41 -3.02
N ARG P 47 101.64 27.84 -2.10
CA ARG P 47 100.65 26.94 -1.51
C ARG P 47 99.62 26.50 -2.55
N VAL P 48 99.13 27.43 -3.37
CA VAL P 48 98.17 27.08 -4.41
C VAL P 48 98.81 26.20 -5.48
N HIS P 49 100.08 26.46 -5.81
CA HIS P 49 100.80 25.61 -6.75
C HIS P 49 100.96 24.19 -6.22
N ARG P 50 101.33 24.06 -4.94
CA ARG P 50 101.46 22.74 -4.33
C ARG P 50 100.12 22.04 -4.25
N LEU P 51 99.05 22.78 -3.97
CA LEU P 51 97.74 22.18 -3.83
C LEU P 51 97.19 21.74 -5.18
N LEU P 52 97.52 22.48 -6.25
CA LEU P 52 97.23 22.01 -7.60
C LEU P 52 98.04 20.76 -7.95
N ARG P 53 99.31 20.72 -7.57
CA ARG P 53 100.13 19.57 -7.90
C ARG P 53 99.70 18.32 -7.13
N LYS P 54 99.18 18.50 -5.92
CA LYS P 54 98.66 17.39 -5.13
C LYS P 54 97.15 17.24 -5.23
N GLY P 55 96.48 18.09 -6.01
CA GLY P 55 95.05 17.95 -6.19
C GLY P 55 94.65 17.07 -7.34
N ASN P 56 95.63 16.58 -8.12
CA ASN P 56 95.42 15.68 -9.25
C ASN P 56 94.45 16.25 -10.29
N TYR P 57 94.83 17.37 -10.91
CA TYR P 57 94.07 17.93 -12.02
C TYR P 57 94.83 17.78 -13.34
N SER P 58 96.14 17.64 -13.26
CA SER P 58 96.96 17.32 -14.42
C SER P 58 98.25 16.71 -13.90
N GLU P 59 99.08 16.25 -14.83
CA GLU P 59 100.40 15.81 -14.43
C GLU P 59 101.36 16.98 -14.25
N ARG P 60 101.21 18.02 -15.08
CA ARG P 60 102.07 19.19 -15.10
C ARG P 60 101.23 20.45 -15.07
N VAL P 61 101.84 21.54 -14.59
CA VAL P 61 101.20 22.85 -14.49
C VAL P 61 102.21 23.90 -14.98
N GLY P 62 101.76 24.79 -15.86
CA GLY P 62 102.61 25.88 -16.29
C GLY P 62 102.93 26.86 -15.18
N ALA P 63 104.03 27.60 -15.37
CA ALA P 63 104.53 28.48 -14.31
C ALA P 63 103.57 29.63 -14.04
N GLY P 64 102.97 30.20 -15.08
CA GLY P 64 102.06 31.32 -14.88
C GLY P 64 100.69 30.95 -14.37
N ALA P 65 100.35 29.67 -14.41
CA ALA P 65 99.02 29.23 -13.96
C ALA P 65 98.76 29.45 -12.48
N PRO P 66 99.65 29.09 -11.53
CA PRO P 66 99.33 29.40 -10.13
C PRO P 66 99.35 30.88 -9.83
N VAL P 67 100.19 31.66 -10.52
CA VAL P 67 100.19 33.10 -10.36
C VAL P 67 98.85 33.69 -10.80
N TYR P 68 98.34 33.22 -11.94
CA TYR P 68 97.04 33.65 -12.43
C TYR P 68 95.94 33.23 -11.48
N LEU P 69 96.00 32.00 -10.96
CA LEU P 69 94.96 31.52 -10.06
C LEU P 69 94.96 32.26 -8.75
N ALA P 70 96.14 32.55 -8.21
CA ALA P 70 96.24 33.31 -6.97
C ALA P 70 95.76 34.74 -7.18
N ALA P 71 96.04 35.32 -8.35
CA ALA P 71 95.55 36.66 -8.65
C ALA P 71 94.03 36.68 -8.75
N VAL P 72 93.45 35.66 -9.37
CA VAL P 72 92.00 35.58 -9.48
C VAL P 72 91.36 35.42 -8.11
N LEU P 73 91.92 34.55 -7.28
CA LEU P 73 91.39 34.36 -5.92
C LEU P 73 91.54 35.61 -5.09
N GLU P 74 92.67 36.32 -5.24
CA GLU P 74 92.86 37.56 -4.50
C GLU P 74 91.89 38.63 -4.97
N TYR P 75 91.59 38.67 -6.27
CA TYR P 75 90.61 39.64 -6.77
C TYR P 75 89.23 39.35 -6.21
N LEU P 76 88.81 38.08 -6.23
CA LEU P 76 87.49 37.72 -5.72
C LEU P 76 87.38 38.00 -4.23
N THR P 77 88.41 37.64 -3.46
CA THR P 77 88.38 37.89 -2.03
C THR P 77 88.44 39.38 -1.72
N ALA P 78 89.19 40.14 -2.53
CA ALA P 78 89.25 41.58 -2.34
C ALA P 78 87.89 42.21 -2.58
N GLU P 79 87.19 41.78 -3.63
CA GLU P 79 85.86 42.31 -3.90
C GLU P 79 84.88 41.97 -2.78
N ILE P 80 84.87 40.72 -2.33
CA ILE P 80 83.88 40.34 -1.33
C ILE P 80 84.23 40.95 0.03
N LEU P 81 85.52 41.15 0.32
CA LEU P 81 85.89 41.78 1.58
C LEU P 81 85.65 43.28 1.54
N GLU P 82 85.79 43.90 0.37
CA GLU P 82 85.42 45.30 0.21
C GLU P 82 83.93 45.50 0.42
N LEU P 83 83.12 44.61 -0.16
CA LEU P 83 81.68 44.68 0.05
C LEU P 83 81.32 44.35 1.50
N ALA P 84 82.09 43.46 2.14
CA ALA P 84 81.86 43.15 3.55
C ALA P 84 82.17 44.34 4.43
N GLY P 85 83.26 45.06 4.14
CA GLY P 85 83.56 46.27 4.89
C GLY P 85 82.51 47.35 4.68
N ASN P 86 81.98 47.45 3.45
CA ASN P 86 80.88 48.36 3.19
C ASN P 86 79.64 47.99 4.01
N ALA P 87 79.34 46.69 4.08
CA ALA P 87 78.19 46.24 4.87
C ALA P 87 78.41 46.47 6.36
N ALA P 88 79.64 46.26 6.83
CA ALA P 88 79.97 46.49 8.24
C ALA P 88 79.85 47.97 8.59
N ARG P 89 80.28 48.85 7.69
CA ARG P 89 80.08 50.28 7.89
C ARG P 89 78.60 50.62 7.88
N ASP P 90 77.82 49.97 7.01
CA ASP P 90 76.38 50.15 7.02
C ASP P 90 75.76 49.60 8.29
N ASN P 91 76.30 48.49 8.80
CA ASN P 91 75.81 47.90 10.04
C ASN P 91 76.41 48.56 11.28
N LYS P 92 77.28 49.56 11.10
CA LYS P 92 77.96 50.28 12.18
C LYS P 92 78.79 49.34 13.04
N LYS P 93 79.39 48.32 12.43
CA LYS P 93 80.25 47.37 13.11
C LYS P 93 81.63 47.40 12.49
N THR P 94 82.64 47.05 13.28
CA THR P 94 84.01 47.08 12.81
C THR P 94 84.48 45.75 12.24
N ARG P 95 83.99 44.63 12.78
CA ARG P 95 84.48 43.31 12.41
C ARG P 95 83.44 42.62 11.55
N ILE P 96 83.90 41.92 10.51
CA ILE P 96 82.99 41.33 9.55
C ILE P 96 82.38 40.05 10.13
N ILE P 97 81.09 39.87 9.89
CA ILE P 97 80.30 38.74 10.37
C ILE P 97 79.82 38.03 9.11
N PRO P 98 79.55 36.71 9.14
CA PRO P 98 78.98 36.06 7.94
C PRO P 98 77.61 36.61 7.51
N ARG P 99 76.88 37.29 8.40
CA ARG P 99 75.72 38.06 7.94
C ARG P 99 76.14 39.14 6.97
N HIS P 100 77.22 39.86 7.28
CA HIS P 100 77.74 40.87 6.36
C HIS P 100 78.23 40.25 5.06
N LEU P 101 78.74 39.01 5.13
CA LEU P 101 79.20 38.34 3.92
C LEU P 101 78.03 37.92 3.05
N GLN P 102 76.96 37.42 3.65
CA GLN P 102 75.75 37.08 2.90
C GLN P 102 75.13 38.32 2.28
N LEU P 103 75.12 39.43 3.04
CA LEU P 103 74.64 40.70 2.50
C LEU P 103 75.53 41.18 1.36
N ALA P 104 76.83 40.91 1.45
CA ALA P 104 77.76 41.29 0.39
C ALA P 104 77.53 40.48 -0.87
N ILE P 105 77.32 39.17 -0.72
CA ILE P 105 77.15 38.31 -1.89
C ILE P 105 75.82 38.60 -2.58
N ARG P 106 74.72 38.58 -1.82
CA ARG P 106 73.40 38.63 -2.43
C ARG P 106 73.06 40.01 -2.98
N ASN P 107 73.78 41.05 -2.56
CA ASN P 107 73.60 42.36 -3.16
C ASN P 107 74.51 42.61 -4.35
N ASP P 108 75.17 41.57 -4.85
CA ASP P 108 75.89 41.63 -6.12
C ASP P 108 75.34 40.53 -7.02
N GLU P 109 74.87 40.91 -8.21
CA GLU P 109 74.18 39.96 -9.09
C GLU P 109 75.14 38.94 -9.67
N GLU P 110 76.35 39.37 -10.02
CA GLU P 110 77.26 38.48 -10.73
C GLU P 110 77.89 37.46 -9.78
N LEU P 111 78.03 37.80 -8.51
CA LEU P 111 78.44 36.80 -7.53
C LEU P 111 77.33 35.80 -7.27
N ASN P 112 76.06 36.22 -7.34
CA ASN P 112 74.95 35.26 -7.31
C ASN P 112 74.95 34.38 -8.56
N LYS P 113 75.42 34.92 -9.68
CA LYS P 113 75.67 34.06 -10.84
C LYS P 113 76.84 33.12 -10.59
N LEU P 114 77.77 33.52 -9.72
CA LEU P 114 78.87 32.63 -9.36
C LEU P 114 78.47 31.69 -8.21
N LEU P 115 77.82 32.22 -7.18
CA LEU P 115 77.56 31.48 -5.95
C LEU P 115 76.06 31.36 -5.64
N GLY P 116 75.26 31.04 -6.64
CA GLY P 116 73.83 30.88 -6.40
C GLY P 116 73.49 29.59 -5.69
N ARG P 117 74.27 28.54 -5.92
CA ARG P 117 73.96 27.21 -5.40
C ARG P 117 74.71 26.90 -4.11
N VAL P 118 75.42 27.87 -3.55
CA VAL P 118 76.22 27.66 -2.34
C VAL P 118 75.51 28.28 -1.16
N THR P 119 75.33 27.50 -0.10
CA THR P 119 74.63 27.91 1.10
C THR P 119 75.61 28.44 2.13
N ILE P 120 75.14 29.35 2.97
CA ILE P 120 76.00 30.18 3.82
C ILE P 120 75.71 29.81 5.28
N ALA P 121 76.75 29.82 6.11
CA ALA P 121 76.56 29.65 7.55
C ALA P 121 76.21 30.97 8.21
N GLN P 122 75.13 30.95 8.99
CA GLN P 122 74.69 32.06 9.84
C GLN P 122 74.41 33.34 9.04
N GLY P 123 74.16 33.21 7.75
CA GLY P 123 73.96 34.37 6.91
C GLY P 123 72.51 34.75 6.76
N GLY P 124 71.62 33.77 6.90
CA GLY P 124 70.22 34.05 6.72
C GLY P 124 69.88 34.33 5.26
N VAL P 125 68.96 35.26 5.06
CA VAL P 125 68.47 35.61 3.73
C VAL P 125 68.65 37.11 3.53
N LEU P 126 68.85 37.52 2.28
CA LEU P 126 68.81 38.91 1.91
C LEU P 126 67.41 39.45 2.15
N PRO P 127 67.26 40.70 2.59
CA PRO P 127 65.90 41.27 2.73
C PRO P 127 65.19 41.34 1.39
N ASN P 128 64.16 40.51 1.23
CA ASN P 128 63.45 40.45 -0.05
C ASN P 128 61.97 40.11 0.19
N ILE P 129 61.16 41.16 0.29
CA ILE P 129 59.72 41.02 0.42
C ILE P 129 59.08 41.42 -0.90
N GLN P 130 58.30 40.50 -1.48
CA GLN P 130 57.81 40.71 -2.84
C GLN P 130 56.68 41.74 -2.85
N ALA P 131 56.30 42.15 -4.07
CA ALA P 131 55.42 43.30 -4.26
C ALA P 131 54.02 43.07 -3.69
N VAL P 132 53.44 41.88 -3.89
CA VAL P 132 52.13 41.61 -3.31
C VAL P 132 52.26 41.20 -1.85
N LEU P 133 53.47 40.82 -1.42
CA LEU P 133 53.69 40.45 -0.03
C LEU P 133 53.60 41.66 0.90
N LEU P 134 54.03 42.82 0.42
CA LEU P 134 53.89 44.04 1.21
C LEU P 134 52.40 44.41 1.34
N PRO P 135 51.99 44.98 2.48
CA PRO P 135 50.57 45.34 2.63
C PRO P 135 50.21 46.54 1.79
N LYS P 136 48.89 46.79 1.71
CA LYS P 136 48.28 47.90 0.95
C LYS P 136 48.67 47.89 -0.53
N LYS Q 31 101.11 17.99 21.74
CA LYS Q 31 101.50 17.73 20.37
C LYS Q 31 100.27 17.60 19.47
N ARG Q 32 100.00 18.65 18.69
CA ARG Q 32 98.88 18.69 17.76
C ARG Q 32 99.41 18.69 16.34
N SER Q 33 98.49 18.54 15.39
CA SER Q 33 98.82 18.53 13.97
C SER Q 33 98.49 19.89 13.38
N ARG Q 34 99.39 20.40 12.53
CA ARG Q 34 99.18 21.70 11.91
C ARG Q 34 98.04 21.65 10.90
N LYS Q 35 97.15 22.63 10.98
CA LYS Q 35 96.02 22.75 10.05
C LYS Q 35 96.30 23.89 9.08
N GLU Q 36 96.22 23.59 7.79
CA GLU Q 36 96.51 24.59 6.78
C GLU Q 36 95.26 25.39 6.45
N SER Q 37 95.41 26.71 6.42
CA SER Q 37 94.30 27.61 6.18
C SER Q 37 94.81 28.87 5.48
N TYR Q 38 93.89 29.78 5.21
CA TYR Q 38 94.21 31.02 4.51
C TYR Q 38 94.15 32.24 5.42
N SER Q 39 94.55 32.09 6.69
CA SER Q 39 94.19 33.05 7.72
C SER Q 39 94.87 34.40 7.53
N VAL Q 40 96.20 34.43 7.61
CA VAL Q 40 96.92 35.70 7.55
C VAL Q 40 96.84 36.30 6.15
N TYR Q 41 96.62 35.48 5.13
CA TYR Q 41 96.52 35.99 3.76
C TYR Q 41 95.24 36.79 3.56
N VAL Q 42 94.11 36.22 4.00
CA VAL Q 42 92.84 36.93 3.95
C VAL Q 42 92.87 38.14 4.87
N TYR Q 43 93.54 38.02 6.01
CA TYR Q 43 93.70 39.16 6.91
C TYR Q 43 94.49 40.29 6.24
N LYS Q 44 95.54 39.94 5.50
CA LYS Q 44 96.35 40.93 4.79
C LYS Q 44 95.55 41.66 3.73
N VAL Q 45 94.83 40.92 2.88
CA VAL Q 45 94.09 41.59 1.80
C VAL Q 45 92.91 42.38 2.38
N LEU Q 46 92.32 41.89 3.48
CA LEU Q 46 91.27 42.63 4.15
C LEU Q 46 91.79 43.95 4.71
N LYS Q 47 92.99 43.93 5.30
CA LYS Q 47 93.61 45.17 5.77
C LYS Q 47 93.99 46.09 4.61
N GLN Q 48 94.33 45.52 3.45
CA GLN Q 48 94.64 46.37 2.30
C GLN Q 48 93.39 47.04 1.75
N VAL Q 49 92.24 46.35 1.76
CA VAL Q 49 91.04 46.96 1.21
C VAL Q 49 90.31 47.77 2.27
N HIS Q 50 90.52 47.45 3.55
CA HIS Q 50 89.87 48.16 4.65
C HIS Q 50 90.81 48.12 5.85
N PRO Q 51 91.57 49.20 6.08
CA PRO Q 51 92.58 49.17 7.16
C PRO Q 51 92.01 49.09 8.56
N ASP Q 52 90.83 49.68 8.80
CA ASP Q 52 90.33 49.87 10.15
C ASP Q 52 89.37 48.78 10.61
N THR Q 53 89.13 47.76 9.79
CA THR Q 53 88.08 46.78 10.08
C THR Q 53 88.68 45.55 10.76
N GLY Q 54 87.79 44.71 11.32
CA GLY Q 54 88.17 43.47 11.92
C GLY Q 54 87.65 42.26 11.16
N ILE Q 55 87.84 41.09 11.76
CA ILE Q 55 87.44 39.83 11.15
C ILE Q 55 87.04 38.86 12.27
N SER Q 56 85.96 38.12 12.04
CA SER Q 56 85.52 37.10 12.97
C SER Q 56 85.95 35.72 12.51
N SER Q 57 85.98 34.78 13.46
CA SER Q 57 86.42 33.42 13.15
C SER Q 57 85.41 32.70 12.26
N LYS Q 58 84.11 32.97 12.45
CA LYS Q 58 83.09 32.41 11.58
C LYS Q 58 83.24 32.91 10.16
N ALA Q 59 83.52 34.21 10.01
CA ALA Q 59 83.80 34.78 8.69
C ALA Q 59 85.07 34.18 8.10
N MET Q 60 86.04 33.81 8.93
CA MET Q 60 87.22 33.16 8.40
C MET Q 60 86.94 31.74 7.94
N GLY Q 61 86.06 31.03 8.64
CA GLY Q 61 85.59 29.75 8.12
C GLY Q 61 84.87 29.91 6.79
N ILE Q 62 84.08 30.97 6.65
CA ILE Q 62 83.41 31.28 5.39
C ILE Q 62 84.44 31.54 4.29
N MET Q 63 85.48 32.31 4.60
CA MET Q 63 86.50 32.63 3.60
C MET Q 63 87.32 31.41 3.20
N ASN Q 64 87.64 30.54 4.17
CA ASN Q 64 88.37 29.32 3.84
C ASN Q 64 87.53 28.42 2.94
N SER Q 65 86.24 28.27 3.25
CA SER Q 65 85.36 27.48 2.42
C SER Q 65 85.18 28.10 1.04
N PHE Q 66 85.11 29.43 0.96
CA PHE Q 66 84.96 30.12 -0.31
C PHE Q 66 86.19 29.92 -1.19
N VAL Q 67 87.38 30.14 -0.63
CA VAL Q 67 88.61 29.99 -1.38
C VAL Q 67 88.79 28.56 -1.85
N ASN Q 68 88.51 27.60 -0.96
CA ASN Q 68 88.62 26.19 -1.33
C ASN Q 68 87.64 25.82 -2.44
N ASP Q 69 86.39 26.30 -2.35
CA ASP Q 69 85.39 25.92 -3.33
C ASP Q 69 85.65 26.55 -4.70
N ILE Q 70 86.00 27.85 -4.73
CA ILE Q 70 86.28 28.51 -6.00
C ILE Q 70 87.55 27.96 -6.62
N PHE Q 71 88.57 27.68 -5.79
CA PHE Q 71 89.79 27.03 -6.27
C PHE Q 71 89.48 25.67 -6.87
N GLU Q 72 88.60 24.91 -6.22
CA GLU Q 72 88.25 23.58 -6.72
C GLU Q 72 87.46 23.66 -8.02
N ARG Q 73 86.55 24.63 -8.14
CA ARG Q 73 85.81 24.80 -9.39
C ARG Q 73 86.74 25.13 -10.54
N ILE Q 74 87.63 26.11 -10.31
CA ILE Q 74 88.55 26.54 -11.38
C ILE Q 74 89.50 25.41 -11.75
N ALA Q 75 90.01 24.68 -10.74
CA ALA Q 75 90.92 23.58 -11.00
C ALA Q 75 90.23 22.44 -11.75
N GLY Q 76 88.99 22.13 -11.38
CA GLY Q 76 88.28 21.05 -12.06
C GLY Q 76 87.94 21.39 -13.50
N GLU Q 77 87.50 22.62 -13.74
CA GLU Q 77 87.21 23.01 -15.12
C GLU Q 77 88.49 23.15 -15.93
N ALA Q 78 89.59 23.56 -15.29
CA ALA Q 78 90.87 23.60 -15.99
C ALA Q 78 91.35 22.21 -16.35
N SER Q 79 91.14 21.24 -15.45
CA SER Q 79 91.46 19.85 -15.74
C SER Q 79 90.61 19.32 -16.89
N ARG Q 80 89.32 19.68 -16.92
CA ARG Q 80 88.47 19.26 -18.02
C ARG Q 80 88.87 19.90 -19.34
N LEU Q 81 89.27 21.19 -19.30
CA LEU Q 81 89.79 21.85 -20.50
C LEU Q 81 91.06 21.17 -21.00
N ALA Q 82 91.95 20.79 -20.09
CA ALA Q 82 93.16 20.08 -20.50
C ALA Q 82 92.84 18.71 -21.07
N HIS Q 83 91.81 18.05 -20.53
CA HIS Q 83 91.43 16.72 -21.01
C HIS Q 83 90.79 16.78 -22.40
N TYR Q 84 89.93 17.78 -22.63
CA TYR Q 84 89.23 17.88 -23.91
C TYR Q 84 90.18 18.15 -25.07
N ASN Q 85 91.16 19.01 -24.87
CA ASN Q 85 92.08 19.39 -25.93
C ASN Q 85 93.34 18.57 -25.93
N LYS Q 86 93.34 17.43 -25.22
CA LYS Q 86 94.45 16.48 -25.16
C LYS Q 86 95.74 17.10 -24.63
N ARG Q 87 95.60 18.15 -23.83
CA ARG Q 87 96.74 18.85 -23.26
C ARG Q 87 97.05 18.27 -21.89
N SER Q 88 98.29 17.84 -21.71
CA SER Q 88 98.67 17.19 -20.46
C SER Q 88 99.09 18.17 -19.37
N THR Q 89 99.08 19.48 -19.65
CA THR Q 89 99.56 20.47 -18.70
C THR Q 89 98.51 21.55 -18.46
N ILE Q 90 98.60 22.18 -17.30
CA ILE Q 90 97.75 23.31 -16.94
C ILE Q 90 98.51 24.59 -17.28
N THR Q 91 97.94 25.41 -18.15
CA THR Q 91 98.59 26.65 -18.58
C THR Q 91 97.80 27.86 -18.10
N SER Q 92 98.46 29.02 -18.15
CA SER Q 92 97.79 30.27 -17.84
C SER Q 92 96.75 30.63 -18.90
N ARG Q 93 96.96 30.21 -20.14
CA ARG Q 93 95.99 30.47 -21.20
C ARG Q 93 94.70 29.72 -20.95
N GLU Q 94 94.78 28.44 -20.58
CA GLU Q 94 93.56 27.67 -20.39
C GLU Q 94 92.89 28.02 -19.06
N ILE Q 95 93.65 28.47 -18.07
CA ILE Q 95 92.98 28.91 -16.85
C ILE Q 95 92.33 30.27 -17.08
N GLN Q 96 92.89 31.06 -18.01
CA GLN Q 96 92.22 32.28 -18.45
C GLN Q 96 90.93 31.95 -19.18
N THR Q 97 90.96 30.88 -19.98
CA THR Q 97 89.75 30.32 -20.57
C THR Q 97 88.75 29.91 -19.49
N ALA Q 98 89.24 29.30 -18.42
CA ALA Q 98 88.37 28.92 -17.31
C ALA Q 98 87.78 30.14 -16.60
N VAL Q 99 88.54 31.22 -16.53
CA VAL Q 99 88.03 32.46 -15.96
C VAL Q 99 86.92 33.03 -16.84
N ARG Q 100 87.10 32.95 -18.16
CA ARG Q 100 86.01 33.34 -19.07
C ARG Q 100 84.79 32.45 -18.87
N LEU Q 101 85.00 31.17 -18.61
CA LEU Q 101 83.88 30.24 -18.51
C LEU Q 101 83.12 30.42 -17.19
N LEU Q 102 83.81 30.36 -16.07
CA LEU Q 102 83.16 30.32 -14.76
C LEU Q 102 82.71 31.71 -14.33
N LEU Q 103 83.64 32.66 -14.28
CA LEU Q 103 83.33 33.98 -13.80
C LEU Q 103 82.52 34.73 -14.84
N PRO Q 104 81.33 35.23 -14.51
CA PRO Q 104 80.48 35.87 -15.51
C PRO Q 104 80.78 37.36 -15.64
N GLY Q 105 80.60 37.88 -16.85
CA GLY Q 105 80.56 39.31 -17.09
C GLY Q 105 81.80 40.12 -16.74
N GLU Q 106 81.60 41.17 -15.96
CA GLU Q 106 82.70 42.09 -15.67
C GLU Q 106 83.73 41.48 -14.73
N LEU Q 107 83.32 40.52 -13.89
CA LEU Q 107 84.28 39.80 -13.05
C LEU Q 107 85.28 39.04 -13.89
N ALA Q 108 84.82 38.50 -15.03
CA ALA Q 108 85.72 37.79 -15.93
C ALA Q 108 86.81 38.69 -16.47
N LYS Q 109 86.43 39.84 -17.04
CA LYS Q 109 87.42 40.71 -17.67
C LYS Q 109 88.31 41.41 -16.63
N HIS Q 110 87.75 41.71 -15.45
CA HIS Q 110 88.59 42.24 -14.38
C HIS Q 110 89.59 41.22 -13.88
N ALA Q 111 89.18 39.96 -13.74
CA ALA Q 111 90.13 38.91 -13.35
C ALA Q 111 91.15 38.65 -14.44
N VAL Q 112 90.75 38.83 -15.70
CA VAL Q 112 91.70 38.73 -16.81
C VAL Q 112 92.74 39.84 -16.72
N SER Q 113 92.30 41.07 -16.46
CA SER Q 113 93.24 42.18 -16.29
C SER Q 113 94.18 41.94 -15.12
N GLU Q 114 93.63 41.45 -14.01
CA GLU Q 114 94.44 41.15 -12.83
C GLU Q 114 95.46 40.05 -13.13
N GLY Q 115 95.03 38.98 -13.79
CA GLY Q 115 95.92 37.88 -14.07
C GLY Q 115 97.01 38.24 -15.07
N THR Q 116 96.64 38.98 -16.13
CA THR Q 116 97.64 39.41 -17.11
C THR Q 116 98.65 40.37 -16.49
N LYS Q 117 98.18 41.31 -15.66
CA LYS Q 117 99.10 42.20 -14.95
C LYS Q 117 100.01 41.42 -14.02
N ALA Q 118 99.44 40.42 -13.32
CA ALA Q 118 100.21 39.63 -12.37
C ALA Q 118 101.28 38.80 -13.07
N VAL Q 119 100.93 38.13 -14.16
CA VAL Q 119 101.92 37.33 -14.86
C VAL Q 119 102.92 38.23 -15.58
N THR Q 120 102.51 39.46 -15.92
CA THR Q 120 103.46 40.40 -16.51
C THR Q 120 104.53 40.81 -15.51
N LYS Q 121 104.14 41.22 -14.31
CA LYS Q 121 105.15 41.64 -13.33
C LYS Q 121 105.83 40.45 -12.69
N TYR Q 122 105.24 39.25 -12.83
CA TYR Q 122 105.96 38.04 -12.43
C TYR Q 122 107.03 37.68 -13.44
N THR Q 123 106.73 37.82 -14.73
CA THR Q 123 107.70 37.53 -15.77
C THR Q 123 108.84 38.54 -15.77
N SER Q 124 108.52 39.81 -15.52
CA SER Q 124 109.55 40.83 -15.40
C SER Q 124 110.43 40.66 -14.16
N ALA Q 125 109.96 39.92 -13.17
CA ALA Q 125 110.75 39.65 -11.97
C ALA Q 125 111.56 38.37 -12.12
N LYS R 38 30.41 -11.68 34.64
CA LYS R 38 30.39 -12.87 33.80
C LYS R 38 31.70 -13.01 33.02
N PRO R 39 32.20 -14.24 32.92
CA PRO R 39 33.47 -14.47 32.22
C PRO R 39 33.34 -14.27 30.72
N HIS R 40 34.45 -13.87 30.11
CA HIS R 40 34.40 -13.35 28.74
C HIS R 40 34.40 -14.49 27.72
N ARG R 41 33.60 -14.33 26.67
CA ARG R 41 33.36 -15.39 25.70
C ARG R 41 33.20 -14.78 24.32
N TYR R 42 33.93 -15.31 23.33
CA TYR R 42 33.88 -14.78 21.98
C TYR R 42 32.80 -15.49 21.14
N ARG R 43 32.36 -14.83 20.06
CA ARG R 43 31.36 -15.42 19.17
C ARG R 43 31.94 -16.61 18.40
N PRO R 44 31.10 -17.55 18.00
CA PRO R 44 31.57 -18.68 17.18
C PRO R 44 32.13 -18.23 15.84
N GLY R 45 33.38 -18.60 15.60
CA GLY R 45 34.07 -18.23 14.39
C GLY R 45 35.32 -17.40 14.61
N THR R 46 35.28 -16.41 15.50
CA THR R 46 36.47 -15.57 15.64
C THR R 46 37.57 -16.31 16.39
N VAL R 47 37.19 -17.26 17.26
CA VAL R 47 38.17 -18.18 17.83
C VAL R 47 38.68 -19.10 16.74
N ALA R 48 37.80 -19.49 15.82
CA ALA R 48 38.22 -20.32 14.70
C ALA R 48 39.23 -19.60 13.82
N LEU R 49 38.94 -18.34 13.44
CA LEU R 49 39.90 -17.59 12.63
C LEU R 49 41.16 -17.21 13.42
N ARG R 50 41.05 -17.04 14.73
CA ARG R 50 42.24 -16.89 15.56
C ARG R 50 43.13 -18.12 15.47
N GLU R 51 42.51 -19.30 15.55
CA GLU R 51 43.22 -20.55 15.37
C GLU R 51 43.83 -20.64 13.98
N ILE R 52 43.04 -20.23 12.97
CA ILE R 52 43.49 -20.17 11.57
C ILE R 52 44.77 -19.36 11.48
N ARG R 53 44.75 -18.15 11.99
CA ARG R 53 45.91 -17.26 11.89
C ARG R 53 47.10 -17.79 12.68
N ARG R 54 46.82 -18.34 13.86
CA ARG R 54 47.88 -18.81 14.75
C ARG R 54 48.62 -20.01 14.18
N TYR R 55 47.92 -20.94 13.53
CA TYR R 55 48.64 -22.00 12.83
C TYR R 55 48.95 -21.72 11.37
N GLN R 56 48.48 -20.61 10.80
CA GLN R 56 49.13 -20.20 9.57
C GLN R 56 50.49 -19.61 9.84
N LYS R 57 50.64 -18.84 10.92
CA LYS R 57 51.97 -18.30 11.19
C LYS R 57 52.85 -19.34 11.87
N SER R 58 52.25 -20.38 12.45
CA SER R 58 53.07 -21.42 13.07
C SER R 58 53.60 -22.34 11.99
N THR R 59 54.55 -23.19 12.40
CA THR R 59 55.05 -24.26 11.55
C THR R 59 54.95 -25.65 12.17
N GLU R 60 54.59 -25.76 13.45
CA GLU R 60 54.84 -26.97 14.21
C GLU R 60 53.87 -28.08 13.79
N LEU R 61 54.36 -29.33 13.81
CA LEU R 61 53.59 -30.49 13.39
C LEU R 61 52.39 -30.74 14.29
N LEU R 62 51.20 -30.57 13.72
CA LEU R 62 49.96 -30.44 14.48
C LEU R 62 49.47 -31.73 15.11
N ILE R 63 49.94 -32.86 14.66
CA ILE R 63 49.48 -34.16 15.14
C ILE R 63 50.34 -34.55 16.34
N ARG R 64 49.74 -35.18 17.33
CA ARG R 64 50.50 -35.88 18.36
C ARG R 64 51.45 -36.88 17.70
N LYS R 65 52.72 -36.83 18.08
CA LYS R 65 53.73 -37.67 17.44
C LYS R 65 53.53 -39.13 17.77
N LEU R 66 53.38 -39.46 19.06
CA LEU R 66 53.41 -40.85 19.49
C LEU R 66 52.27 -41.70 18.95
N PRO R 67 51.00 -41.28 19.00
CA PRO R 67 49.97 -42.12 18.37
C PRO R 67 50.04 -42.15 16.86
N PHE R 68 50.61 -41.12 16.23
CA PHE R 68 50.88 -41.22 14.80
C PHE R 68 51.89 -42.33 14.53
N GLN R 69 52.92 -42.42 15.37
CA GLN R 69 53.88 -43.51 15.28
C GLN R 69 53.20 -44.86 15.48
N ARG R 70 52.28 -44.90 16.45
CA ARG R 70 51.55 -46.13 16.72
C ARG R 70 50.67 -46.53 15.54
N LEU R 71 50.03 -45.56 14.88
CA LEU R 71 49.18 -45.85 13.74
C LEU R 71 49.98 -46.31 12.54
N VAL R 72 51.17 -45.72 12.33
CA VAL R 72 52.05 -46.16 11.25
C VAL R 72 52.47 -47.61 11.48
N ARG R 73 52.84 -47.93 12.73
CA ARG R 73 53.20 -49.31 13.05
C ARG R 73 52.00 -50.24 12.87
N GLU R 74 50.80 -49.78 13.22
CA GLU R 74 49.61 -50.62 13.15
C GLU R 74 49.23 -50.90 11.71
N ILE R 75 49.34 -49.90 10.85
CA ILE R 75 49.05 -50.08 9.43
C ILE R 75 50.08 -50.99 8.79
N ALA R 76 51.36 -50.79 9.13
CA ALA R 76 52.42 -51.56 8.49
C ALA R 76 52.39 -53.02 8.93
N GLN R 77 52.04 -53.28 10.19
CA GLN R 77 51.93 -54.65 10.68
C GLN R 77 50.84 -55.42 9.96
N ASP R 78 49.82 -54.71 9.45
CA ASP R 78 48.78 -55.35 8.66
C ASP R 78 49.32 -55.92 7.36
N PHE R 79 50.34 -55.29 6.79
CA PHE R 79 50.86 -55.69 5.49
C PHE R 79 52.04 -56.63 5.63
N LYS R 80 53.09 -56.19 6.33
CA LYS R 80 54.23 -57.05 6.60
C LYS R 80 54.52 -57.00 8.09
N THR R 81 54.83 -58.16 8.66
CA THR R 81 54.96 -58.24 10.10
C THR R 81 56.29 -57.65 10.58
N ASP R 82 56.36 -57.42 11.90
CA ASP R 82 57.57 -57.05 12.64
C ASP R 82 58.22 -55.79 12.06
N LEU R 83 57.43 -54.79 11.71
CA LEU R 83 58.00 -53.63 11.06
C LEU R 83 58.40 -52.59 12.09
N ARG R 84 59.66 -52.18 12.03
CA ARG R 84 60.20 -51.12 12.87
C ARG R 84 60.37 -49.87 12.01
N PHE R 85 60.16 -48.72 12.63
CA PHE R 85 60.17 -47.47 11.90
C PHE R 85 61.25 -46.55 12.46
N GLN R 86 62.05 -45.99 11.55
CA GLN R 86 62.98 -44.94 11.92
C GLN R 86 62.18 -43.73 12.41
N SER R 87 62.71 -43.06 13.41
CA SER R 87 62.01 -41.91 13.99
C SER R 87 61.80 -40.82 12.95
N SER R 88 62.82 -40.57 12.13
CA SER R 88 62.68 -39.63 11.03
C SER R 88 61.73 -40.14 9.97
N ALA R 89 61.60 -41.46 9.80
CA ALA R 89 60.59 -41.99 8.88
C ALA R 89 59.19 -41.68 9.39
N VAL R 90 58.96 -41.83 10.70
CA VAL R 90 57.70 -41.43 11.29
C VAL R 90 57.49 -39.93 11.13
N MET R 91 58.57 -39.16 11.25
CA MET R 91 58.48 -37.72 11.01
C MET R 91 58.01 -37.44 9.59
N ALA R 92 58.76 -37.94 8.60
CA ALA R 92 58.49 -37.65 7.19
C ALA R 92 57.10 -38.12 6.82
N LEU R 93 56.64 -39.20 7.44
CA LEU R 93 55.23 -39.56 7.33
C LEU R 93 54.34 -38.50 7.95
N GLN R 94 54.78 -37.84 9.03
CA GLN R 94 53.89 -36.85 9.64
C GLN R 94 53.81 -35.57 8.80
N GLU R 95 54.95 -35.09 8.26
CA GLU R 95 54.84 -33.97 7.31
C GLU R 95 54.09 -34.38 6.05
N ALA R 96 54.25 -35.62 5.60
CA ALA R 96 53.51 -36.11 4.44
C ALA R 96 52.01 -36.07 4.70
N SER R 97 51.61 -36.59 5.86
CA SER R 97 50.20 -36.63 6.21
C SER R 97 49.63 -35.23 6.36
N GLU R 98 50.38 -34.33 7.03
CA GLU R 98 49.85 -33.00 7.26
C GLU R 98 49.75 -32.21 5.96
N ALA R 99 50.79 -32.27 5.13
CA ALA R 99 50.77 -31.48 3.90
C ALA R 99 49.76 -32.03 2.91
N TYR R 100 49.67 -33.36 2.79
CA TYR R 100 48.64 -33.98 1.98
C TYR R 100 47.25 -33.60 2.46
N LEU R 101 47.05 -33.64 3.78
CA LEU R 101 45.73 -33.34 4.30
C LEU R 101 45.38 -31.87 4.17
N VAL R 102 46.33 -30.96 4.41
CA VAL R 102 46.00 -29.54 4.31
C VAL R 102 45.83 -29.13 2.85
N GLY R 103 46.56 -29.80 1.94
CA GLY R 103 46.30 -29.58 0.52
C GLY R 103 44.90 -30.00 0.17
N LEU R 104 44.50 -31.19 0.64
CA LEU R 104 43.14 -31.66 0.45
C LEU R 104 42.14 -30.75 1.15
N PHE R 105 42.54 -30.11 2.25
CA PHE R 105 41.60 -29.29 3.00
C PHE R 105 41.37 -27.95 2.32
N GLU R 106 42.42 -27.32 1.79
CA GLU R 106 42.23 -26.18 0.90
C GLU R 106 41.37 -26.57 -0.30
N ASP R 107 41.57 -27.77 -0.82
CA ASP R 107 40.77 -28.24 -1.94
C ASP R 107 39.29 -28.34 -1.57
N THR R 108 39.01 -28.93 -0.41
CA THR R 108 37.65 -29.03 0.06
C THR R 108 37.08 -27.68 0.41
N ASN R 109 37.92 -26.75 0.86
CA ASN R 109 37.42 -25.43 1.21
C ASN R 109 37.05 -24.66 -0.07
N LEU R 110 37.82 -24.88 -1.13
CA LEU R 110 37.43 -24.39 -2.45
C LEU R 110 36.11 -24.99 -2.88
N ALA R 111 35.92 -26.29 -2.62
CA ALA R 111 34.64 -26.92 -2.90
C ALA R 111 33.53 -26.31 -2.06
N ALA R 112 33.83 -25.93 -0.82
CA ALA R 112 32.82 -25.40 0.07
C ALA R 112 32.41 -23.99 -0.35
N ILE R 113 33.39 -23.16 -0.70
CA ILE R 113 33.07 -21.80 -1.13
C ILE R 113 32.47 -21.83 -2.52
N HIS R 114 32.72 -22.90 -3.28
CA HIS R 114 31.87 -23.18 -4.43
C HIS R 114 30.45 -23.41 -3.99
N ALA R 115 30.26 -24.22 -2.96
CA ALA R 115 28.94 -24.65 -2.56
C ALA R 115 28.22 -23.64 -1.68
N LYS R 116 28.69 -22.38 -1.67
CA LYS R 116 28.11 -21.27 -0.91
C LYS R 116 28.09 -21.54 0.59
N ARG R 117 28.89 -22.48 1.06
CA ARG R 117 28.90 -22.87 2.46
C ARG R 117 30.19 -22.41 3.11
N VAL R 118 30.23 -22.50 4.43
CA VAL R 118 31.45 -22.27 5.17
C VAL R 118 31.90 -23.52 5.93
N THR R 119 30.98 -24.43 6.23
CA THR R 119 31.31 -25.67 6.90
C THR R 119 31.47 -26.76 5.85
N ILE R 120 32.64 -27.39 5.80
CA ILE R 120 32.88 -28.44 4.83
C ILE R 120 32.11 -29.70 5.23
N MET R 121 31.86 -30.57 4.26
CA MET R 121 31.08 -31.79 4.42
C MET R 121 31.87 -32.95 3.83
N PRO R 122 31.41 -34.19 4.06
CA PRO R 122 32.03 -35.32 3.35
C PRO R 122 32.06 -35.20 1.84
N LYS R 123 31.00 -34.66 1.25
CA LYS R 123 30.90 -34.65 -0.20
C LYS R 123 31.95 -33.75 -0.84
N ASP R 124 32.43 -32.73 -0.13
CA ASP R 124 33.55 -31.94 -0.64
C ASP R 124 34.83 -32.76 -0.69
N ILE R 125 35.04 -33.63 0.29
CA ILE R 125 36.19 -34.53 0.18
C ILE R 125 35.99 -35.51 -0.97
N GLN R 126 34.75 -35.97 -1.17
CA GLN R 126 34.46 -36.91 -2.25
C GLN R 126 34.78 -36.28 -3.59
N LEU R 127 34.35 -35.03 -3.77
CA LEU R 127 34.64 -34.28 -4.99
C LEU R 127 36.13 -34.03 -5.16
N ALA R 128 36.79 -33.74 -4.05
CA ALA R 128 38.21 -33.39 -4.10
C ALA R 128 39.01 -34.58 -4.58
N ARG R 129 38.75 -35.77 -4.02
CA ARG R 129 39.43 -36.96 -4.51
C ARG R 129 39.04 -37.24 -5.94
N ARG R 130 37.76 -37.07 -6.26
CA ARG R 130 37.20 -37.49 -7.53
C ARG R 130 37.75 -36.65 -8.69
N ILE R 131 37.85 -35.35 -8.51
CA ILE R 131 38.49 -34.54 -9.55
C ILE R 131 39.99 -34.82 -9.55
N ARG R 132 40.57 -35.00 -8.36
CA ARG R 132 41.99 -35.35 -8.31
C ARG R 132 42.29 -36.70 -8.93
N GLY R 133 41.28 -37.55 -9.11
CA GLY R 133 41.47 -38.81 -9.79
C GLY R 133 41.70 -39.99 -8.88
N GLU R 134 41.38 -39.87 -7.59
CA GLU R 134 41.59 -40.99 -6.69
C GLU R 134 40.32 -41.31 -5.92
N LYS S 21 51.88 -56.53 21.82
CA LYS S 21 52.56 -56.11 20.60
C LYS S 21 51.58 -55.67 19.52
N VAL S 22 50.42 -56.32 19.48
CA VAL S 22 49.44 -56.03 18.44
C VAL S 22 48.71 -54.73 18.77
N LEU S 23 48.45 -53.93 17.74
CA LEU S 23 47.70 -52.69 17.88
C LEU S 23 46.39 -52.81 17.13
N ARG S 24 45.35 -52.17 17.67
CA ARG S 24 43.99 -52.45 17.26
C ARG S 24 43.26 -51.22 16.72
N ASP S 25 43.30 -50.11 17.45
CA ASP S 25 42.41 -48.99 17.23
C ASP S 25 43.18 -47.68 17.17
N ASN S 26 44.30 -47.68 16.46
CA ASN S 26 45.08 -46.46 16.32
C ASN S 26 44.50 -45.50 15.29
N ILE S 27 43.33 -45.83 14.73
CA ILE S 27 42.61 -44.88 13.92
C ILE S 27 42.18 -43.68 14.74
N GLN S 28 41.90 -43.90 16.03
CA GLN S 28 41.59 -42.79 16.92
C GLN S 28 42.83 -42.16 17.54
N GLY S 29 44.02 -42.67 17.23
CA GLY S 29 45.24 -42.01 17.64
C GLY S 29 45.44 -40.65 17.02
N ILE S 30 44.90 -40.42 15.83
CA ILE S 30 44.86 -39.09 15.23
C ILE S 30 43.56 -38.48 15.74
N THR S 31 43.67 -37.70 16.82
CA THR S 31 42.50 -37.30 17.58
C THR S 31 41.66 -36.28 16.84
N LYS S 32 40.42 -36.12 17.31
CA LYS S 32 39.55 -35.06 16.78
C LYS S 32 40.16 -33.66 16.89
N PRO S 33 40.72 -33.20 18.02
CA PRO S 33 41.39 -31.90 18.00
C PRO S 33 42.60 -31.85 17.08
N ALA S 34 43.30 -32.98 16.90
CA ALA S 34 44.40 -33.02 15.94
C ALA S 34 43.89 -32.78 14.52
N ILE S 35 42.77 -33.40 14.16
CA ILE S 35 42.15 -33.16 12.85
C ILE S 35 41.69 -31.72 12.72
N ARG S 36 41.07 -31.18 13.77
CA ARG S 36 40.63 -29.79 13.72
C ARG S 36 41.79 -28.84 13.58
N ARG S 37 42.91 -29.17 14.20
CA ARG S 37 44.04 -28.26 14.13
C ARG S 37 44.73 -28.36 12.76
N LEU S 38 44.72 -29.56 12.18
CA LEU S 38 45.11 -29.71 10.76
C LEU S 38 44.28 -28.80 9.88
N ALA S 39 42.97 -28.83 10.05
CA ALA S 39 42.10 -28.02 9.22
C ALA S 39 42.22 -26.53 9.57
N ARG S 40 42.69 -26.24 10.77
CA ARG S 40 43.11 -24.87 11.07
C ARG S 40 44.33 -24.48 10.25
N ARG S 41 45.27 -25.41 10.04
CA ARG S 41 46.25 -25.14 9.00
C ARG S 41 45.61 -25.21 7.63
N GLY S 42 44.59 -26.02 7.48
CA GLY S 42 43.89 -26.17 6.23
C GLY S 42 42.95 -25.04 5.86
N GLY S 43 42.98 -23.94 6.58
CA GLY S 43 42.12 -22.82 6.26
C GLY S 43 40.66 -23.08 6.49
N VAL S 44 40.33 -24.10 7.26
CA VAL S 44 38.94 -24.49 7.45
C VAL S 44 38.45 -23.85 8.73
N LYS S 45 37.35 -23.13 8.63
CA LYS S 45 36.80 -22.43 9.78
C LYS S 45 35.82 -23.30 10.55
N ARG S 46 34.92 -24.00 9.88
CA ARG S 46 33.95 -24.86 10.54
C ARG S 46 34.01 -26.26 9.97
N ILE S 47 34.08 -27.25 10.87
CA ILE S 47 34.31 -28.65 10.51
C ILE S 47 33.15 -29.47 11.03
N SER S 48 32.49 -30.22 10.15
CA SER S 48 31.38 -31.05 10.58
C SER S 48 31.87 -32.24 11.39
N GLY S 49 30.94 -32.86 12.13
CA GLY S 49 31.28 -34.01 12.94
C GLY S 49 31.50 -35.26 12.14
N LEU S 50 30.93 -35.34 10.94
CA LEU S 50 31.13 -36.47 10.07
C LEU S 50 32.51 -36.45 9.43
N ILE S 51 33.20 -35.32 9.52
CA ILE S 51 34.47 -35.14 8.82
C ILE S 51 35.54 -36.02 9.44
N TYR S 52 35.55 -36.15 10.75
CA TYR S 52 36.71 -36.70 11.45
C TYR S 52 36.92 -38.17 11.14
N GLU S 53 35.86 -38.96 11.11
CA GLU S 53 36.01 -40.37 10.77
C GLU S 53 36.44 -40.53 9.31
N GLU S 54 35.96 -39.64 8.45
CA GLU S 54 36.33 -39.73 7.04
C GLU S 54 37.79 -39.36 6.82
N THR S 55 38.24 -38.32 7.51
CA THR S 55 39.63 -37.90 7.40
C THR S 55 40.55 -38.95 7.98
N ARG S 56 40.11 -39.61 9.06
CA ARG S 56 40.78 -40.79 9.56
C ARG S 56 40.87 -41.87 8.50
N GLY S 57 39.75 -42.12 7.79
CA GLY S 57 39.75 -43.15 6.77
C GLY S 57 40.63 -42.81 5.57
N VAL S 58 40.63 -41.55 5.16
CA VAL S 58 41.39 -41.19 3.96
C VAL S 58 42.87 -41.08 4.28
N LEU S 59 43.19 -40.70 5.51
CA LEU S 59 44.55 -40.84 6.00
C LEU S 59 44.95 -42.30 6.04
N LYS S 60 44.02 -43.17 6.44
CA LYS S 60 44.30 -44.59 6.51
C LYS S 60 44.62 -45.16 5.13
N VAL S 61 43.78 -44.86 4.14
CA VAL S 61 43.98 -45.42 2.81
C VAL S 61 45.17 -44.76 2.10
N PHE S 62 45.37 -43.46 2.35
CA PHE S 62 46.55 -42.77 1.84
C PHE S 62 47.82 -43.40 2.36
N LEU S 63 47.89 -43.64 3.67
CA LEU S 63 49.08 -44.26 4.21
C LEU S 63 49.14 -45.73 3.84
N GLU S 64 47.99 -46.36 3.56
CA GLU S 64 48.02 -47.70 2.99
C GLU S 64 48.78 -47.70 1.67
N ASN S 65 48.47 -46.73 0.81
CA ASN S 65 49.18 -46.60 -0.46
C ASN S 65 50.65 -46.30 -0.24
N VAL S 66 50.93 -45.28 0.57
CA VAL S 66 52.30 -44.80 0.75
C VAL S 66 53.16 -45.84 1.45
N ILE S 67 52.65 -46.41 2.54
CA ILE S 67 53.41 -47.38 3.30
C ILE S 67 53.50 -48.70 2.55
N ARG S 68 52.49 -49.07 1.76
CA ARG S 68 52.61 -50.25 0.91
C ARG S 68 53.76 -50.08 -0.06
N ASP S 69 53.84 -48.91 -0.68
CA ASP S 69 54.92 -48.63 -1.62
C ASP S 69 56.26 -48.63 -0.90
N ALA S 70 56.31 -48.00 0.27
CA ALA S 70 57.57 -47.89 1.01
C ALA S 70 58.04 -49.23 1.54
N VAL S 71 57.11 -50.04 2.04
CA VAL S 71 57.44 -51.38 2.51
C VAL S 71 57.92 -52.22 1.36
N THR S 72 57.35 -52.04 0.17
CA THR S 72 57.83 -52.76 -1.00
C THR S 72 59.24 -52.31 -1.36
N TYR S 73 59.53 -51.01 -1.21
CA TYR S 73 60.88 -50.51 -1.40
C TYR S 73 61.86 -51.16 -0.41
N THR S 74 61.44 -51.28 0.85
CA THR S 74 62.32 -51.85 1.88
C THR S 74 62.58 -53.33 1.64
N GLU S 75 61.53 -54.11 1.37
CA GLU S 75 61.74 -55.54 1.19
C GLU S 75 62.41 -55.82 -0.14
N HIS S 76 62.33 -54.88 -1.07
CA HIS S 76 63.18 -54.99 -2.24
C HIS S 76 64.64 -54.78 -1.85
N ALA S 77 64.89 -53.93 -0.86
CA ALA S 77 66.24 -53.79 -0.31
C ALA S 77 66.57 -54.90 0.68
N LYS S 78 65.65 -55.82 0.94
CA LYS S 78 65.79 -56.92 1.90
C LYS S 78 66.05 -56.40 3.31
N ARG S 79 65.52 -55.22 3.62
CA ARG S 79 65.62 -54.62 4.93
C ARG S 79 64.34 -54.83 5.70
N LYS S 80 64.43 -54.76 7.03
CA LYS S 80 63.27 -54.92 7.86
C LYS S 80 62.84 -53.61 8.52
N THR S 81 63.72 -52.62 8.59
CA THR S 81 63.38 -51.31 9.09
C THR S 81 62.94 -50.45 7.91
N VAL S 82 61.77 -49.83 8.04
CA VAL S 82 61.35 -48.84 7.06
C VAL S 82 62.18 -47.58 7.25
N THR S 83 62.66 -47.02 6.14
CA THR S 83 63.48 -45.81 6.19
C THR S 83 62.69 -44.60 5.70
N ALA S 84 63.17 -43.43 6.11
CA ALA S 84 62.60 -42.19 5.60
C ALA S 84 62.87 -42.03 4.11
N MET S 85 63.98 -42.59 3.62
CA MET S 85 64.27 -42.54 2.19
C MET S 85 63.23 -43.31 1.38
N ASP S 86 62.85 -44.50 1.84
CA ASP S 86 61.86 -45.26 1.10
C ASP S 86 60.49 -44.61 1.20
N VAL S 87 60.20 -43.93 2.31
CA VAL S 87 58.96 -43.18 2.43
C VAL S 87 58.93 -42.03 1.44
N VAL S 88 60.05 -41.29 1.33
CA VAL S 88 60.01 -40.12 0.46
C VAL S 88 59.97 -40.54 -1.00
N TYR S 89 60.58 -41.68 -1.35
CA TYR S 89 60.37 -42.14 -2.73
C TYR S 89 58.97 -42.70 -2.96
N ALA S 90 58.37 -43.31 -1.94
CA ALA S 90 56.99 -43.76 -2.05
C ALA S 90 56.06 -42.58 -2.29
N LEU S 91 56.37 -41.46 -1.68
CA LEU S 91 55.65 -40.23 -1.99
C LEU S 91 55.97 -39.74 -3.39
N LYS S 92 57.25 -39.75 -3.78
CA LYS S 92 57.68 -39.05 -4.99
C LYS S 92 57.10 -39.72 -6.23
N ARG S 93 57.13 -41.05 -6.28
CA ARG S 93 56.59 -41.73 -7.45
C ARG S 93 55.07 -41.73 -7.50
N GLN S 94 54.40 -41.32 -6.44
CA GLN S 94 52.98 -41.01 -6.50
C GLN S 94 52.71 -39.58 -6.90
N GLY S 95 53.70 -38.88 -7.44
CA GLY S 95 53.54 -37.49 -7.79
C GLY S 95 53.40 -36.59 -6.59
N ARG S 96 54.04 -36.95 -5.48
CA ARG S 96 53.92 -36.24 -4.21
C ARG S 96 55.29 -36.01 -3.61
N THR S 97 56.20 -35.43 -4.39
CA THR S 97 57.59 -35.26 -3.99
C THR S 97 57.69 -34.41 -2.72
N LEU S 98 58.52 -34.87 -1.78
CA LEU S 98 58.69 -34.20 -0.49
C LEU S 98 60.13 -33.73 -0.38
N TYR S 99 60.30 -32.54 0.19
CA TYR S 99 61.61 -31.97 0.42
C TYR S 99 61.96 -32.05 1.89
N GLY S 100 63.24 -32.31 2.17
CA GLY S 100 63.77 -32.18 3.51
C GLY S 100 64.07 -33.47 4.24
N PHE S 101 64.01 -34.61 3.57
CA PHE S 101 64.36 -35.88 4.21
C PHE S 101 65.23 -36.70 3.29
N GLY S 102 66.24 -36.04 2.70
CA GLY S 102 67.20 -36.74 1.88
C GLY S 102 66.70 -37.13 0.51
N GLY S 103 65.56 -36.61 0.08
CA GLY S 103 65.01 -36.94 -1.22
C GLY S 103 65.75 -36.27 -2.37
N ALA T 28 78.19 -76.86 -36.41
CA ALA T 28 77.36 -77.71 -35.58
C ALA T 28 76.47 -76.87 -34.66
N ARG T 29 75.94 -75.79 -35.20
CA ARG T 29 75.09 -74.91 -34.40
C ARG T 29 73.75 -75.57 -34.08
N ALA T 30 73.26 -75.32 -32.88
CA ALA T 30 71.98 -75.86 -32.45
C ALA T 30 70.84 -75.17 -33.20
N LYS T 31 69.66 -75.77 -33.09
CA LYS T 31 68.47 -75.18 -33.66
C LYS T 31 68.16 -73.86 -32.98
N ALA T 32 67.92 -72.83 -33.79
CA ALA T 32 67.59 -71.52 -33.24
C ALA T 32 66.16 -71.55 -32.72
N LYS T 33 66.03 -71.70 -31.41
CA LYS T 33 64.72 -71.73 -30.78
C LYS T 33 64.51 -70.35 -30.15
N THR T 34 63.25 -69.99 -29.86
CA THR T 34 62.93 -68.62 -29.48
C THR T 34 62.53 -68.57 -28.02
N ARG T 35 62.93 -67.47 -27.37
CA ARG T 35 62.68 -67.32 -25.94
C ARG T 35 61.19 -67.15 -25.63
N SER T 36 60.42 -66.62 -26.58
CA SER T 36 58.97 -66.53 -26.37
C SER T 36 58.36 -67.91 -26.27
N SER T 37 58.80 -68.83 -27.13
CA SER T 37 58.39 -70.22 -27.03
C SER T 37 59.01 -70.88 -25.81
N ARG T 38 60.20 -70.43 -25.41
CA ARG T 38 60.87 -71.00 -24.24
C ARG T 38 60.06 -70.73 -22.97
N ALA T 39 59.54 -69.53 -22.83
CA ALA T 39 58.60 -69.26 -21.75
C ALA T 39 57.17 -69.51 -22.17
N GLY T 40 56.94 -70.02 -23.37
CA GLY T 40 55.59 -70.24 -23.84
C GLY T 40 54.79 -68.99 -24.03
N LEU T 41 55.43 -67.91 -24.46
CA LEU T 41 54.77 -66.63 -24.55
C LEU T 41 54.61 -66.22 -26.01
N GLN T 42 53.64 -65.35 -26.25
CA GLN T 42 53.44 -64.81 -27.59
C GLN T 42 54.15 -63.48 -27.80
N PHE T 43 54.36 -62.72 -26.72
CA PHE T 43 55.12 -61.50 -26.86
C PHE T 43 56.58 -61.84 -27.13
N PRO T 44 57.24 -61.03 -27.94
CA PRO T 44 58.64 -61.31 -28.29
C PRO T 44 59.57 -60.95 -27.12
N VAL T 45 60.21 -61.98 -26.57
CA VAL T 45 61.20 -61.73 -25.55
C VAL T 45 62.39 -60.98 -26.16
N GLY T 46 62.71 -61.29 -27.40
CA GLY T 46 63.79 -60.59 -28.08
C GLY T 46 63.52 -59.11 -28.26
N ARG T 47 62.31 -58.76 -28.71
CA ARG T 47 62.04 -57.35 -28.99
C ARG T 47 61.89 -56.54 -27.72
N VAL T 48 61.25 -57.09 -26.69
CA VAL T 48 61.10 -56.36 -25.43
C VAL T 48 62.45 -56.24 -24.73
N HIS T 49 63.28 -57.29 -24.80
CA HIS T 49 64.63 -57.23 -24.25
C HIS T 49 65.48 -56.21 -24.98
N ARG T 50 65.33 -56.13 -26.30
CA ARG T 50 66.05 -55.12 -27.08
C ARG T 50 65.59 -53.72 -26.72
N LEU T 51 64.28 -53.54 -26.55
CA LEU T 51 63.74 -52.23 -26.18
C LEU T 51 64.21 -51.79 -24.81
N LEU T 52 64.34 -52.73 -23.87
CA LEU T 52 64.95 -52.35 -22.58
C LEU T 52 66.44 -52.02 -22.73
N ARG T 53 67.18 -52.81 -23.52
CA ARG T 53 68.62 -52.62 -23.59
C ARG T 53 68.98 -51.31 -24.30
N LYS T 54 68.27 -51.01 -25.40
CA LYS T 54 68.50 -49.78 -26.14
C LYS T 54 67.58 -48.65 -25.73
N GLY T 55 66.70 -48.87 -24.77
CA GLY T 55 66.02 -47.74 -24.17
C GLY T 55 66.81 -47.09 -23.07
N ASN T 56 67.88 -47.75 -22.61
CA ASN T 56 68.76 -47.28 -21.55
C ASN T 56 68.00 -47.01 -20.25
N TYR T 57 67.73 -48.09 -19.51
CA TYR T 57 67.12 -48.01 -18.19
C TYR T 57 68.01 -48.52 -17.08
N SER T 58 69.08 -49.20 -17.42
CA SER T 58 70.10 -49.54 -16.45
C SER T 58 71.38 -49.78 -17.25
N GLU T 59 72.48 -49.98 -16.53
CA GLU T 59 73.67 -50.44 -17.22
C GLU T 59 73.47 -51.85 -17.80
N ARG T 60 72.82 -52.73 -17.06
CA ARG T 60 72.66 -54.10 -17.49
C ARG T 60 71.28 -54.57 -17.05
N VAL T 61 70.81 -55.67 -17.62
CA VAL T 61 69.45 -56.14 -17.34
C VAL T 61 69.52 -57.62 -16.97
N GLY T 62 68.88 -57.98 -15.85
CA GLY T 62 68.76 -59.38 -15.51
C GLY T 62 67.90 -60.13 -16.52
N ALA T 63 68.25 -61.39 -16.73
CA ALA T 63 67.69 -62.14 -17.85
C ALA T 63 66.22 -62.46 -17.65
N GLY T 64 65.81 -62.71 -16.42
CA GLY T 64 64.42 -63.03 -16.22
C GLY T 64 63.47 -61.86 -16.29
N ALA T 65 64.01 -60.65 -16.16
CA ALA T 65 63.18 -59.46 -16.18
C ALA T 65 62.43 -59.22 -17.49
N PRO T 66 63.05 -59.33 -18.69
CA PRO T 66 62.23 -59.17 -19.90
C PRO T 66 61.23 -60.27 -20.10
N VAL T 67 61.53 -61.48 -19.64
CA VAL T 67 60.56 -62.57 -19.72
C VAL T 67 59.35 -62.27 -18.86
N TYR T 68 59.62 -61.81 -17.64
CA TYR T 68 58.56 -61.39 -16.74
C TYR T 68 57.78 -60.24 -17.35
N LEU T 69 58.48 -59.33 -18.02
CA LEU T 69 57.86 -58.18 -18.66
C LEU T 69 56.92 -58.62 -19.77
N ALA T 70 57.38 -59.52 -20.61
CA ALA T 70 56.56 -59.99 -21.71
C ALA T 70 55.37 -60.78 -21.20
N ALA T 71 55.55 -61.50 -20.09
CA ALA T 71 54.42 -62.22 -19.50
C ALA T 71 53.38 -61.25 -18.97
N VAL T 72 53.83 -60.19 -18.30
CA VAL T 72 52.91 -59.20 -17.77
C VAL T 72 52.17 -58.51 -18.91
N LEU T 73 52.90 -58.15 -19.96
CA LEU T 73 52.30 -57.48 -21.10
C LEU T 73 51.33 -58.39 -21.83
N GLU T 74 51.68 -59.66 -21.98
CA GLU T 74 50.79 -60.61 -22.63
C GLU T 74 49.53 -60.82 -21.80
N TYR T 75 49.66 -60.89 -20.48
CA TYR T 75 48.49 -61.06 -19.64
C TYR T 75 47.58 -59.83 -19.73
N LEU T 76 48.18 -58.64 -19.67
CA LEU T 76 47.39 -57.42 -19.72
C LEU T 76 46.68 -57.27 -21.05
N THR T 77 47.44 -57.35 -22.15
CA THR T 77 46.87 -57.27 -23.49
C THR T 77 45.90 -58.40 -23.73
N ALA T 78 46.16 -59.57 -23.15
CA ALA T 78 45.31 -60.72 -23.38
C ALA T 78 43.95 -60.49 -22.78
N GLU T 79 43.87 -60.06 -21.53
CA GLU T 79 42.56 -59.96 -20.93
C GLU T 79 41.86 -58.68 -21.36
N ILE T 80 42.60 -57.65 -21.78
CA ILE T 80 41.88 -56.51 -22.30
C ILE T 80 41.34 -56.82 -23.69
N LEU T 81 42.01 -57.70 -24.43
CA LEU T 81 41.45 -58.19 -25.67
C LEU T 81 40.32 -59.18 -25.38
N GLU T 82 40.36 -59.82 -24.22
CA GLU T 82 39.20 -60.59 -23.76
C GLU T 82 37.99 -59.70 -23.60
N LEU T 83 38.14 -58.61 -22.85
CA LEU T 83 37.04 -57.65 -22.74
C LEU T 83 36.67 -57.04 -24.08
N ALA T 84 37.66 -56.82 -24.95
CA ALA T 84 37.36 -56.26 -26.26
C ALA T 84 36.54 -57.20 -27.11
N GLY T 85 36.93 -58.48 -27.15
CA GLY T 85 36.17 -59.45 -27.91
C GLY T 85 34.80 -59.69 -27.33
N ASN T 86 34.69 -59.71 -26.00
CA ASN T 86 33.39 -59.94 -25.39
C ASN T 86 32.46 -58.74 -25.56
N ALA T 87 33.01 -57.52 -25.50
CA ALA T 87 32.19 -56.33 -25.76
C ALA T 87 31.80 -56.24 -27.22
N ALA T 88 32.67 -56.70 -28.12
CA ALA T 88 32.35 -56.72 -29.53
C ALA T 88 31.23 -57.72 -29.79
N ARG T 89 31.31 -58.89 -29.16
CA ARG T 89 30.26 -59.89 -29.29
C ARG T 89 28.97 -59.42 -28.65
N ASP T 90 29.06 -58.54 -27.65
CA ASP T 90 27.86 -57.91 -27.11
C ASP T 90 27.25 -56.92 -28.08
N ASN T 91 28.07 -56.25 -28.89
CA ASN T 91 27.56 -55.35 -29.91
C ASN T 91 27.50 -56.09 -31.26
N LYS T 92 27.49 -57.43 -31.22
CA LYS T 92 27.27 -58.35 -32.36
C LYS T 92 28.19 -58.09 -33.56
N LYS T 93 29.26 -57.35 -33.39
CA LYS T 93 30.26 -57.19 -34.43
C LYS T 93 31.53 -57.94 -34.05
N THR T 94 32.24 -58.45 -35.04
CA THR T 94 33.39 -59.32 -34.81
C THR T 94 34.72 -58.60 -34.85
N ARG T 95 34.79 -57.36 -35.31
CA ARG T 95 36.06 -56.68 -35.53
C ARG T 95 36.19 -55.51 -34.57
N ILE T 96 37.37 -55.37 -33.97
CA ILE T 96 37.55 -54.42 -32.88
C ILE T 96 37.77 -53.02 -33.42
N ILE T 97 36.89 -52.11 -33.01
CA ILE T 97 37.03 -50.69 -33.31
C ILE T 97 37.43 -50.12 -31.95
N PRO T 98 38.27 -49.08 -31.88
CA PRO T 98 38.80 -48.64 -30.56
C PRO T 98 37.76 -48.19 -29.55
N ARG T 99 36.51 -48.02 -29.98
CA ARG T 99 35.41 -47.96 -29.04
C ARG T 99 35.41 -49.19 -28.15
N HIS T 100 35.72 -50.36 -28.70
CA HIS T 100 35.81 -51.57 -27.87
C HIS T 100 36.94 -51.47 -26.85
N LEU T 101 38.03 -50.78 -27.18
CA LEU T 101 39.11 -50.66 -26.21
C LEU T 101 38.77 -49.68 -25.11
N GLN T 102 38.11 -48.57 -25.45
CA GLN T 102 37.60 -47.68 -24.40
C GLN T 102 36.57 -48.39 -23.55
N LEU T 103 35.68 -49.16 -24.18
CA LEU T 103 34.65 -49.89 -23.44
C LEU T 103 35.27 -51.02 -22.63
N ALA T 104 36.46 -51.46 -23.01
CA ALA T 104 37.17 -52.46 -22.22
C ALA T 104 37.79 -51.85 -20.98
N ILE T 105 38.60 -50.81 -21.17
CA ILE T 105 39.38 -50.27 -20.07
C ILE T 105 38.48 -49.52 -19.09
N ARG T 106 37.56 -48.71 -19.61
CA ARG T 106 36.71 -47.90 -18.74
C ARG T 106 35.69 -48.74 -17.97
N ASN T 107 35.40 -49.95 -18.43
CA ASN T 107 34.48 -50.82 -17.70
C ASN T 107 35.18 -51.71 -16.69
N ASP T 108 36.51 -51.71 -16.63
CA ASP T 108 37.23 -52.38 -15.56
C ASP T 108 37.72 -51.31 -14.59
N GLU T 109 37.33 -51.45 -13.32
CA GLU T 109 37.71 -50.48 -12.30
C GLU T 109 39.21 -50.42 -12.08
N GLU T 110 39.86 -51.58 -12.10
CA GLU T 110 41.26 -51.65 -11.73
C GLU T 110 42.16 -51.22 -12.89
N LEU T 111 41.74 -51.51 -14.12
CA LEU T 111 42.44 -50.93 -15.27
C LEU T 111 42.25 -49.43 -15.31
N ASN T 112 41.08 -48.95 -14.88
CA ASN T 112 40.86 -47.51 -14.80
C ASN T 112 41.74 -46.89 -13.73
N LYS T 113 42.06 -47.64 -12.68
CA LYS T 113 43.11 -47.16 -11.78
C LYS T 113 44.45 -47.13 -12.49
N LEU T 114 44.68 -48.07 -13.41
CA LEU T 114 45.93 -48.04 -14.17
C LEU T 114 45.89 -46.95 -15.24
N LEU T 115 44.80 -46.86 -16.00
CA LEU T 115 44.74 -46.00 -17.19
C LEU T 115 43.63 -44.95 -17.12
N GLY T 116 43.44 -44.33 -15.96
CA GLY T 116 42.42 -43.29 -15.86
C GLY T 116 42.82 -42.02 -16.56
N ARG T 117 44.12 -41.79 -16.68
CA ARG T 117 44.69 -40.51 -17.06
C ARG T 117 44.99 -40.45 -18.56
N VAL T 118 44.66 -41.54 -19.29
CA VAL T 118 45.20 -41.82 -20.62
C VAL T 118 44.08 -41.78 -21.64
N THR T 119 44.34 -41.16 -22.78
CA THR T 119 43.34 -40.91 -23.79
C THR T 119 43.38 -41.99 -24.87
N ILE T 120 42.22 -42.55 -25.20
CA ILE T 120 42.07 -43.46 -26.33
C ILE T 120 41.70 -42.65 -27.55
N ALA T 121 42.40 -42.88 -28.66
CA ALA T 121 41.97 -42.34 -29.94
C ALA T 121 40.66 -43.00 -30.35
N GLN T 122 39.65 -42.16 -30.61
CA GLN T 122 38.38 -42.57 -31.20
C GLN T 122 37.63 -43.59 -30.36
N GLY T 123 37.87 -43.62 -29.05
CA GLY T 123 37.10 -44.47 -28.18
C GLY T 123 35.92 -43.73 -27.59
N GLY T 124 35.96 -42.41 -27.67
CA GLY T 124 34.89 -41.61 -27.09
C GLY T 124 34.93 -41.68 -25.58
N VAL T 125 33.74 -41.72 -24.98
CA VAL T 125 33.61 -41.79 -23.54
C VAL T 125 32.77 -43.01 -23.22
N LEU T 126 33.07 -43.63 -22.07
CA LEU T 126 32.25 -44.68 -21.52
C LEU T 126 30.84 -44.16 -21.29
N PRO T 127 29.81 -44.95 -21.58
CA PRO T 127 28.45 -44.53 -21.25
C PRO T 127 28.31 -44.32 -19.75
N ASN T 128 28.17 -43.05 -19.38
CA ASN T 128 28.31 -42.64 -17.99
C ASN T 128 27.45 -41.40 -17.81
N ILE T 129 26.29 -41.59 -17.25
CA ILE T 129 25.36 -40.50 -17.01
C ILE T 129 25.09 -40.46 -15.52
N GLN T 130 25.27 -39.29 -14.92
CA GLN T 130 24.99 -39.16 -13.50
C GLN T 130 23.49 -39.27 -13.28
N ALA T 131 23.12 -40.02 -12.25
CA ALA T 131 21.72 -40.34 -12.01
C ALA T 131 20.92 -39.10 -11.64
N VAL T 132 21.58 -38.07 -11.11
CA VAL T 132 20.87 -36.85 -10.74
C VAL T 132 20.43 -36.08 -11.99
N LEU T 133 21.24 -36.10 -13.03
CA LEU T 133 20.92 -35.31 -14.21
C LEU T 133 20.04 -36.09 -15.18
N LEU T 134 19.80 -37.36 -14.90
CA LEU T 134 18.68 -38.04 -15.55
C LEU T 134 17.36 -37.51 -15.01
N PRO T 135 16.33 -37.42 -15.83
CA PRO T 135 15.05 -36.91 -15.36
C PRO T 135 14.33 -37.91 -14.46
N LYS T 136 13.21 -37.46 -13.91
CA LYS T 136 12.42 -38.28 -12.99
C LYS T 136 11.26 -38.94 -13.71
N LYS U 31 62.70 -49.70 -51.75
CA LYS U 31 61.81 -50.13 -50.68
C LYS U 31 61.75 -49.09 -49.57
N ARG U 32 61.50 -49.58 -48.36
CA ARG U 32 61.49 -48.77 -47.15
C ARG U 32 62.27 -49.48 -46.07
N SER U 33 62.64 -48.74 -45.03
CA SER U 33 63.20 -49.36 -43.84
C SER U 33 62.11 -50.07 -43.06
N ARG U 34 62.45 -51.19 -42.44
CA ARG U 34 61.46 -51.97 -41.71
C ARG U 34 61.08 -51.23 -40.43
N LYS U 35 59.79 -50.90 -40.31
CA LYS U 35 59.28 -50.10 -39.19
C LYS U 35 58.57 -51.04 -38.22
N GLU U 36 59.11 -51.14 -37.01
CA GLU U 36 58.67 -52.15 -36.07
C GLU U 36 57.37 -51.77 -35.37
N SER U 37 56.54 -52.78 -35.12
CA SER U 37 55.36 -52.65 -34.28
C SER U 37 55.03 -54.04 -33.75
N TYR U 38 54.26 -54.08 -32.68
CA TYR U 38 53.97 -55.35 -32.03
C TYR U 38 52.78 -56.07 -32.63
N SER U 39 52.40 -55.73 -33.86
CA SER U 39 51.06 -56.03 -34.36
C SER U 39 50.84 -57.53 -34.54
N VAL U 40 51.88 -58.26 -34.93
CA VAL U 40 51.76 -59.70 -35.12
C VAL U 40 51.50 -60.40 -33.79
N TYR U 41 52.10 -59.92 -32.69
CA TYR U 41 51.90 -60.57 -31.41
C TYR U 41 50.54 -60.25 -30.84
N VAL U 42 50.04 -59.04 -31.11
CA VAL U 42 48.66 -58.72 -30.78
C VAL U 42 47.73 -59.64 -31.54
N TYR U 43 48.05 -59.90 -32.81
CA TYR U 43 47.24 -60.82 -33.62
C TYR U 43 47.32 -62.24 -33.06
N LYS U 44 48.50 -62.69 -32.65
CA LYS U 44 48.64 -64.05 -32.13
C LYS U 44 47.88 -64.22 -30.82
N VAL U 45 48.00 -63.25 -29.91
CA VAL U 45 47.27 -63.33 -28.65
C VAL U 45 45.77 -63.23 -28.91
N LEU U 46 45.39 -62.38 -29.86
CA LEU U 46 43.98 -62.18 -30.15
C LEU U 46 43.34 -63.46 -30.67
N LYS U 47 44.01 -64.13 -31.61
CA LYS U 47 43.55 -65.42 -32.09
C LYS U 47 43.65 -66.51 -31.03
N GLN U 48 44.61 -66.39 -30.10
CA GLN U 48 44.71 -67.37 -29.03
C GLN U 48 43.51 -67.31 -28.11
N VAL U 49 43.07 -66.11 -27.76
CA VAL U 49 42.00 -66.00 -26.79
C VAL U 49 40.65 -65.85 -27.48
N HIS U 50 40.66 -65.43 -28.74
CA HIS U 50 39.44 -65.26 -29.53
C HIS U 50 39.75 -65.57 -30.98
N PRO U 51 39.67 -66.83 -31.38
CA PRO U 51 39.91 -67.18 -32.79
C PRO U 51 38.90 -66.58 -33.75
N ASP U 52 37.71 -66.24 -33.26
CA ASP U 52 36.60 -65.86 -34.11
C ASP U 52 36.54 -64.37 -34.44
N THR U 53 37.36 -63.53 -33.83
CA THR U 53 37.13 -62.10 -33.92
C THR U 53 38.09 -61.44 -34.91
N GLY U 54 37.75 -60.21 -35.29
CA GLY U 54 38.59 -59.40 -36.14
C GLY U 54 39.20 -58.23 -35.38
N ILE U 55 40.04 -57.48 -36.08
CA ILE U 55 40.76 -56.38 -35.48
C ILE U 55 40.88 -55.28 -36.55
N SER U 56 40.87 -54.01 -36.12
CA SER U 56 41.07 -52.94 -37.08
C SER U 56 42.48 -52.36 -36.96
N SER U 57 42.81 -51.49 -37.91
CA SER U 57 44.10 -50.82 -37.88
C SER U 57 44.16 -49.80 -36.75
N LYS U 58 43.06 -49.09 -36.51
CA LYS U 58 43.04 -48.10 -35.45
C LYS U 58 43.17 -48.74 -34.08
N ALA U 59 42.46 -49.85 -33.85
CA ALA U 59 42.61 -50.58 -32.59
C ALA U 59 44.01 -51.20 -32.48
N MET U 60 44.61 -51.55 -33.62
CA MET U 60 45.96 -52.08 -33.63
C MET U 60 46.93 -51.01 -33.16
N GLY U 61 46.73 -49.78 -33.63
CA GLY U 61 47.55 -48.67 -33.16
C GLY U 61 47.33 -48.37 -31.69
N ILE U 62 46.08 -48.50 -31.23
CA ILE U 62 45.79 -48.27 -29.81
C ILE U 62 46.54 -49.29 -28.95
N MET U 63 46.51 -50.56 -29.34
CA MET U 63 47.22 -51.58 -28.58
C MET U 63 48.73 -51.41 -28.68
N ASN U 64 49.22 -50.95 -29.82
CA ASN U 64 50.65 -50.68 -29.93
C ASN U 64 51.07 -49.55 -29.00
N SER U 65 50.26 -48.49 -28.93
CA SER U 65 50.55 -47.40 -28.00
C SER U 65 50.42 -47.85 -26.55
N PHE U 66 49.46 -48.75 -26.28
CA PHE U 66 49.32 -49.32 -24.94
C PHE U 66 50.54 -50.12 -24.52
N VAL U 67 51.03 -50.97 -25.42
CA VAL U 67 52.20 -51.78 -25.11
C VAL U 67 53.40 -50.89 -24.87
N ASN U 68 53.57 -49.86 -25.70
CA ASN U 68 54.67 -48.93 -25.50
C ASN U 68 54.54 -48.18 -24.18
N ASP U 69 53.31 -47.79 -23.82
CA ASP U 69 53.09 -47.02 -22.61
C ASP U 69 53.36 -47.83 -21.36
N ILE U 70 52.83 -49.05 -21.29
CA ILE U 70 53.02 -49.86 -20.09
C ILE U 70 54.46 -50.30 -19.98
N PHE U 71 55.08 -50.63 -21.12
CA PHE U 71 56.51 -50.94 -21.12
C PHE U 71 57.33 -49.74 -20.66
N GLU U 72 56.89 -48.53 -21.03
CA GLU U 72 57.55 -47.31 -20.58
C GLU U 72 57.45 -47.14 -19.07
N ARG U 73 56.26 -47.34 -18.50
CA ARG U 73 56.09 -47.17 -17.06
C ARG U 73 56.92 -48.17 -16.28
N ILE U 74 56.92 -49.43 -16.73
CA ILE U 74 57.66 -50.46 -16.03
C ILE U 74 59.16 -50.25 -16.18
N ALA U 75 59.61 -49.79 -17.34
CA ALA U 75 61.02 -49.46 -17.51
C ALA U 75 61.41 -48.31 -16.58
N GLY U 76 60.53 -47.32 -16.41
CA GLY U 76 60.83 -46.22 -15.51
C GLY U 76 60.95 -46.65 -14.07
N GLU U 77 59.99 -47.44 -13.58
CA GLU U 77 60.07 -47.88 -12.19
C GLU U 77 61.22 -48.84 -11.98
N ALA U 78 61.50 -49.71 -12.96
CA ALA U 78 62.61 -50.65 -12.83
C ALA U 78 63.95 -49.92 -12.79
N SER U 79 64.09 -48.88 -13.62
CA SER U 79 65.28 -48.04 -13.56
C SER U 79 65.44 -47.40 -12.20
N ARG U 80 64.34 -46.87 -11.66
CA ARG U 80 64.41 -46.18 -10.38
C ARG U 80 64.77 -47.13 -9.25
N LEU U 81 64.15 -48.31 -9.20
CA LEU U 81 64.49 -49.30 -8.19
C LEU U 81 65.91 -49.81 -8.33
N ALA U 82 66.40 -49.93 -9.56
CA ALA U 82 67.80 -50.31 -9.73
C ALA U 82 68.71 -49.23 -9.18
N HIS U 83 68.38 -47.97 -9.41
CA HIS U 83 69.26 -46.91 -8.96
C HIS U 83 69.20 -46.72 -7.44
N TYR U 84 68.06 -47.00 -6.83
CA TYR U 84 67.90 -46.69 -5.41
C TYR U 84 68.69 -47.66 -4.56
N ASN U 85 68.85 -48.89 -5.03
CA ASN U 85 69.72 -49.87 -4.43
C ASN U 85 71.09 -49.93 -5.07
N LYS U 86 71.42 -48.93 -5.89
CA LYS U 86 72.71 -48.83 -6.60
C LYS U 86 72.94 -50.06 -7.48
N ARG U 87 71.87 -50.58 -8.06
CA ARG U 87 71.96 -51.82 -8.81
C ARG U 87 72.34 -51.52 -10.25
N SER U 88 73.40 -52.18 -10.71
CA SER U 88 73.84 -52.11 -12.10
C SER U 88 73.01 -53.02 -13.01
N THR U 89 72.09 -53.79 -12.45
CA THR U 89 71.19 -54.63 -13.22
C THR U 89 69.76 -54.45 -12.74
N ILE U 90 68.81 -54.63 -13.64
CA ILE U 90 67.40 -54.81 -13.29
C ILE U 90 67.08 -56.28 -13.43
N THR U 91 66.73 -56.93 -12.33
CA THR U 91 66.42 -58.35 -12.39
C THR U 91 64.91 -58.55 -12.33
N SER U 92 64.52 -59.83 -12.32
CA SER U 92 63.11 -60.17 -12.21
C SER U 92 62.55 -59.74 -10.86
N ARG U 93 63.40 -59.68 -9.83
CA ARG U 93 62.99 -59.12 -8.56
C ARG U 93 62.68 -57.64 -8.69
N GLU U 94 63.55 -56.90 -9.39
CA GLU U 94 63.30 -55.48 -9.64
C GLU U 94 62.03 -55.25 -10.42
N ILE U 95 61.84 -55.99 -11.50
CA ILE U 95 60.67 -55.72 -12.34
C ILE U 95 59.41 -56.22 -11.67
N GLN U 96 59.54 -57.27 -10.85
CA GLN U 96 58.41 -57.75 -10.05
C GLN U 96 57.99 -56.71 -9.03
N THR U 97 58.98 -56.10 -8.37
CA THR U 97 58.72 -54.99 -7.47
C THR U 97 58.07 -53.83 -8.20
N ALA U 98 58.56 -53.55 -9.41
CA ALA U 98 58.01 -52.46 -10.20
C ALA U 98 56.56 -52.73 -10.57
N VAL U 99 56.22 -54.00 -10.82
CA VAL U 99 54.83 -54.36 -11.06
C VAL U 99 54.00 -54.13 -9.80
N ARG U 100 54.52 -54.55 -8.64
CA ARG U 100 53.78 -54.36 -7.39
C ARG U 100 53.55 -52.88 -7.09
N LEU U 101 54.49 -52.03 -7.51
CA LEU U 101 54.26 -50.59 -7.44
C LEU U 101 53.22 -50.13 -8.45
N LEU U 102 53.39 -50.48 -9.72
CA LEU U 102 52.54 -49.92 -10.76
C LEU U 102 51.19 -50.62 -10.82
N LEU U 103 51.22 -51.92 -10.97
CA LEU U 103 49.97 -52.64 -11.24
C LEU U 103 49.14 -52.72 -9.96
N PRO U 104 47.88 -52.35 -10.03
CA PRO U 104 47.05 -52.30 -8.82
C PRO U 104 46.49 -53.67 -8.45
N GLY U 105 46.73 -54.05 -7.20
CA GLY U 105 46.05 -55.15 -6.56
C GLY U 105 46.07 -56.53 -7.18
N GLU U 106 44.89 -57.12 -7.33
CA GLU U 106 44.83 -58.52 -7.73
C GLU U 106 45.20 -58.69 -9.20
N LEU U 107 45.11 -57.61 -9.98
CA LEU U 107 45.77 -57.59 -11.27
C LEU U 107 47.28 -57.79 -11.11
N ALA U 108 47.85 -57.20 -10.07
CA ALA U 108 49.28 -57.41 -9.85
C ALA U 108 49.56 -58.82 -9.36
N LYS U 109 48.69 -59.39 -8.54
CA LYS U 109 48.90 -60.80 -8.15
C LYS U 109 48.76 -61.76 -9.32
N HIS U 110 47.80 -61.52 -10.21
CA HIS U 110 47.70 -62.34 -11.42
C HIS U 110 48.92 -62.15 -12.31
N ALA U 111 49.41 -60.91 -12.42
CA ALA U 111 50.61 -60.67 -13.21
C ALA U 111 51.81 -61.35 -12.59
N VAL U 112 51.88 -61.36 -11.26
CA VAL U 112 52.95 -62.05 -10.55
C VAL U 112 52.88 -63.55 -10.83
N SER U 113 51.68 -64.11 -10.79
CA SER U 113 51.52 -65.53 -11.06
C SER U 113 51.90 -65.87 -12.50
N GLU U 114 51.47 -65.03 -13.45
CA GLU U 114 51.78 -65.27 -14.85
C GLU U 114 53.26 -65.18 -15.11
N GLY U 115 53.90 -64.16 -14.57
CA GLY U 115 55.32 -63.99 -14.78
C GLY U 115 56.14 -65.04 -14.04
N THR U 116 55.67 -65.46 -12.88
CA THR U 116 56.34 -66.50 -12.13
C THR U 116 56.27 -67.82 -12.87
N LYS U 117 55.09 -68.14 -13.41
CA LYS U 117 54.95 -69.33 -14.24
C LYS U 117 55.81 -69.23 -15.48
N ALA U 118 55.88 -68.04 -16.07
CA ALA U 118 56.70 -67.84 -17.25
C ALA U 118 58.18 -68.01 -16.95
N VAL U 119 58.65 -67.48 -15.82
CA VAL U 119 60.07 -67.56 -15.54
C VAL U 119 60.44 -68.96 -15.07
N THR U 120 59.50 -69.67 -14.45
CA THR U 120 59.76 -71.07 -14.13
C THR U 120 59.82 -71.92 -15.39
N LYS U 121 58.96 -71.62 -16.36
CA LYS U 121 59.01 -72.32 -17.63
C LYS U 121 60.29 -71.99 -18.38
N TYR U 122 60.74 -70.74 -18.33
CA TYR U 122 61.96 -70.36 -19.01
C TYR U 122 63.16 -71.00 -18.34
N THR U 123 63.16 -71.05 -17.01
CA THR U 123 64.26 -71.70 -16.30
C THR U 123 64.18 -73.21 -16.43
N SER U 124 63.04 -73.75 -16.88
CA SER U 124 62.97 -75.17 -17.20
C SER U 124 63.62 -75.49 -18.55
N ALA U 125 64.02 -74.47 -19.29
CA ALA U 125 64.76 -74.57 -20.56
C ALA U 125 64.04 -75.42 -21.61
N LYS V 38 -0.82 -28.07 -34.69
CA LYS V 38 0.32 -27.66 -33.89
C LYS V 38 1.55 -28.49 -34.23
N PRO V 39 2.59 -27.84 -34.75
CA PRO V 39 3.84 -28.55 -35.02
C PRO V 39 4.47 -29.05 -33.72
N HIS V 40 4.98 -30.27 -33.78
CA HIS V 40 5.30 -30.96 -32.55
C HIS V 40 6.66 -30.52 -32.02
N ARG V 41 6.74 -30.33 -30.71
CA ARG V 41 7.88 -29.69 -30.06
C ARG V 41 8.20 -30.46 -28.79
N TYR V 42 9.47 -30.72 -28.54
CA TYR V 42 9.85 -31.56 -27.42
C TYR V 42 10.17 -30.66 -26.23
N ARG V 43 10.08 -31.19 -25.01
CA ARG V 43 10.34 -30.34 -23.85
C ARG V 43 11.86 -30.11 -23.72
N PRO V 44 12.27 -29.00 -23.11
CA PRO V 44 13.70 -28.64 -23.10
C PRO V 44 14.53 -29.60 -22.26
N GLY V 45 15.67 -30.00 -22.82
CA GLY V 45 16.60 -30.87 -22.14
C GLY V 45 16.46 -32.33 -22.51
N THR V 46 15.26 -32.74 -22.92
CA THR V 46 15.08 -34.10 -23.44
C THR V 46 15.87 -34.27 -24.73
N VAL V 47 15.77 -33.28 -25.62
CA VAL V 47 16.59 -33.26 -26.82
C VAL V 47 18.06 -33.13 -26.43
N ALA V 48 18.36 -32.36 -25.38
CA ALA V 48 19.73 -32.26 -24.89
C ALA V 48 20.22 -33.61 -24.39
N LEU V 49 19.36 -34.33 -23.67
CA LEU V 49 19.76 -35.64 -23.17
C LEU V 49 19.96 -36.62 -24.32
N ARG V 50 19.11 -36.52 -25.34
CA ARG V 50 19.29 -37.35 -26.52
C ARG V 50 20.59 -37.00 -27.24
N GLU V 51 20.94 -35.71 -27.27
CA GLU V 51 22.23 -35.29 -27.78
C GLU V 51 23.36 -35.92 -26.99
N ILE V 52 23.24 -35.89 -25.66
CA ILE V 52 24.27 -36.46 -24.79
C ILE V 52 24.45 -37.93 -25.10
N ARG V 53 23.34 -38.66 -25.23
CA ARG V 53 23.40 -40.08 -25.53
C ARG V 53 23.98 -40.34 -26.90
N ARG V 54 23.62 -39.51 -27.88
CA ARG V 54 24.05 -39.71 -29.25
C ARG V 54 25.56 -39.54 -29.39
N TYR V 55 26.12 -38.52 -28.73
CA TYR V 55 27.56 -38.35 -28.90
C TYR V 55 28.40 -39.11 -27.88
N GLN V 56 27.89 -39.48 -26.71
CA GLN V 56 28.59 -40.51 -25.94
C GLN V 56 28.60 -41.84 -26.68
N LYS V 57 27.51 -42.18 -27.36
CA LYS V 57 27.48 -43.36 -28.19
C LYS V 57 28.40 -43.19 -29.39
N SER V 58 28.51 -41.96 -29.89
CA SER V 58 29.38 -41.68 -31.02
C SER V 58 30.82 -41.81 -30.58
N THR V 59 31.69 -42.17 -31.52
CA THR V 59 33.12 -42.17 -31.26
C THR V 59 33.88 -41.24 -32.18
N GLU V 60 33.20 -40.55 -33.11
CA GLU V 60 33.87 -39.79 -34.16
C GLU V 60 34.52 -38.53 -33.59
N LEU V 61 35.26 -37.83 -34.44
CA LEU V 61 35.79 -36.53 -34.09
C LEU V 61 34.65 -35.52 -34.12
N LEU V 62 34.55 -34.70 -33.06
CA LEU V 62 33.43 -33.76 -32.96
C LEU V 62 33.74 -32.37 -33.48
N ILE V 63 35.00 -32.06 -33.71
CA ILE V 63 35.41 -30.77 -34.24
C ILE V 63 35.68 -30.92 -35.74
N ARG V 64 35.32 -29.88 -36.51
CA ARG V 64 35.58 -29.83 -37.94
C ARG V 64 37.08 -29.94 -38.24
N LYS V 65 37.42 -30.37 -39.45
CA LYS V 65 38.82 -30.40 -39.87
C LYS V 65 39.42 -29.01 -40.06
N LEU V 66 38.92 -28.25 -41.03
CA LEU V 66 39.59 -27.08 -41.57
C LEU V 66 39.75 -25.92 -40.58
N PRO V 67 38.72 -25.49 -39.80
CA PRO V 67 38.99 -24.43 -38.83
C PRO V 67 39.95 -24.83 -37.74
N PHE V 68 39.95 -26.11 -37.34
CA PHE V 68 40.95 -26.58 -36.41
C PHE V 68 42.34 -26.49 -37.01
N GLN V 69 42.45 -26.86 -38.29
CA GLN V 69 43.74 -26.78 -38.95
C GLN V 69 44.21 -25.33 -39.03
N ARG V 70 43.30 -24.42 -39.36
CA ARG V 70 43.64 -23.01 -39.43
C ARG V 70 44.07 -22.48 -38.07
N LEU V 71 43.39 -22.91 -37.00
CA LEU V 71 43.68 -22.39 -35.67
C LEU V 71 45.03 -22.89 -35.16
N VAL V 72 45.33 -24.15 -35.39
CA VAL V 72 46.64 -24.65 -34.97
C VAL V 72 47.75 -24.02 -35.81
N ARG V 73 47.48 -23.76 -37.09
CA ARG V 73 48.44 -23.00 -37.89
C ARG V 73 48.59 -21.58 -37.36
N GLU V 74 47.50 -20.96 -36.93
CA GLU V 74 47.53 -19.59 -36.42
C GLU V 74 48.36 -19.49 -35.16
N ILE V 75 48.11 -20.39 -34.21
CA ILE V 75 48.84 -20.38 -32.95
C ILE V 75 50.29 -20.76 -33.19
N ALA V 76 50.52 -21.61 -34.19
CA ALA V 76 51.88 -21.96 -34.57
C ALA V 76 52.64 -20.76 -35.12
N GLN V 77 51.97 -19.95 -35.94
CA GLN V 77 52.59 -18.74 -36.46
C GLN V 77 52.88 -17.71 -35.38
N ASP V 78 52.14 -17.76 -34.27
CA ASP V 78 52.47 -16.92 -33.12
C ASP V 78 53.72 -17.40 -32.39
N PHE V 79 54.24 -18.58 -32.74
CA PHE V 79 55.42 -19.14 -32.10
C PHE V 79 56.62 -19.18 -33.01
N LYS V 80 56.45 -19.64 -34.25
CA LYS V 80 57.53 -19.56 -35.22
C LYS V 80 56.91 -19.50 -36.60
N THR V 81 57.57 -18.79 -37.52
CA THR V 81 56.98 -18.45 -38.81
C THR V 81 57.11 -19.59 -39.82
N ASP V 82 56.13 -19.64 -40.72
CA ASP V 82 56.10 -20.52 -41.89
C ASP V 82 56.16 -21.99 -41.46
N LEU V 83 55.14 -22.44 -40.74
CA LEU V 83 55.11 -23.82 -40.27
C LEU V 83 54.20 -24.68 -41.14
N ARG V 84 54.54 -25.95 -41.23
CA ARG V 84 53.76 -26.93 -41.96
C ARG V 84 53.33 -28.03 -41.02
N PHE V 85 52.15 -28.58 -41.28
CA PHE V 85 51.56 -29.61 -40.42
C PHE V 85 51.30 -30.87 -41.22
N GLN V 86 51.70 -32.00 -40.66
CA GLN V 86 51.17 -33.27 -41.13
C GLN V 86 49.68 -33.31 -40.86
N SER V 87 48.95 -34.01 -41.73
CA SER V 87 47.54 -34.27 -41.46
C SER V 87 47.38 -35.08 -40.19
N SER V 88 48.33 -35.99 -39.94
CA SER V 88 48.31 -36.80 -38.73
C SER V 88 48.47 -35.97 -37.46
N ALA V 89 49.27 -34.91 -37.49
CA ALA V 89 49.43 -34.08 -36.31
C ALA V 89 48.16 -33.27 -36.04
N VAL V 90 47.50 -32.82 -37.11
CA VAL V 90 46.19 -32.20 -36.96
C VAL V 90 45.21 -33.19 -36.36
N MET V 91 45.27 -34.45 -36.78
CA MET V 91 44.45 -35.50 -36.15
C MET V 91 44.77 -35.69 -34.67
N ALA V 92 46.06 -35.70 -34.32
CA ALA V 92 46.43 -36.00 -32.94
C ALA V 92 46.06 -34.85 -32.02
N LEU V 93 46.34 -33.61 -32.43
CA LEU V 93 45.84 -32.47 -31.68
C LEU V 93 44.32 -32.41 -31.67
N GLN V 94 43.69 -32.88 -32.74
CA GLN V 94 42.23 -32.91 -32.77
C GLN V 94 41.67 -33.80 -31.67
N GLU V 95 42.13 -35.05 -31.59
CA GLU V 95 41.58 -35.95 -30.59
C GLU V 95 42.02 -35.53 -29.19
N ALA V 96 43.24 -35.00 -29.06
CA ALA V 96 43.69 -34.58 -27.74
C ALA V 96 42.93 -33.36 -27.25
N SER V 97 42.67 -32.41 -28.14
CA SER V 97 41.90 -31.23 -27.77
C SER V 97 40.49 -31.59 -27.37
N GLU V 98 39.85 -32.46 -28.16
CA GLU V 98 38.48 -32.80 -27.81
C GLU V 98 38.44 -33.62 -26.53
N ALA V 99 39.46 -34.46 -26.29
CA ALA V 99 39.45 -35.28 -25.09
C ALA V 99 39.79 -34.48 -23.85
N TYR V 100 40.70 -33.51 -23.98
CA TYR V 100 40.97 -32.60 -22.88
C TYR V 100 39.72 -31.83 -22.52
N LEU V 101 38.99 -31.38 -23.53
CA LEU V 101 37.75 -30.70 -23.24
C LEU V 101 36.74 -31.65 -22.60
N VAL V 102 36.73 -32.92 -23.03
CA VAL V 102 35.88 -33.91 -22.37
C VAL V 102 36.24 -34.05 -20.90
N GLY V 103 37.54 -34.10 -20.60
CA GLY V 103 37.96 -34.22 -19.22
C GLY V 103 37.57 -33.02 -18.37
N LEU V 104 37.76 -31.82 -18.92
CA LEU V 104 37.33 -30.62 -18.22
C LEU V 104 35.83 -30.58 -18.00
N PHE V 105 35.03 -31.00 -18.98
CA PHE V 105 33.59 -31.00 -18.71
C PHE V 105 33.14 -32.16 -17.83
N GLU V 106 33.89 -33.26 -17.73
CA GLU V 106 33.54 -34.24 -16.71
C GLU V 106 33.75 -33.67 -15.32
N ASP V 107 34.90 -33.04 -15.10
CA ASP V 107 35.16 -32.42 -13.80
C ASP V 107 34.20 -31.27 -13.55
N THR V 108 33.88 -30.52 -14.60
CA THR V 108 32.88 -29.45 -14.51
C THR V 108 31.51 -29.99 -14.17
N ASN V 109 31.16 -31.14 -14.74
CA ASN V 109 29.88 -31.76 -14.44
C ASN V 109 29.83 -32.15 -12.97
N LEU V 110 30.92 -32.71 -12.47
CA LEU V 110 31.03 -33.03 -11.06
C LEU V 110 30.86 -31.80 -10.19
N ALA V 111 31.56 -30.72 -10.54
CA ALA V 111 31.47 -29.49 -9.74
C ALA V 111 30.07 -28.88 -9.83
N ALA V 112 29.45 -28.95 -10.99
CA ALA V 112 28.19 -28.26 -11.20
C ALA V 112 27.05 -28.96 -10.48
N ILE V 113 27.03 -30.30 -10.53
CA ILE V 113 26.06 -30.99 -9.70
C ILE V 113 26.42 -30.82 -8.23
N HIS V 114 27.71 -30.69 -7.93
CA HIS V 114 28.12 -30.34 -6.58
C HIS V 114 27.68 -28.93 -6.23
N ALA V 115 27.61 -28.06 -7.22
CA ALA V 115 27.02 -26.75 -7.02
C ALA V 115 25.50 -26.78 -7.12
N LYS V 116 24.91 -27.98 -7.15
CA LYS V 116 23.46 -28.20 -7.18
C LYS V 116 22.79 -27.57 -8.38
N ARG V 117 23.51 -27.43 -9.49
CA ARG V 117 22.98 -26.79 -10.68
C ARG V 117 22.91 -27.78 -11.83
N VAL V 118 21.91 -27.58 -12.68
CA VAL V 118 21.91 -28.19 -13.99
C VAL V 118 22.46 -27.26 -15.06
N THR V 119 22.41 -25.95 -14.85
CA THR V 119 23.08 -25.00 -15.71
C THR V 119 24.48 -24.79 -15.14
N ILE V 120 25.49 -25.17 -15.89
CA ILE V 120 26.85 -25.05 -15.39
C ILE V 120 27.31 -23.61 -15.58
N MET V 121 28.08 -23.10 -14.63
CA MET V 121 28.58 -21.74 -14.69
C MET V 121 30.08 -21.76 -14.91
N PRO V 122 30.66 -20.67 -15.44
CA PRO V 122 32.11 -20.64 -15.69
C PRO V 122 32.95 -20.86 -14.45
N LYS V 123 32.45 -20.44 -13.29
CA LYS V 123 33.19 -20.63 -12.05
C LYS V 123 33.29 -22.10 -11.69
N ASP V 124 32.35 -22.94 -12.14
CA ASP V 124 32.51 -24.38 -11.94
C ASP V 124 33.70 -24.89 -12.74
N ILE V 125 33.84 -24.45 -13.99
CA ILE V 125 35.02 -24.75 -14.79
C ILE V 125 36.27 -24.24 -14.10
N GLN V 126 36.22 -23.00 -13.58
CA GLN V 126 37.41 -22.42 -13.00
C GLN V 126 37.81 -23.14 -11.71
N LEU V 127 36.83 -23.57 -10.92
CA LEU V 127 37.12 -24.37 -9.74
C LEU V 127 37.75 -25.69 -10.14
N ALA V 128 37.23 -26.31 -11.20
CA ALA V 128 37.77 -27.56 -11.70
C ALA V 128 39.21 -27.39 -12.17
N ARG V 129 39.48 -26.25 -12.81
CA ARG V 129 40.85 -25.90 -13.19
C ARG V 129 41.75 -25.78 -11.97
N ARG V 130 41.24 -25.16 -10.91
CA ARG V 130 42.04 -24.96 -9.70
C ARG V 130 42.35 -26.26 -8.99
N ILE V 131 41.35 -27.13 -8.83
CA ILE V 131 41.57 -28.41 -8.16
C ILE V 131 42.42 -29.34 -9.02
N ARG V 132 42.30 -29.26 -10.35
CA ARG V 132 43.05 -30.15 -11.21
C ARG V 132 44.56 -29.86 -11.18
N GLY V 133 44.96 -28.72 -10.63
CA GLY V 133 46.35 -28.32 -10.62
C GLY V 133 46.72 -27.29 -11.66
N GLU V 134 45.95 -26.20 -11.76
CA GLU V 134 46.19 -25.14 -12.75
C GLU V 134 46.01 -23.75 -12.15
N LYS W 21 47.61 -13.23 -45.67
CA LYS W 21 48.62 -14.17 -45.22
C LYS W 21 48.33 -14.64 -43.79
N VAL W 22 48.46 -13.72 -42.84
CA VAL W 22 48.29 -14.06 -41.44
C VAL W 22 46.81 -14.26 -41.13
N LEU W 23 46.56 -14.94 -40.01
CA LEU W 23 45.20 -15.18 -39.53
C LEU W 23 45.09 -14.62 -38.13
N ARG W 24 44.00 -13.95 -37.85
CA ARG W 24 43.82 -13.26 -36.57
C ARG W 24 42.71 -13.87 -35.73
N ASP W 25 41.76 -14.57 -36.35
CA ASP W 25 40.66 -15.18 -35.60
C ASP W 25 40.30 -16.50 -36.27
N ASN W 26 40.77 -17.60 -35.69
CA ASN W 26 40.29 -18.91 -36.03
C ASN W 26 39.72 -19.64 -34.84
N ILE W 27 39.89 -19.08 -33.64
CA ILE W 27 39.39 -19.73 -32.43
C ILE W 27 37.87 -19.79 -32.44
N GLN W 28 37.22 -18.80 -33.07
CA GLN W 28 35.77 -18.85 -33.21
C GLN W 28 35.32 -19.95 -34.17
N GLY W 29 36.22 -20.48 -34.99
CA GLY W 29 35.93 -21.66 -35.80
C GLY W 29 35.77 -22.93 -35.00
N ILE W 30 36.24 -22.95 -33.75
CA ILE W 30 35.85 -23.99 -32.80
C ILE W 30 34.48 -23.51 -32.31
N THR W 31 33.46 -23.89 -33.05
CA THR W 31 32.21 -23.15 -33.01
C THR W 31 31.43 -23.43 -31.75
N LYS W 32 30.56 -22.47 -31.43
CA LYS W 32 29.51 -22.60 -30.42
C LYS W 32 28.75 -23.92 -30.50
N PRO W 33 28.23 -24.39 -31.66
CA PRO W 33 27.69 -25.75 -31.67
C PRO W 33 28.73 -26.82 -31.39
N ALA W 34 29.97 -26.65 -31.86
CA ALA W 34 30.98 -27.69 -31.65
C ALA W 34 31.34 -27.82 -30.17
N ILE W 35 31.48 -26.68 -29.48
CA ILE W 35 31.67 -26.69 -28.04
C ILE W 35 30.47 -27.33 -27.35
N ARG W 36 29.27 -27.07 -27.87
CA ARG W 36 28.09 -27.70 -27.29
C ARG W 36 28.13 -29.20 -27.44
N ARG W 37 28.59 -29.69 -28.59
CA ARG W 37 28.67 -31.14 -28.78
C ARG W 37 29.72 -31.76 -27.86
N LEU W 38 30.83 -31.04 -27.63
CA LEU W 38 31.83 -31.54 -26.69
C LEU W 38 31.26 -31.65 -25.28
N ALA W 39 30.48 -30.67 -24.86
CA ALA W 39 29.89 -30.76 -23.52
C ALA W 39 28.77 -31.80 -23.48
N ARG W 40 28.09 -32.01 -24.61
CA ARG W 40 27.14 -33.11 -24.69
C ARG W 40 27.84 -34.45 -24.54
N ARG W 41 29.10 -34.56 -24.97
CA ARG W 41 29.84 -35.77 -24.66
C ARG W 41 30.11 -35.90 -23.17
N GLY W 42 30.41 -34.80 -22.50
CA GLY W 42 30.74 -34.87 -21.09
C GLY W 42 29.58 -35.05 -20.15
N GLY W 43 28.36 -35.20 -20.66
CA GLY W 43 27.22 -35.31 -19.79
C GLY W 43 26.70 -33.97 -19.31
N VAL W 44 27.20 -32.88 -19.85
CA VAL W 44 26.69 -31.57 -19.52
C VAL W 44 25.35 -31.41 -20.21
N LYS W 45 24.31 -31.18 -19.42
CA LYS W 45 22.98 -31.16 -19.99
C LYS W 45 22.53 -29.73 -20.29
N ARG W 46 23.02 -28.75 -19.54
CA ARG W 46 22.76 -27.34 -19.80
C ARG W 46 24.05 -26.55 -19.67
N ILE W 47 24.23 -25.60 -20.58
CA ILE W 47 25.46 -24.85 -20.73
C ILE W 47 25.11 -23.38 -20.65
N SER W 48 25.76 -22.64 -19.75
CA SER W 48 25.45 -21.22 -19.71
C SER W 48 25.93 -20.52 -20.97
N GLY W 49 25.36 -19.35 -21.24
CA GLY W 49 25.83 -18.56 -22.34
C GLY W 49 27.22 -18.00 -22.14
N LEU W 50 27.72 -18.02 -20.91
CA LEU W 50 29.03 -17.51 -20.56
C LEU W 50 30.16 -18.51 -20.81
N ILE W 51 29.82 -19.77 -21.07
CA ILE W 51 30.80 -20.86 -21.02
C ILE W 51 31.77 -20.79 -22.19
N TYR W 52 31.26 -20.47 -23.38
CA TYR W 52 31.91 -20.81 -24.64
C TYR W 52 33.21 -20.06 -24.84
N GLU W 53 33.23 -18.77 -24.48
CA GLU W 53 34.44 -17.97 -24.68
C GLU W 53 35.54 -18.40 -23.74
N GLU W 54 35.20 -18.75 -22.50
CA GLU W 54 36.23 -19.21 -21.57
C GLU W 54 36.73 -20.60 -21.96
N THR W 55 35.85 -21.45 -22.49
CA THR W 55 36.32 -22.74 -22.98
C THR W 55 37.23 -22.60 -24.18
N ARG W 56 36.91 -21.67 -25.08
CA ARG W 56 37.83 -21.34 -26.16
C ARG W 56 39.14 -20.82 -25.61
N GLY W 57 39.08 -20.02 -24.55
CA GLY W 57 40.29 -19.49 -23.94
C GLY W 57 41.16 -20.57 -23.33
N VAL W 58 40.54 -21.49 -22.59
CA VAL W 58 41.32 -22.54 -21.92
C VAL W 58 41.80 -23.57 -22.92
N LEU W 59 41.05 -23.75 -24.00
CA LEU W 59 41.56 -24.55 -25.11
C LEU W 59 42.74 -23.85 -25.76
N LYS W 60 42.67 -22.53 -25.86
CA LYS W 60 43.78 -21.77 -26.42
C LYS W 60 45.00 -21.88 -25.51
N VAL W 61 44.79 -21.88 -24.19
CA VAL W 61 45.88 -22.07 -23.24
C VAL W 61 46.48 -23.46 -23.37
N PHE W 62 45.62 -24.49 -23.44
CA PHE W 62 46.13 -25.85 -23.54
C PHE W 62 46.83 -26.10 -24.88
N LEU W 63 46.24 -25.65 -25.98
CA LEU W 63 46.89 -25.79 -27.26
C LEU W 63 48.15 -24.94 -27.31
N GLU W 64 48.15 -23.82 -26.61
CA GLU W 64 49.34 -23.00 -26.51
C GLU W 64 50.45 -23.76 -25.80
N ASN W 65 50.09 -24.45 -24.71
CA ASN W 65 51.04 -25.26 -23.96
C ASN W 65 51.56 -26.42 -24.81
N VAL W 66 50.66 -27.12 -25.49
CA VAL W 66 51.04 -28.31 -26.24
C VAL W 66 51.82 -27.92 -27.49
N ILE W 67 51.37 -26.89 -28.19
CA ILE W 67 52.01 -26.57 -29.45
C ILE W 67 53.29 -25.80 -29.20
N ARG W 68 53.44 -25.16 -28.03
CA ARG W 68 54.74 -24.62 -27.65
C ARG W 68 55.74 -25.75 -27.46
N ASP W 69 55.28 -26.80 -26.80
CA ASP W 69 56.08 -28.00 -26.65
C ASP W 69 56.38 -28.60 -28.01
N ALA W 70 55.39 -28.58 -28.90
CA ALA W 70 55.53 -29.21 -30.20
C ALA W 70 56.52 -28.47 -31.09
N VAL W 71 56.44 -27.14 -31.13
CA VAL W 71 57.42 -26.40 -31.91
C VAL W 71 58.77 -26.50 -31.26
N THR W 72 58.81 -26.63 -29.94
CA THR W 72 60.07 -26.78 -29.23
C THR W 72 60.74 -28.11 -29.60
N TYR W 73 59.96 -29.18 -29.64
CA TYR W 73 60.44 -30.48 -30.09
C TYR W 73 60.90 -30.43 -31.53
N THR W 74 60.06 -29.86 -32.39
CA THR W 74 60.32 -29.86 -33.84
C THR W 74 61.52 -29.01 -34.17
N GLU W 75 61.67 -27.88 -33.48
CA GLU W 75 62.86 -27.06 -33.66
C GLU W 75 64.08 -27.80 -33.14
N HIS W 76 63.90 -28.58 -32.07
CA HIS W 76 65.00 -29.46 -31.69
C HIS W 76 65.18 -30.57 -32.70
N ALA W 77 64.11 -30.97 -33.38
CA ALA W 77 64.28 -31.90 -34.48
C ALA W 77 64.80 -31.23 -35.74
N LYS W 78 64.98 -29.90 -35.71
CA LYS W 78 65.40 -29.08 -36.84
C LYS W 78 64.48 -29.25 -38.04
N ARG W 79 63.22 -29.56 -37.79
CA ARG W 79 62.24 -29.69 -38.84
C ARG W 79 61.35 -28.46 -38.85
N LYS W 80 60.68 -28.24 -39.97
CA LYS W 80 59.74 -27.15 -40.09
C LYS W 80 58.39 -27.69 -40.60
N THR W 81 58.27 -29.01 -40.69
CA THR W 81 56.98 -29.67 -40.75
C THR W 81 56.75 -30.39 -39.43
N VAL W 82 55.70 -30.01 -38.72
CA VAL W 82 55.38 -30.65 -37.46
C VAL W 82 54.84 -32.04 -37.73
N THR W 83 55.37 -33.03 -36.99
CA THR W 83 54.92 -34.40 -37.09
C THR W 83 54.02 -34.75 -35.91
N ALA W 84 53.25 -35.82 -36.09
CA ALA W 84 52.31 -36.24 -35.05
C ALA W 84 53.03 -36.88 -33.88
N MET W 85 54.18 -37.51 -34.15
CA MET W 85 54.95 -38.13 -33.08
C MET W 85 55.52 -37.07 -32.12
N ASP W 86 55.82 -35.88 -32.65
CA ASP W 86 56.12 -34.72 -31.80
C ASP W 86 54.96 -34.40 -30.87
N VAL W 87 53.74 -34.41 -31.40
CA VAL W 87 52.54 -34.17 -30.62
C VAL W 87 52.37 -35.20 -29.51
N VAL W 88 52.58 -36.47 -29.85
CA VAL W 88 52.45 -37.56 -28.88
C VAL W 88 53.42 -37.37 -27.73
N TYR W 89 54.68 -37.04 -28.04
CA TYR W 89 55.65 -36.78 -26.99
C TYR W 89 55.29 -35.56 -26.15
N ALA W 90 54.81 -34.50 -26.81
CA ALA W 90 54.45 -33.28 -26.10
C ALA W 90 53.31 -33.54 -25.13
N LEU W 91 52.36 -34.36 -25.54
CA LEU W 91 51.25 -34.70 -24.67
C LEU W 91 51.69 -35.62 -23.55
N LYS W 92 52.66 -36.49 -23.84
CA LYS W 92 53.16 -37.38 -22.80
C LYS W 92 53.88 -36.59 -21.72
N ARG W 93 54.55 -35.49 -22.10
CA ARG W 93 55.26 -34.68 -21.11
C ARG W 93 54.29 -34.02 -20.14
N GLN W 94 53.22 -33.43 -20.68
CA GLN W 94 52.31 -32.62 -19.89
C GLN W 94 51.25 -33.46 -19.19
N GLY W 95 51.20 -34.75 -19.50
CA GLY W 95 50.34 -35.66 -18.78
C GLY W 95 49.09 -36.09 -19.51
N ARG W 96 49.10 -36.05 -20.83
CA ARG W 96 47.97 -36.46 -21.66
C ARG W 96 48.41 -37.51 -22.65
N THR W 97 49.06 -38.56 -22.14
CA THR W 97 49.57 -39.68 -22.95
C THR W 97 48.48 -40.25 -23.84
N LEU W 98 48.68 -40.11 -25.14
CA LEU W 98 47.61 -40.30 -26.11
C LEU W 98 47.88 -41.56 -26.89
N TYR W 99 46.91 -42.45 -26.91
CA TYR W 99 47.01 -43.69 -27.65
C TYR W 99 46.50 -43.44 -29.05
N GLY W 100 47.01 -44.19 -30.01
CA GLY W 100 46.55 -44.09 -31.38
C GLY W 100 47.52 -43.48 -32.35
N PHE W 101 48.63 -42.89 -31.90
CA PHE W 101 49.63 -42.38 -32.83
C PHE W 101 51.06 -42.61 -32.38
N GLY W 102 51.27 -43.40 -31.33
CA GLY W 102 52.62 -43.70 -30.92
C GLY W 102 53.35 -44.54 -31.95
N GLY W 103 54.47 -44.03 -32.40
CA GLY W 103 55.21 -44.66 -33.48
C GLY W 103 54.79 -44.18 -34.85
N ALA X 28 105.83 -30.13 -15.79
CA ALA X 28 105.42 -31.48 -16.16
C ALA X 28 103.94 -31.52 -16.50
N ARG X 29 103.16 -30.68 -15.82
CA ARG X 29 101.71 -30.68 -16.01
C ARG X 29 101.16 -29.30 -15.67
N ALA X 30 100.19 -28.87 -16.46
CA ALA X 30 99.52 -27.60 -16.23
C ALA X 30 98.71 -27.63 -14.95
N LYS X 31 98.58 -26.46 -14.32
CA LYS X 31 98.00 -26.35 -12.98
C LYS X 31 96.52 -26.67 -13.01
N ALA X 32 96.06 -27.36 -11.97
CA ALA X 32 94.70 -27.88 -11.92
C ALA X 32 93.68 -26.76 -11.76
N LYS X 33 92.61 -26.83 -12.57
CA LYS X 33 91.68 -25.73 -12.74
C LYS X 33 90.30 -26.31 -12.92
N THR X 34 89.38 -26.02 -12.00
CA THR X 34 88.07 -26.64 -12.08
C THR X 34 87.24 -25.99 -13.19
N ARG X 35 86.35 -26.80 -13.77
CA ARG X 35 85.55 -26.36 -14.92
C ARG X 35 84.55 -25.28 -14.53
N SER X 36 84.10 -25.28 -13.28
CA SER X 36 83.22 -24.20 -12.83
C SER X 36 83.93 -22.87 -12.84
N SER X 37 85.17 -22.83 -12.38
CA SER X 37 85.93 -21.58 -12.38
C SER X 37 86.27 -21.15 -13.80
N ARG X 38 86.45 -22.11 -14.70
CA ARG X 38 86.55 -21.79 -16.11
C ARG X 38 85.26 -21.15 -16.62
N ALA X 39 84.12 -21.65 -16.16
CA ALA X 39 82.85 -21.07 -16.54
C ALA X 39 82.43 -19.91 -15.65
N GLY X 40 83.08 -19.72 -14.52
CA GLY X 40 82.61 -18.72 -13.58
C GLY X 40 81.30 -19.06 -12.90
N LEU X 41 81.09 -20.31 -12.53
CA LEU X 41 79.89 -20.75 -11.84
C LEU X 41 80.34 -21.39 -10.53
N GLN X 42 79.44 -21.45 -9.56
CA GLN X 42 79.86 -22.13 -8.35
C GLN X 42 79.23 -23.52 -8.12
N PHE X 43 78.21 -23.93 -8.88
CA PHE X 43 77.89 -25.37 -8.87
C PHE X 43 78.95 -26.14 -9.64
N PRO X 44 79.43 -27.23 -9.08
CA PRO X 44 80.61 -27.90 -9.63
C PRO X 44 80.29 -28.70 -10.88
N VAL X 45 80.90 -28.30 -11.99
CA VAL X 45 80.58 -28.83 -13.31
C VAL X 45 80.94 -30.30 -13.41
N GLY X 46 82.07 -30.69 -12.82
CA GLY X 46 82.42 -32.10 -12.79
C GLY X 46 81.44 -32.93 -11.98
N ARG X 47 80.88 -32.35 -10.92
CA ARG X 47 79.91 -33.07 -10.12
C ARG X 47 78.63 -33.34 -10.90
N VAL X 48 78.08 -32.33 -11.56
CA VAL X 48 76.84 -32.51 -12.31
C VAL X 48 77.09 -33.39 -13.53
N HIS X 49 78.26 -33.25 -14.16
CA HIS X 49 78.65 -34.14 -15.25
C HIS X 49 78.74 -35.59 -14.79
N ARG X 50 79.37 -35.82 -13.63
CA ARG X 50 79.48 -37.17 -13.10
C ARG X 50 78.11 -37.74 -12.76
N LEU X 51 77.25 -36.90 -12.18
CA LEU X 51 75.93 -37.35 -11.75
C LEU X 51 75.03 -37.61 -12.95
N LEU X 52 75.25 -36.88 -14.05
CA LEU X 52 74.55 -37.18 -15.29
C LEU X 52 75.06 -38.46 -15.93
N ARG X 53 76.38 -38.67 -15.91
CA ARG X 53 76.95 -39.88 -16.50
C ARG X 53 76.46 -41.12 -15.77
N LYS X 54 76.41 -41.08 -14.45
CA LYS X 54 75.93 -42.19 -13.66
C LYS X 54 74.51 -42.00 -13.15
N GLY X 55 73.80 -40.99 -13.62
CA GLY X 55 72.36 -41.10 -13.57
C GLY X 55 71.81 -41.86 -14.74
N ASN X 56 72.64 -41.99 -15.79
CA ASN X 56 72.40 -42.80 -16.98
C ASN X 56 71.11 -42.37 -17.68
N TYR X 57 71.13 -41.18 -18.27
CA TYR X 57 70.06 -40.62 -19.09
C TYR X 57 70.34 -40.76 -20.57
N SER X 58 71.61 -40.92 -20.93
CA SER X 58 72.03 -41.41 -22.23
C SER X 58 73.41 -41.96 -22.05
N GLU X 59 73.95 -42.57 -23.10
CA GLU X 59 75.32 -43.04 -23.01
C GLU X 59 76.33 -41.93 -23.31
N ARG X 60 75.89 -40.84 -23.93
CA ARG X 60 76.80 -39.74 -24.23
C ARG X 60 76.19 -38.43 -23.76
N VAL X 61 77.07 -37.51 -23.34
CA VAL X 61 76.67 -36.19 -22.87
C VAL X 61 77.56 -35.16 -23.55
N GLY X 62 76.94 -34.15 -24.17
CA GLY X 62 77.71 -33.08 -24.75
C GLY X 62 78.36 -32.22 -23.69
N ALA X 63 79.49 -31.60 -24.06
CA ALA X 63 80.32 -30.92 -23.07
C ALA X 63 79.63 -29.67 -22.52
N GLY X 64 78.82 -29.02 -23.35
CA GLY X 64 78.07 -27.89 -22.85
C GLY X 64 76.88 -28.25 -22.01
N ALA X 65 76.46 -29.51 -22.05
CA ALA X 65 75.27 -29.92 -21.32
C ALA X 65 75.41 -29.78 -19.80
N PRO X 66 76.45 -30.30 -19.13
CA PRO X 66 76.45 -30.18 -17.66
C PRO X 66 76.73 -28.78 -17.18
N VAL X 67 77.58 -28.02 -17.89
CA VAL X 67 77.82 -26.63 -17.49
C VAL X 67 76.56 -25.80 -17.69
N TYR X 68 75.79 -26.11 -18.74
CA TYR X 68 74.52 -25.44 -18.95
C TYR X 68 73.55 -25.75 -17.83
N LEU X 69 73.51 -27.02 -17.43
CA LEU X 69 72.63 -27.43 -16.34
C LEU X 69 73.03 -26.79 -15.01
N ALA X 70 74.34 -26.70 -14.76
CA ALA X 70 74.81 -26.06 -13.54
C ALA X 70 74.47 -24.58 -13.54
N ALA X 71 74.55 -23.94 -14.70
CA ALA X 71 74.15 -22.54 -14.80
C ALA X 71 72.66 -22.37 -14.53
N VAL X 72 71.84 -23.28 -15.05
CA VAL X 72 70.40 -23.21 -14.83
C VAL X 72 70.10 -23.36 -13.35
N LEU X 73 70.71 -24.39 -12.72
CA LEU X 73 70.51 -24.62 -11.29
C LEU X 73 71.03 -23.47 -10.44
N GLU X 74 72.14 -22.83 -10.85
CA GLU X 74 72.63 -21.67 -10.11
C GLU X 74 71.66 -20.51 -10.18
N TYR X 75 71.09 -20.26 -11.36
CA TYR X 75 70.13 -19.17 -11.45
C TYR X 75 68.88 -19.49 -10.62
N LEU X 76 68.48 -20.77 -10.62
CA LEU X 76 67.35 -21.19 -9.79
C LEU X 76 67.63 -20.96 -8.30
N THR X 77 68.76 -21.49 -7.82
CA THR X 77 69.05 -21.40 -6.39
C THR X 77 69.33 -19.97 -5.97
N ALA X 78 69.91 -19.17 -6.86
CA ALA X 78 70.15 -17.76 -6.57
C ALA X 78 68.83 -17.01 -6.45
N GLU X 79 67.86 -17.30 -7.33
CA GLU X 79 66.55 -16.68 -7.23
C GLU X 79 65.86 -17.06 -5.92
N ILE X 80 65.90 -18.35 -5.58
CA ILE X 80 65.17 -18.79 -4.40
C ILE X 80 65.87 -18.35 -3.12
N LEU X 81 67.20 -18.26 -3.12
CA LEU X 81 67.88 -17.79 -1.93
C LEU X 81 67.74 -16.28 -1.77
N GLU X 82 67.65 -15.55 -2.88
CA GLU X 82 67.29 -14.14 -2.82
C GLU X 82 65.93 -13.94 -2.17
N LEU X 83 64.93 -14.70 -2.62
CA LEU X 83 63.60 -14.56 -2.05
C LEU X 83 63.56 -14.98 -0.58
N ALA X 84 64.28 -16.05 -0.23
CA ALA X 84 64.32 -16.50 1.15
C ALA X 84 65.01 -15.49 2.06
N GLY X 85 66.11 -14.91 1.60
CA GLY X 85 66.79 -13.91 2.40
C GLY X 85 65.97 -12.65 2.57
N ASN X 86 65.25 -12.25 1.52
CA ASN X 86 64.39 -11.09 1.63
C ASN X 86 63.24 -11.34 2.61
N ALA X 87 62.67 -12.54 2.57
CA ALA X 87 61.59 -12.87 3.51
C ALA X 87 62.10 -12.93 4.94
N ALA X 88 63.30 -13.48 5.14
CA ALA X 88 63.88 -13.54 6.47
C ALA X 88 64.21 -12.16 6.99
N ARG X 89 64.64 -11.26 6.10
CA ARG X 89 64.78 -9.86 6.49
C ARG X 89 63.43 -9.28 6.87
N ASP X 90 62.38 -9.66 6.14
CA ASP X 90 61.04 -9.19 6.47
C ASP X 90 60.50 -9.86 7.73
N ASN X 91 61.02 -11.04 8.07
CA ASN X 91 60.70 -11.64 9.36
C ASN X 91 61.73 -11.21 10.40
N LYS X 92 62.65 -10.31 10.01
CA LYS X 92 63.70 -9.76 10.86
C LYS X 92 64.57 -10.86 11.48
N LYS X 93 64.70 -11.97 10.79
CA LYS X 93 65.53 -13.08 11.23
C LYS X 93 66.77 -13.16 10.35
N THR X 94 67.91 -13.35 10.98
CA THR X 94 69.17 -13.42 10.26
C THR X 94 69.30 -14.71 9.48
N ARG X 95 68.73 -15.81 9.98
CA ARG X 95 68.95 -17.13 9.42
C ARG X 95 67.68 -17.71 8.83
N ILE X 96 67.78 -18.21 7.61
CA ILE X 96 66.59 -18.66 6.88
C ILE X 96 66.17 -20.03 7.39
N ILE X 97 64.86 -20.25 7.42
CA ILE X 97 64.20 -21.38 8.05
C ILE X 97 63.32 -21.96 6.93
N PRO X 98 62.89 -23.22 6.97
CA PRO X 98 61.99 -23.70 5.91
C PRO X 98 60.66 -22.97 5.81
N ARG X 99 60.22 -22.29 6.86
CA ARG X 99 59.10 -21.38 6.70
C ARG X 99 59.43 -20.30 5.68
N HIS X 100 60.66 -19.80 5.69
CA HIS X 100 61.06 -18.80 4.72
C HIS X 100 61.06 -19.35 3.31
N LEU X 101 61.49 -20.61 3.14
CA LEU X 101 61.44 -21.22 1.81
C LEU X 101 60.01 -21.41 1.33
N GLN X 102 59.12 -21.81 2.23
CA GLN X 102 57.71 -21.93 1.88
C GLN X 102 57.13 -20.58 1.45
N LEU X 103 57.45 -19.53 2.21
CA LEU X 103 56.92 -18.21 1.90
C LEU X 103 57.50 -17.69 0.59
N ALA X 104 58.76 -18.01 0.33
CA ALA X 104 59.40 -17.60 -0.91
C ALA X 104 58.83 -18.34 -2.11
N ILE X 105 58.65 -19.65 -1.99
CA ILE X 105 58.20 -20.45 -3.12
C ILE X 105 56.75 -20.13 -3.45
N ARG X 106 55.90 -20.05 -2.43
CA ARG X 106 54.47 -19.83 -2.68
C ARG X 106 54.18 -18.43 -3.21
N ASN X 107 55.02 -17.45 -2.92
CA ASN X 107 54.76 -16.10 -3.40
C ASN X 107 55.30 -15.84 -4.79
N ASP X 108 55.88 -16.83 -5.47
CA ASP X 108 56.37 -16.65 -6.83
C ASP X 108 55.63 -17.62 -7.73
N GLU X 109 55.03 -17.11 -8.81
CA GLU X 109 54.05 -17.89 -9.57
C GLU X 109 54.72 -18.95 -10.44
N GLU X 110 55.84 -18.61 -11.08
CA GLU X 110 56.51 -19.59 -11.92
C GLU X 110 57.24 -20.62 -11.09
N LEU X 111 57.59 -20.28 -9.85
CA LEU X 111 58.12 -21.29 -8.94
C LEU X 111 57.03 -22.26 -8.52
N ASN X 112 55.81 -21.75 -8.33
CA ASN X 112 54.66 -22.62 -8.08
C ASN X 112 54.37 -23.50 -9.28
N LYS X 113 54.53 -22.96 -10.48
CA LYS X 113 54.40 -23.77 -11.69
C LYS X 113 55.49 -24.83 -11.75
N LEU X 114 56.69 -24.49 -11.27
CA LEU X 114 57.78 -25.45 -11.18
C LEU X 114 57.50 -26.49 -10.10
N LEU X 115 56.95 -26.05 -8.96
CA LEU X 115 56.82 -26.86 -7.75
C LEU X 115 55.39 -27.01 -7.27
N GLY X 116 54.45 -27.33 -8.18
CA GLY X 116 53.09 -27.54 -7.76
C GLY X 116 52.91 -28.76 -6.87
N ARG X 117 53.71 -29.80 -7.12
CA ARG X 117 53.55 -31.08 -6.46
C ARG X 117 54.66 -31.37 -5.46
N VAL X 118 55.20 -30.34 -4.81
CA VAL X 118 56.35 -30.48 -3.93
C VAL X 118 55.94 -30.18 -2.49
N THR X 119 56.33 -31.08 -1.58
CA THR X 119 56.13 -30.91 -0.14
C THR X 119 57.39 -30.35 0.50
N ILE X 120 57.22 -29.37 1.38
CA ILE X 120 58.33 -28.74 2.10
C ILE X 120 58.21 -29.12 3.57
N ALA X 121 59.32 -29.59 4.14
CA ALA X 121 59.32 -30.03 5.54
C ALA X 121 59.21 -28.85 6.49
N GLN X 122 58.13 -28.83 7.28
CA GLN X 122 57.82 -27.80 8.28
C GLN X 122 57.71 -26.40 7.67
N GLY X 123 57.44 -26.33 6.37
CA GLY X 123 57.25 -25.04 5.74
C GLY X 123 55.86 -24.55 6.00
N GLY X 124 54.96 -25.48 6.30
CA GLY X 124 53.58 -25.10 6.49
C GLY X 124 52.95 -24.70 5.17
N VAL X 125 52.03 -23.76 5.25
CA VAL X 125 51.40 -23.19 4.06
C VAL X 125 51.48 -21.68 4.15
N LEU X 126 51.45 -21.04 2.98
CA LEU X 126 51.45 -19.60 2.86
C LEU X 126 50.21 -19.04 3.55
N PRO X 127 50.27 -17.87 4.18
CA PRO X 127 49.06 -17.30 4.78
C PRO X 127 48.01 -17.03 3.74
N ASN X 128 46.98 -17.85 3.74
CA ASN X 128 45.98 -17.87 2.67
C ASN X 128 44.64 -18.08 3.35
N ILE X 129 43.96 -17.00 3.67
CA ILE X 129 42.58 -17.08 4.09
C ILE X 129 41.72 -16.62 2.93
N GLN X 130 40.67 -17.37 2.64
CA GLN X 130 39.79 -17.00 1.55
C GLN X 130 38.96 -15.79 1.97
N ALA X 131 38.49 -15.05 0.96
CA ALA X 131 37.84 -13.77 1.21
C ALA X 131 36.55 -13.94 1.99
N VAL X 132 35.88 -15.08 1.85
CA VAL X 132 34.61 -15.29 2.54
C VAL X 132 34.83 -15.55 4.02
N LEU X 133 35.98 -16.13 4.38
CA LEU X 133 36.20 -16.59 5.75
C LEU X 133 36.39 -15.43 6.73
N LEU X 134 36.89 -14.31 6.25
CA LEU X 134 37.01 -13.12 7.10
C LEU X 134 35.62 -12.60 7.47
N PRO X 135 35.47 -11.97 8.64
CA PRO X 135 34.15 -11.49 9.03
C PRO X 135 33.70 -10.30 8.20
N LYS X 136 32.42 -9.96 8.37
CA LYS X 136 31.72 -8.91 7.62
C LYS X 136 31.79 -9.19 6.12
N LYS Y 31 84.41 -45.41 12.42
CA LYS Y 31 84.56 -45.24 10.98
C LYS Y 31 83.23 -44.90 10.31
N ARG Y 32 83.18 -43.75 9.65
CA ARG Y 32 81.98 -43.26 8.98
C ARG Y 32 82.29 -42.99 7.52
N SER Y 33 81.30 -43.23 6.67
CA SER Y 33 81.40 -42.97 5.24
C SER Y 33 80.72 -41.64 4.91
N ARG Y 34 81.39 -40.83 4.09
CA ARG Y 34 80.88 -39.51 3.75
C ARG Y 34 79.67 -39.61 2.84
N LYS Y 35 78.67 -38.79 3.10
CA LYS Y 35 77.46 -38.72 2.29
C LYS Y 35 77.43 -37.39 1.58
N GLU Y 36 77.58 -37.41 0.25
CA GLU Y 36 77.70 -36.17 -0.49
C GLU Y 36 76.36 -35.47 -0.63
N SER Y 37 76.42 -34.14 -0.62
CA SER Y 37 75.25 -33.30 -0.81
C SER Y 37 75.74 -32.00 -1.44
N TYR Y 38 74.95 -30.95 -1.28
CA TYR Y 38 75.23 -29.64 -1.83
C TYR Y 38 75.51 -28.58 -0.78
N SER Y 39 76.38 -28.86 0.19
CA SER Y 39 76.54 -27.93 1.32
C SER Y 39 77.22 -26.63 0.90
N VAL Y 40 78.51 -26.69 0.60
CA VAL Y 40 79.29 -25.45 0.50
C VAL Y 40 78.90 -24.67 -0.74
N TYR Y 41 78.31 -25.33 -1.74
CA TYR Y 41 77.89 -24.60 -2.94
C TYR Y 41 76.66 -23.74 -2.68
N VAL Y 42 75.69 -24.27 -1.95
CA VAL Y 42 74.54 -23.46 -1.54
C VAL Y 42 74.98 -22.38 -0.58
N TYR Y 43 75.95 -22.66 0.29
CA TYR Y 43 76.44 -21.61 1.17
C TYR Y 43 77.19 -20.52 0.41
N LYS Y 44 77.94 -20.91 -0.63
CA LYS Y 44 78.63 -19.93 -1.46
C LYS Y 44 77.65 -19.02 -2.18
N VAL Y 45 76.64 -19.61 -2.83
CA VAL Y 45 75.66 -18.79 -3.55
C VAL Y 45 74.84 -17.98 -2.57
N LEU Y 46 74.61 -18.51 -1.37
CA LEU Y 46 73.92 -17.75 -0.32
C LEU Y 46 74.73 -16.53 0.08
N LYS Y 47 76.04 -16.69 0.23
CA LYS Y 47 76.84 -15.57 0.70
C LYS Y 47 77.03 -14.52 -0.37
N GLN Y 48 77.14 -14.92 -1.65
CA GLN Y 48 77.19 -13.89 -2.67
C GLN Y 48 75.82 -13.29 -2.94
N VAL Y 49 74.72 -13.98 -2.60
CA VAL Y 49 73.44 -13.36 -2.85
C VAL Y 49 73.02 -12.54 -1.64
N HIS Y 50 73.46 -12.93 -0.45
CA HIS Y 50 73.16 -12.23 0.80
C HIS Y 50 74.31 -12.52 1.75
N PRO Y 51 75.23 -11.58 1.93
CA PRO Y 51 76.34 -11.83 2.86
C PRO Y 51 76.04 -11.77 4.36
N ASP Y 52 74.95 -11.17 4.81
CA ASP Y 52 74.61 -11.07 6.22
C ASP Y 52 73.47 -12.00 6.61
N THR Y 53 73.07 -12.91 5.73
CA THR Y 53 71.98 -13.82 6.03
C THR Y 53 72.52 -15.21 6.34
N GLY Y 54 72.12 -15.74 7.49
CA GLY Y 54 72.47 -17.07 7.89
C GLY Y 54 71.49 -18.09 7.35
N ILE Y 55 71.49 -19.27 7.97
CA ILE Y 55 70.69 -20.37 7.44
C ILE Y 55 70.41 -21.35 8.58
N SER Y 56 69.25 -21.99 8.53
CA SER Y 56 68.99 -23.16 9.35
C SER Y 56 69.31 -24.43 8.56
N SER Y 57 69.65 -25.50 9.30
CA SER Y 57 70.06 -26.74 8.67
C SER Y 57 68.90 -27.42 7.96
N LYS Y 58 67.68 -27.20 8.44
CA LYS Y 58 66.53 -27.84 7.82
C LYS Y 58 66.20 -27.18 6.48
N ALA Y 59 66.36 -25.86 6.40
CA ALA Y 59 66.28 -25.17 5.12
C ALA Y 59 67.38 -25.65 4.18
N MET Y 60 68.54 -25.99 4.74
CA MET Y 60 69.62 -26.55 3.94
C MET Y 60 69.23 -27.90 3.35
N GLY Y 61 68.55 -28.73 4.13
CA GLY Y 61 68.03 -29.98 3.59
C GLY Y 61 66.99 -29.76 2.50
N ILE Y 62 66.15 -28.72 2.65
CA ILE Y 62 65.18 -28.38 1.62
C ILE Y 62 65.89 -27.99 0.32
N MET Y 63 66.97 -27.22 0.42
CA MET Y 63 67.74 -26.86 -0.78
C MET Y 63 68.37 -28.09 -1.43
N ASN Y 64 68.87 -29.03 -0.61
CA ASN Y 64 69.42 -30.27 -1.17
C ASN Y 64 68.37 -31.03 -1.96
N SER Y 65 67.17 -31.16 -1.39
CA SER Y 65 66.09 -31.86 -2.07
C SER Y 65 65.62 -31.11 -3.31
N PHE Y 66 65.64 -29.78 -3.26
CA PHE Y 66 65.24 -28.98 -4.42
C PHE Y 66 66.19 -29.18 -5.59
N VAL Y 67 67.50 -29.11 -5.34
CA VAL Y 67 68.44 -29.24 -6.43
C VAL Y 67 68.40 -30.65 -6.99
N ASN Y 68 68.24 -31.65 -6.12
CA ASN Y 68 68.10 -33.02 -6.61
C ASN Y 68 66.83 -33.22 -7.45
N ASP Y 69 65.71 -32.65 -7.01
CA ASP Y 69 64.45 -32.79 -7.74
C ASP Y 69 64.51 -32.13 -9.12
N ILE Y 70 65.02 -30.91 -9.18
CA ILE Y 70 65.08 -30.20 -10.44
C ILE Y 70 66.09 -30.85 -11.38
N PHE Y 71 67.19 -31.36 -10.82
CA PHE Y 71 68.15 -32.12 -11.62
C PHE Y 71 67.49 -33.34 -12.23
N GLU Y 72 66.68 -34.07 -11.45
CA GLU Y 72 66.00 -35.25 -12.00
C GLU Y 72 65.00 -34.86 -13.09
N ARG Y 73 64.26 -33.78 -12.89
CA ARG Y 73 63.28 -33.36 -13.90
C ARG Y 73 63.97 -33.01 -15.22
N ILE Y 74 65.00 -32.17 -15.16
CA ILE Y 74 65.69 -31.74 -16.38
C ILE Y 74 66.40 -32.92 -17.05
N ALA Y 75 67.08 -33.75 -16.25
CA ALA Y 75 67.84 -34.85 -16.82
C ALA Y 75 66.94 -35.92 -17.43
N GLY Y 76 65.82 -36.22 -16.79
CA GLY Y 76 64.89 -37.19 -17.36
C GLY Y 76 64.21 -36.68 -18.62
N GLU Y 77 63.82 -35.41 -18.62
CA GLU Y 77 63.24 -34.84 -19.84
C GLU Y 77 64.27 -34.80 -20.97
N ALA Y 78 65.53 -34.50 -20.64
CA ALA Y 78 66.59 -34.57 -21.63
C ALA Y 78 66.76 -35.99 -22.15
N SER Y 79 66.69 -36.97 -21.26
CA SER Y 79 66.81 -38.38 -21.64
C SER Y 79 65.74 -38.75 -22.65
N ARG Y 80 64.51 -38.33 -22.39
CA ARG Y 80 63.43 -38.61 -23.34
C ARG Y 80 63.65 -37.87 -24.65
N LEU Y 81 64.18 -36.65 -24.61
CA LEU Y 81 64.50 -35.93 -25.84
C LEU Y 81 65.53 -36.65 -26.68
N ALA Y 82 66.58 -37.18 -26.05
CA ALA Y 82 67.57 -37.95 -26.80
C ALA Y 82 66.95 -39.24 -27.33
N HIS Y 83 66.02 -39.81 -26.57
CA HIS Y 83 65.23 -40.95 -27.04
C HIS Y 83 64.42 -40.59 -28.28
N TYR Y 84 64.03 -39.33 -28.43
CA TYR Y 84 63.08 -38.99 -29.49
C TYR Y 84 63.78 -38.75 -30.82
N ASN Y 85 64.85 -37.96 -30.82
CA ASN Y 85 65.57 -37.69 -32.05
C ASN Y 85 66.65 -38.72 -32.32
N LYS Y 86 66.71 -39.78 -31.50
CA LYS Y 86 67.62 -40.91 -31.67
C LYS Y 86 69.08 -40.50 -31.52
N ARG Y 87 69.34 -39.33 -30.95
CA ARG Y 87 70.69 -38.91 -30.64
C ARG Y 87 71.15 -39.69 -29.42
N SER Y 88 72.38 -40.18 -29.48
CA SER Y 88 72.97 -40.86 -28.34
C SER Y 88 73.49 -39.88 -27.30
N THR Y 89 73.36 -38.58 -27.53
CA THR Y 89 74.08 -37.56 -26.80
C THR Y 89 73.10 -36.50 -26.31
N ILE Y 90 73.29 -36.04 -25.07
CA ILE Y 90 72.64 -34.84 -24.58
C ILE Y 90 73.62 -33.69 -24.74
N THR Y 91 73.34 -32.77 -25.65
CA THR Y 91 74.16 -31.58 -25.77
C THR Y 91 73.48 -30.46 -24.98
N SER Y 92 74.08 -29.28 -25.04
CA SER Y 92 73.47 -28.12 -24.42
C SER Y 92 72.15 -27.74 -25.08
N ARG Y 93 71.98 -28.07 -26.36
CA ARG Y 93 70.73 -27.80 -27.04
C ARG Y 93 69.59 -28.69 -26.54
N GLU Y 94 69.90 -29.94 -26.18
CA GLU Y 94 68.90 -30.82 -25.60
C GLU Y 94 68.39 -30.29 -24.27
N ILE Y 95 69.30 -29.88 -23.38
CA ILE Y 95 68.88 -29.32 -22.10
C ILE Y 95 68.22 -27.97 -22.32
N GLN Y 96 68.63 -27.24 -23.35
CA GLN Y 96 67.99 -25.96 -23.64
C GLN Y 96 66.54 -26.18 -24.04
N THR Y 97 66.30 -27.18 -24.89
CA THR Y 97 64.93 -27.59 -25.21
C THR Y 97 64.17 -28.03 -23.96
N ALA Y 98 64.82 -28.79 -23.10
CA ALA Y 98 64.16 -29.30 -21.90
C ALA Y 98 63.81 -28.17 -20.94
N VAL Y 99 64.64 -27.12 -20.92
CA VAL Y 99 64.40 -26.06 -19.94
C VAL Y 99 63.37 -25.07 -20.48
N ARG Y 100 63.24 -24.95 -21.81
CA ARG Y 100 62.02 -24.31 -22.33
C ARG Y 100 60.79 -25.15 -22.02
N LEU Y 101 60.95 -26.48 -22.00
CA LEU Y 101 59.80 -27.33 -21.69
C LEU Y 101 59.34 -27.16 -20.25
N LEU Y 102 60.19 -27.48 -19.28
CA LEU Y 102 59.75 -27.57 -17.90
C LEU Y 102 59.70 -26.21 -17.22
N LEU Y 103 60.78 -25.45 -17.25
CA LEU Y 103 60.74 -24.14 -16.64
C LEU Y 103 59.97 -23.19 -17.54
N PRO Y 104 58.95 -22.49 -17.03
CA PRO Y 104 58.09 -21.68 -17.90
C PRO Y 104 58.58 -20.25 -18.06
N GLY Y 105 58.69 -19.83 -19.32
CA GLY Y 105 58.83 -18.44 -19.71
C GLY Y 105 60.03 -17.68 -19.17
N GLU Y 106 59.77 -16.85 -18.15
CA GLU Y 106 60.79 -15.98 -17.57
C GLU Y 106 61.98 -16.75 -17.04
N LEU Y 107 61.69 -17.74 -16.18
CA LEU Y 107 62.73 -18.61 -15.62
C LEU Y 107 63.48 -19.31 -16.75
N ALA Y 108 62.75 -19.72 -17.78
CA ALA Y 108 63.36 -20.41 -18.90
C ALA Y 108 64.35 -19.54 -19.64
N LYS Y 109 63.94 -18.35 -20.08
CA LYS Y 109 64.81 -17.58 -20.97
C LYS Y 109 65.96 -16.97 -20.18
N HIS Y 110 65.78 -16.67 -18.91
CA HIS Y 110 66.98 -16.24 -18.19
C HIS Y 110 67.90 -17.40 -17.87
N ALA Y 111 67.37 -18.60 -17.59
CA ALA Y 111 68.26 -19.75 -17.50
C ALA Y 111 69.01 -19.94 -18.81
N VAL Y 112 68.32 -19.70 -19.92
CA VAL Y 112 68.93 -19.69 -21.24
C VAL Y 112 70.02 -18.62 -21.32
N SER Y 113 69.79 -17.47 -20.72
CA SER Y 113 70.72 -16.36 -20.82
C SER Y 113 72.06 -16.66 -20.15
N GLU Y 114 72.04 -16.92 -18.84
CA GLU Y 114 73.31 -17.29 -18.21
C GLU Y 114 73.82 -18.64 -18.69
N GLY Y 115 72.97 -19.51 -19.21
CA GLY Y 115 73.49 -20.73 -19.82
C GLY Y 115 74.24 -20.49 -21.10
N THR Y 116 73.75 -19.55 -21.92
CA THR Y 116 74.42 -19.26 -23.19
C THR Y 116 75.74 -18.56 -22.94
N LYS Y 117 75.76 -17.58 -22.04
CA LYS Y 117 77.05 -16.97 -21.74
C LYS Y 117 77.91 -17.90 -20.88
N ALA Y 118 77.29 -18.89 -20.25
CA ALA Y 118 78.06 -19.89 -19.51
C ALA Y 118 78.81 -20.80 -20.45
N VAL Y 119 78.12 -21.33 -21.45
CA VAL Y 119 78.79 -22.18 -22.43
C VAL Y 119 79.74 -21.35 -23.27
N THR Y 120 79.45 -20.06 -23.44
CA THR Y 120 80.38 -19.16 -24.11
C THR Y 120 81.67 -19.03 -23.31
N LYS Y 121 81.56 -18.82 -22.00
CA LYS Y 121 82.76 -18.68 -21.17
C LYS Y 121 83.51 -20.00 -21.07
N TYR Y 122 82.79 -21.12 -21.08
CA TYR Y 122 83.45 -22.41 -20.98
C TYR Y 122 84.22 -22.72 -22.26
N THR Y 123 83.64 -22.38 -23.42
CA THR Y 123 84.37 -22.53 -24.67
C THR Y 123 85.53 -21.55 -24.77
N SER Y 124 85.39 -20.37 -24.17
CA SER Y 124 86.50 -19.43 -24.18
C SER Y 124 87.60 -19.83 -23.20
N ALA Y 125 87.35 -20.80 -22.34
CA ALA Y 125 88.36 -21.30 -21.42
C ALA Y 125 88.78 -22.71 -21.81
N SER Z 35 -11.89 -36.93 3.11
CA SER Z 35 -12.40 -35.58 2.87
C SER Z 35 -12.04 -34.65 4.02
N GLY Z 36 -13.06 -34.27 4.80
CA GLY Z 36 -12.85 -33.42 5.95
C GLY Z 36 -12.81 -31.94 5.60
N PRO Z 37 -12.45 -31.11 6.58
CA PRO Z 37 -12.40 -29.66 6.35
C PRO Z 37 -11.26 -29.28 5.42
N PRO Z 38 -11.36 -28.13 4.75
CA PRO Z 38 -10.29 -27.72 3.83
C PRO Z 38 -8.98 -27.39 4.54
N VAL Z 39 -7.89 -27.55 3.79
CA VAL Z 39 -6.55 -27.49 4.37
C VAL Z 39 -6.15 -26.07 4.71
N SER Z 40 -6.81 -25.07 4.12
CA SER Z 40 -6.49 -23.68 4.41
C SER Z 40 -6.82 -23.34 5.86
N GLU Z 41 -7.89 -23.93 6.40
CA GLU Z 41 -8.21 -23.80 7.81
C GLU Z 41 -7.09 -24.35 8.68
N LEU Z 42 -6.53 -25.49 8.26
CA LEU Z 42 -5.40 -26.09 8.97
C LEU Z 42 -4.19 -25.18 8.93
N ILE Z 43 -3.97 -24.49 7.80
CA ILE Z 43 -2.87 -23.53 7.70
C ILE Z 43 -3.11 -22.35 8.65
N THR Z 44 -4.36 -21.89 8.74
CA THR Z 44 -4.68 -20.77 9.65
C THR Z 44 -4.46 -21.14 11.10
N LYS Z 45 -4.89 -22.34 11.52
CA LYS Z 45 -4.61 -22.75 12.89
C LYS Z 45 -3.13 -22.98 13.12
N ALA Z 46 -2.41 -23.43 12.09
CA ALA Z 46 -0.97 -23.63 12.21
C ALA Z 46 -0.24 -22.30 12.43
N VAL Z 47 -0.66 -21.24 11.74
CA VAL Z 47 0.01 -19.96 11.91
C VAL Z 47 -0.49 -19.26 13.19
N ALA Z 48 -1.70 -19.58 13.63
CA ALA Z 48 -2.21 -19.00 14.87
C ALA Z 48 -1.72 -19.72 16.12
N ALA Z 49 -1.14 -20.92 15.97
CA ALA Z 49 -0.71 -21.68 17.13
C ALA Z 49 0.53 -21.10 17.79
N SER Z 50 1.48 -20.61 16.99
CA SER Z 50 2.82 -20.36 17.52
C SER Z 50 3.01 -18.91 17.97
N LYS Z 51 2.78 -17.96 17.07
CA LYS Z 51 2.85 -16.52 17.33
C LYS Z 51 4.22 -16.09 17.87
N GLU Z 52 5.22 -16.27 17.01
CA GLU Z 52 6.54 -15.69 17.25
C GLU Z 52 6.49 -14.19 16.99
N ARG Z 53 7.50 -13.47 17.50
CA ARG Z 53 7.64 -12.04 17.20
C ARG Z 53 7.82 -11.79 15.71
N SER Z 54 8.48 -12.70 15.00
CA SER Z 54 8.57 -12.65 13.55
C SER Z 54 7.52 -13.57 12.95
N GLY Z 55 7.32 -13.45 11.65
CA GLY Z 55 6.37 -14.29 10.96
C GLY Z 55 6.83 -15.73 10.87
N VAL Z 56 5.89 -16.65 10.69
CA VAL Z 56 6.26 -18.04 10.60
C VAL Z 56 6.72 -18.35 9.18
N SER Z 57 7.94 -18.84 9.06
CA SER Z 57 8.37 -19.31 7.75
C SER Z 57 7.81 -20.70 7.50
N LEU Z 58 8.05 -21.20 6.30
CA LEU Z 58 7.30 -22.35 5.81
C LEU Z 58 7.68 -23.62 6.54
N ALA Z 59 8.89 -23.66 7.11
CA ALA Z 59 9.35 -24.89 7.76
C ALA Z 59 8.57 -25.19 9.03
N ALA Z 60 8.39 -24.18 9.89
CA ALA Z 60 7.66 -24.41 11.14
C ALA Z 60 6.20 -24.76 10.89
N LEU Z 61 5.57 -24.09 9.93
CA LEU Z 61 4.17 -24.40 9.64
C LEU Z 61 4.00 -25.75 8.96
N LYS Z 62 4.94 -26.14 8.09
CA LYS Z 62 4.80 -27.45 7.45
C LYS Z 62 5.05 -28.56 8.45
N LYS Z 63 5.89 -28.31 9.45
CA LYS Z 63 6.06 -29.31 10.50
C LYS Z 63 4.93 -29.22 11.52
N ALA Z 64 4.24 -28.09 11.59
CA ALA Z 64 3.00 -28.02 12.36
C ALA Z 64 1.91 -28.88 11.72
N LEU Z 65 1.83 -28.86 10.39
CA LEU Z 65 0.96 -29.80 9.69
C LEU Z 65 1.43 -31.24 9.84
N ALA Z 66 2.74 -31.45 9.94
CA ALA Z 66 3.26 -32.78 10.20
C ALA Z 66 2.83 -33.28 11.58
N ALA Z 67 2.82 -32.40 12.57
CA ALA Z 67 2.30 -32.76 13.89
C ALA Z 67 0.79 -32.96 13.85
N ALA Z 68 0.07 -32.08 13.15
CA ALA Z 68 -1.39 -32.16 13.08
C ALA Z 68 -1.86 -33.34 12.24
N GLY Z 69 -1.09 -33.72 11.23
CA GLY Z 69 -1.44 -34.85 10.40
C GLY Z 69 -1.86 -34.43 9.01
N TYR Z 70 -0.93 -34.52 8.06
CA TYR Z 70 -1.19 -34.12 6.68
C TYR Z 70 -0.12 -34.73 5.78
N ASP Z 71 -0.52 -35.05 4.55
CA ASP Z 71 0.40 -35.55 3.53
C ASP Z 71 1.14 -34.35 2.95
N VAL Z 72 2.15 -33.91 3.69
CA VAL Z 72 2.90 -32.72 3.28
C VAL Z 72 3.79 -33.03 2.08
N GLU Z 73 4.14 -34.30 1.87
CA GLU Z 73 5.03 -34.63 0.77
C GLU Z 73 4.30 -34.61 -0.56
N LYS Z 74 3.02 -35.02 -0.57
CA LYS Z 74 2.25 -35.14 -1.80
C LYS Z 74 1.36 -33.92 -2.04
N ASN Z 75 1.36 -32.95 -1.13
CA ASN Z 75 0.52 -31.77 -1.29
C ASN Z 75 1.32 -30.48 -1.25
N ASN Z 76 2.52 -30.47 -1.84
CA ASN Z 76 3.28 -29.23 -1.96
C ASN Z 76 2.56 -28.23 -2.87
N SER Z 77 1.95 -28.72 -3.95
CA SER Z 77 1.20 -27.83 -4.83
C SER Z 77 -0.07 -27.32 -4.14
N ARG Z 78 -0.71 -28.17 -3.34
CA ARG Z 78 -1.92 -27.76 -2.64
C ARG Z 78 -1.61 -26.70 -1.59
N ILE Z 79 -0.51 -26.87 -0.85
CA ILE Z 79 -0.16 -25.84 0.12
C ILE Z 79 0.40 -24.60 -0.57
N LYS Z 80 0.96 -24.76 -1.77
CA LYS Z 80 1.36 -23.58 -2.54
C LYS Z 80 0.16 -22.75 -2.96
N LEU Z 81 -0.88 -23.41 -3.48
CA LEU Z 81 -2.09 -22.67 -3.85
C LEU Z 81 -2.79 -22.13 -2.61
N GLY Z 82 -2.68 -22.82 -1.48
CA GLY Z 82 -3.17 -22.27 -0.23
C GLY Z 82 -2.42 -21.02 0.18
N LEU Z 83 -1.10 -21.02 0.02
CA LEU Z 83 -0.29 -19.84 0.33
C LEU Z 83 -0.63 -18.68 -0.58
N LYS Z 84 -0.80 -18.95 -1.87
CA LYS Z 84 -1.20 -17.90 -2.81
C LYS Z 84 -2.59 -17.36 -2.46
N SER Z 85 -3.51 -18.25 -2.07
CA SER Z 85 -4.85 -17.82 -1.72
C SER Z 85 -4.86 -16.96 -0.46
N LEU Z 86 -4.10 -17.34 0.56
CA LEU Z 86 -4.06 -16.56 1.79
C LEU Z 86 -3.32 -15.24 1.61
N VAL Z 87 -2.29 -15.22 0.76
CA VAL Z 87 -1.59 -13.97 0.49
C VAL Z 87 -2.47 -13.03 -0.31
N SER Z 88 -3.21 -13.57 -1.28
CA SER Z 88 -3.93 -12.74 -2.24
C SER Z 88 -5.12 -12.03 -1.61
N LYS Z 89 -5.91 -12.74 -0.80
CA LYS Z 89 -7.14 -12.12 -0.31
C LYS Z 89 -6.89 -11.25 0.91
N GLY Z 90 -5.77 -11.43 1.60
CA GLY Z 90 -5.41 -10.53 2.67
C GLY Z 90 -5.72 -11.00 4.07
N THR Z 91 -6.12 -12.26 4.25
CA THR Z 91 -6.28 -12.80 5.60
C THR Z 91 -4.96 -12.89 6.33
N LEU Z 92 -3.93 -13.42 5.68
CA LEU Z 92 -2.62 -13.59 6.29
C LEU Z 92 -1.62 -12.74 5.53
N VAL Z 93 -0.80 -12.00 6.27
CA VAL Z 93 0.12 -11.02 5.70
C VAL Z 93 1.53 -11.57 5.84
N GLN Z 94 2.40 -11.20 4.91
CA GLN Z 94 3.78 -11.68 4.85
C GLN Z 94 4.68 -10.75 5.64
N THR Z 95 5.55 -11.34 6.46
CA THR Z 95 6.42 -10.52 7.30
C THR Z 95 7.62 -9.99 6.54
N LYS Z 96 8.48 -10.86 6.03
CA LYS Z 96 9.75 -10.37 5.49
C LYS Z 96 10.08 -10.94 4.12
N GLY Z 97 9.54 -12.11 3.77
CA GLY Z 97 9.77 -12.69 2.47
C GLY Z 97 8.95 -12.06 1.38
N THR Z 98 9.00 -12.69 0.20
CA THR Z 98 8.25 -12.20 -0.95
C THR Z 98 7.44 -13.35 -1.54
N GLY Z 99 6.15 -13.11 -1.69
CA GLY Z 99 5.28 -14.14 -2.26
C GLY Z 99 5.07 -15.30 -1.31
N ALA Z 100 5.11 -16.51 -1.85
CA ALA Z 100 4.83 -17.69 -1.04
C ALA Z 100 6.04 -18.19 -0.26
N SER Z 101 7.25 -17.74 -0.58
CA SER Z 101 8.35 -17.95 0.34
C SER Z 101 8.47 -16.80 1.32
N GLY Z 102 9.12 -17.08 2.44
CA GLY Z 102 9.30 -16.09 3.47
C GLY Z 102 8.52 -16.43 4.73
N SER Z 103 8.16 -15.38 5.46
CA SER Z 103 7.56 -15.53 6.77
C SER Z 103 6.26 -14.74 6.85
N PHE Z 104 5.31 -15.25 7.60
CA PHE Z 104 3.95 -14.75 7.60
C PHE Z 104 3.45 -14.55 9.02
N LYS Z 105 2.94 -13.37 9.32
CA LYS Z 105 2.30 -13.08 10.60
C LYS Z 105 0.84 -12.78 10.36
N LEU Z 106 0.08 -12.76 11.46
CA LEU Z 106 -1.35 -12.45 11.39
C LEU Z 106 -1.55 -10.97 11.07
N ASN Z 107 -2.68 -10.66 10.44
CA ASN Z 107 -3.01 -9.29 10.09
C ASN Z 107 -3.39 -8.49 11.33
N LYS Z 108 -3.67 -7.19 11.10
CA LYS Z 108 -3.86 -6.25 12.21
C LYS Z 108 -5.11 -6.57 13.04
N LYS Z 109 -6.23 -6.88 12.39
CA LYS Z 109 -7.47 -7.26 13.09
C LYS Z 109 -8.12 -8.49 12.46
#